data_2M5Y
#
_entry.id   2M5Y
#
_entity_poly.entity_id   1
_entity_poly.type   'polypeptide(L)'
_entity_poly.pdbx_seq_one_letter_code
;GSSPNSEDDSSAISTMTTTTAAPTSTSVKPAAPRAEVRVYNISGTEGAAARTADRLKAAGFTVTDVGNLSLPDVAATTVY
YTEVEGERATADAVGRTLGAAVELRLPELSDQPPGVIVVVTG
;
_entity_poly.pdbx_strand_id   A
#
# COMPACT_ATOMS: atom_id res chain seq x y z
N GLY A 1 1.39 97.81 24.12
CA GLY A 1 1.98 97.86 25.48
C GLY A 1 2.72 96.58 25.82
N SER A 2 2.81 96.27 27.12
CA SER A 2 3.55 95.11 27.65
C SER A 2 2.94 93.78 27.17
N SER A 3 3.79 92.92 26.56
CA SER A 3 3.40 91.60 26.06
C SER A 3 4.24 90.52 26.78
N PRO A 4 3.61 89.38 27.24
CA PRO A 4 4.34 88.28 27.91
C PRO A 4 5.38 87.62 26.97
N ASN A 5 6.63 87.54 27.46
CA ASN A 5 7.76 86.98 26.71
C ASN A 5 7.89 85.47 27.02
N SER A 6 8.48 84.72 26.08
CA SER A 6 8.73 83.26 26.20
C SER A 6 9.53 82.94 27.47
N GLU A 7 9.07 81.94 28.25
CA GLU A 7 9.58 81.62 29.60
C GLU A 7 11.12 81.41 29.59
N ASP A 8 11.58 80.22 29.16
CA ASP A 8 13.01 79.97 28.92
C ASP A 8 13.18 79.23 27.58
N ASP A 9 12.83 77.93 27.59
CA ASP A 9 12.90 77.02 26.43
C ASP A 9 12.34 75.66 26.86
N SER A 10 11.45 75.09 26.04
CA SER A 10 10.82 73.79 26.33
C SER A 10 11.70 72.65 25.77
N SER A 11 11.89 71.60 26.58
CA SER A 11 12.67 70.42 26.21
C SER A 11 11.74 69.34 25.63
N ALA A 12 12.34 68.21 25.20
CA ALA A 12 11.61 67.09 24.57
C ALA A 12 12.28 65.77 24.93
N ILE A 13 11.51 64.67 24.86
CA ILE A 13 12.02 63.31 25.15
C ILE A 13 11.66 62.35 23.99
N SER A 14 12.24 61.14 24.05
CA SER A 14 12.02 60.07 23.07
C SER A 14 12.52 58.73 23.67
N THR A 15 12.22 57.63 22.96
CA THR A 15 12.72 56.28 23.30
C THR A 15 13.19 55.57 22.01
N MET A 16 13.97 54.49 22.15
CA MET A 16 14.50 53.69 21.03
C MET A 16 14.16 52.22 21.27
N THR A 17 13.61 51.53 20.25
CA THR A 17 13.13 50.14 20.36
C THR A 17 14.03 49.20 19.52
N THR A 18 14.29 48.00 20.06
CA THR A 18 15.09 46.96 19.39
C THR A 18 14.30 45.63 19.35
N THR A 19 14.68 44.74 18.42
CA THR A 19 14.07 43.41 18.27
C THR A 19 15.16 42.40 17.88
N THR A 20 14.87 41.10 18.06
CA THR A 20 15.81 40.00 17.75
C THR A 20 15.03 38.74 17.32
N ALA A 21 15.53 38.06 16.27
CA ALA A 21 15.00 36.77 15.81
C ALA A 21 15.80 35.62 16.45
N ALA A 22 15.26 34.39 16.36
CA ALA A 22 15.91 33.18 16.92
C ALA A 22 15.62 31.96 16.03
N PRO A 23 16.64 31.09 15.74
CA PRO A 23 16.47 29.92 14.83
C PRO A 23 15.60 28.80 15.46
N THR A 24 14.74 28.20 14.63
CA THR A 24 13.85 27.09 15.03
C THR A 24 14.42 25.76 14.51
N SER A 25 14.55 24.79 15.41
CA SER A 25 15.04 23.44 15.08
C SER A 25 13.84 22.56 14.66
N THR A 26 13.92 22.01 13.44
CA THR A 26 12.90 21.10 12.89
C THR A 26 13.62 19.92 12.20
N SER A 27 13.27 18.69 12.61
CA SER A 27 13.85 17.45 12.09
C SER A 27 12.73 16.45 11.75
N VAL A 28 12.95 15.65 10.68
CA VAL A 28 11.99 14.62 10.24
C VAL A 28 12.60 13.23 10.46
N LYS A 29 11.75 12.29 10.90
CA LYS A 29 12.15 10.91 11.24
C LYS A 29 11.78 9.96 10.07
N PRO A 30 12.69 9.00 9.67
CA PRO A 30 12.42 8.02 8.58
C PRO A 30 11.12 7.19 8.79
N ALA A 31 10.48 6.80 7.67
CA ALA A 31 9.24 5.99 7.67
C ALA A 31 9.56 4.49 7.74
N ALA A 32 8.56 3.68 8.13
CA ALA A 32 8.72 2.21 8.32
C ALA A 32 7.83 1.45 7.30
N PRO A 33 8.43 0.56 6.43
CA PRO A 33 7.68 -0.24 5.44
C PRO A 33 6.73 -1.26 6.12
N ARG A 34 5.49 -1.36 5.61
CA ARG A 34 4.44 -2.20 6.22
C ARG A 34 4.58 -3.67 5.79
N ALA A 35 4.00 -4.03 4.64
CA ALA A 35 3.84 -5.44 4.23
C ALA A 35 4.10 -5.57 2.73
N GLU A 36 4.92 -6.56 2.35
CA GLU A 36 5.27 -6.83 0.94
C GLU A 36 4.54 -8.07 0.42
N VAL A 37 4.25 -8.05 -0.89
CA VAL A 37 3.70 -9.18 -1.63
C VAL A 37 4.73 -9.65 -2.67
N ARG A 38 4.76 -10.96 -2.93
CA ARG A 38 5.70 -11.54 -3.90
C ARG A 38 5.08 -12.72 -4.66
N VAL A 39 4.93 -12.57 -5.98
CA VAL A 39 4.33 -13.58 -6.85
C VAL A 39 5.37 -14.64 -7.24
N TYR A 40 5.19 -15.87 -6.74
CA TYR A 40 6.03 -17.01 -7.11
C TYR A 40 5.30 -17.87 -8.13
N ASN A 41 5.87 -18.03 -9.33
CA ASN A 41 5.36 -19.01 -10.30
C ASN A 41 6.21 -20.28 -10.13
N ILE A 42 5.56 -21.42 -9.91
CA ILE A 42 6.28 -22.66 -9.55
C ILE A 42 6.88 -23.36 -10.79
N SER A 43 6.19 -23.28 -11.94
CA SER A 43 6.60 -23.99 -13.17
C SER A 43 7.08 -23.00 -14.26
N GLY A 44 6.66 -21.72 -14.14
CA GLY A 44 6.97 -20.70 -15.14
C GLY A 44 5.98 -20.72 -16.29
N THR A 45 5.19 -19.64 -16.45
CA THR A 45 4.15 -19.53 -17.49
C THR A 45 4.07 -18.06 -17.97
N GLU A 46 2.92 -17.64 -18.52
CA GLU A 46 2.67 -16.27 -19.01
C GLU A 46 2.77 -15.21 -17.88
N GLY A 47 3.09 -13.95 -18.28
CA GLY A 47 3.20 -12.82 -17.36
C GLY A 47 1.87 -12.38 -16.71
N ALA A 48 0.75 -13.05 -17.07
CA ALA A 48 -0.58 -12.86 -16.42
C ALA A 48 -0.50 -13.12 -14.90
N ALA A 49 0.44 -13.99 -14.51
CA ALA A 49 0.76 -14.26 -13.10
C ALA A 49 1.39 -13.02 -12.43
N ALA A 50 2.39 -12.42 -13.10
CA ALA A 50 3.10 -11.21 -12.60
C ALA A 50 2.21 -9.96 -12.69
N ARG A 51 1.17 -10.03 -13.54
CA ARG A 51 0.20 -8.94 -13.75
C ARG A 51 -0.55 -8.60 -12.44
N THR A 52 -0.71 -9.61 -11.55
CA THR A 52 -1.33 -9.42 -10.23
C THR A 52 -0.49 -8.44 -9.38
N ALA A 53 0.86 -8.60 -9.46
CA ALA A 53 1.83 -7.74 -8.74
C ALA A 53 1.81 -6.29 -9.27
N ASP A 54 1.63 -6.17 -10.60
CA ASP A 54 1.72 -4.86 -11.31
C ASP A 54 0.61 -3.92 -10.87
N ARG A 55 -0.63 -4.44 -10.93
CA ARG A 55 -1.84 -3.69 -10.57
C ARG A 55 -1.88 -3.39 -9.06
N LEU A 56 -1.19 -4.26 -8.29
CA LEU A 56 -1.19 -4.22 -6.83
C LEU A 56 -0.31 -3.09 -6.30
N LYS A 57 0.93 -3.01 -6.80
CA LYS A 57 1.89 -1.95 -6.43
C LYS A 57 1.35 -0.56 -6.85
N ALA A 58 0.67 -0.54 -8.01
CA ALA A 58 0.01 0.65 -8.55
C ALA A 58 -1.23 1.04 -7.72
N ALA A 59 -1.80 0.05 -6.99
CA ALA A 59 -2.93 0.27 -6.05
C ALA A 59 -2.46 0.94 -4.74
N GLY A 60 -1.14 0.83 -4.45
CA GLY A 60 -0.53 1.49 -3.29
C GLY A 60 -0.04 0.50 -2.23
N PHE A 61 0.58 -0.60 -2.69
CA PHE A 61 1.22 -1.60 -1.80
C PHE A 61 2.74 -1.48 -1.88
N THR A 62 3.40 -1.96 -0.81
CA THR A 62 4.79 -1.60 -0.50
C THR A 62 5.78 -2.14 -1.56
N VAL A 63 5.96 -3.46 -1.60
CA VAL A 63 6.82 -4.15 -2.58
C VAL A 63 6.01 -5.26 -3.24
N THR A 64 6.11 -5.41 -4.57
CA THR A 64 5.52 -6.52 -5.32
C THR A 64 6.60 -7.16 -6.22
N ASP A 65 7.25 -8.21 -5.70
CA ASP A 65 8.39 -8.88 -6.36
C ASP A 65 7.93 -10.20 -7.00
N VAL A 66 8.28 -10.45 -8.27
CA VAL A 66 7.89 -11.69 -8.97
C VAL A 66 9.13 -12.53 -9.33
N GLY A 67 9.07 -13.83 -9.00
CA GLY A 67 10.13 -14.79 -9.32
C GLY A 67 9.57 -16.19 -9.53
N ASN A 68 10.35 -17.04 -10.21
CA ASN A 68 9.99 -18.45 -10.43
C ASN A 68 10.68 -19.31 -9.34
N LEU A 69 9.87 -20.03 -8.53
CA LEU A 69 10.39 -20.75 -7.36
C LEU A 69 9.49 -21.97 -7.13
N SER A 70 10.12 -23.12 -6.90
CA SER A 70 9.43 -24.39 -6.64
C SER A 70 8.97 -24.45 -5.17
N LEU A 71 7.69 -24.15 -4.94
CA LEU A 71 7.05 -24.31 -3.62
C LEU A 71 6.56 -25.77 -3.46
N PRO A 72 7.24 -26.61 -2.63
CA PRO A 72 6.90 -28.04 -2.47
C PRO A 72 5.72 -28.25 -1.49
N ASP A 73 5.20 -27.14 -0.96
CA ASP A 73 4.11 -27.13 0.03
C ASP A 73 2.76 -26.92 -0.67
N VAL A 74 2.78 -26.32 -1.88
CA VAL A 74 1.57 -26.11 -2.71
C VAL A 74 1.45 -27.23 -3.75
N ALA A 75 0.22 -27.48 -4.21
CA ALA A 75 -0.08 -28.46 -5.29
C ALA A 75 -1.16 -27.91 -6.24
N ALA A 76 -1.50 -26.63 -6.05
CA ALA A 76 -2.53 -25.91 -6.83
C ALA A 76 -2.23 -24.41 -6.76
N THR A 77 -2.74 -23.65 -7.75
CA THR A 77 -2.59 -22.18 -7.78
C THR A 77 -3.25 -21.59 -6.50
N THR A 78 -2.39 -21.04 -5.63
CA THR A 78 -2.76 -20.65 -4.26
C THR A 78 -2.13 -19.31 -3.91
N VAL A 79 -2.96 -18.38 -3.44
CA VAL A 79 -2.52 -17.06 -2.98
C VAL A 79 -2.52 -17.08 -1.43
N TYR A 80 -1.31 -17.00 -0.87
CA TYR A 80 -1.05 -17.13 0.58
C TYR A 80 -0.93 -15.75 1.22
N TYR A 81 -1.45 -15.62 2.44
CA TYR A 81 -1.21 -14.46 3.30
C TYR A 81 -0.85 -14.89 4.72
N THR A 82 -0.30 -13.93 5.48
CA THR A 82 -0.20 -14.00 6.93
C THR A 82 -1.24 -12.98 7.49
N GLU A 83 -1.44 -12.97 8.81
CA GLU A 83 -2.46 -12.10 9.47
C GLU A 83 -1.80 -11.05 10.37
N VAL A 84 -0.56 -10.66 10.03
CA VAL A 84 0.14 -9.55 10.70
C VAL A 84 -0.44 -8.23 10.17
N GLU A 85 -0.87 -7.36 11.10
CA GLU A 85 -1.56 -6.09 10.79
C GLU A 85 -2.88 -6.34 10.02
N GLY A 86 -2.75 -6.57 8.69
CA GLY A 86 -3.89 -6.83 7.82
C GLY A 86 -3.46 -7.37 6.47
N GLU A 87 -2.38 -8.19 6.47
CA GLU A 87 -1.82 -8.80 5.23
C GLU A 87 -2.83 -9.72 4.53
N ARG A 88 -3.84 -10.17 5.28
CA ARG A 88 -4.91 -11.00 4.74
C ARG A 88 -5.72 -10.27 3.65
N ALA A 89 -5.80 -8.93 3.75
CA ALA A 89 -6.60 -8.08 2.85
C ALA A 89 -6.06 -8.11 1.42
N THR A 90 -4.72 -7.97 1.27
CA THR A 90 -4.08 -7.86 -0.05
C THR A 90 -4.20 -9.19 -0.83
N ALA A 91 -3.91 -10.33 -0.18
CA ALA A 91 -3.99 -11.66 -0.82
C ALA A 91 -5.45 -12.10 -1.06
N ASP A 92 -6.36 -11.59 -0.22
CA ASP A 92 -7.82 -11.81 -0.37
C ASP A 92 -8.33 -11.14 -1.66
N ALA A 93 -7.71 -10.00 -2.01
CA ALA A 93 -8.01 -9.25 -3.25
C ALA A 93 -7.37 -9.94 -4.47
N VAL A 94 -6.07 -10.28 -4.33
CA VAL A 94 -5.26 -10.87 -5.43
C VAL A 94 -5.72 -12.29 -5.78
N GLY A 95 -6.18 -13.03 -4.77
CA GLY A 95 -6.74 -14.36 -4.98
C GLY A 95 -7.93 -14.35 -5.92
N ARG A 96 -8.64 -13.22 -5.93
CA ARG A 96 -9.78 -12.99 -6.84
C ARG A 96 -9.29 -12.41 -8.19
N THR A 97 -8.18 -11.63 -8.16
CA THR A 97 -7.56 -11.05 -9.37
C THR A 97 -7.03 -12.17 -10.30
N LEU A 98 -6.39 -13.16 -9.66
CA LEU A 98 -5.78 -14.31 -10.33
C LEU A 98 -6.83 -15.42 -10.56
N GLY A 99 -7.80 -15.51 -9.63
CA GLY A 99 -8.76 -16.61 -9.62
C GLY A 99 -8.10 -17.90 -9.16
N ALA A 100 -7.70 -17.92 -7.88
CA ALA A 100 -6.92 -19.00 -7.26
C ALA A 100 -7.45 -19.28 -5.84
N ALA A 101 -7.02 -20.44 -5.28
CA ALA A 101 -7.38 -20.84 -3.92
C ALA A 101 -6.63 -19.97 -2.90
N VAL A 102 -7.37 -19.11 -2.19
CA VAL A 102 -6.78 -18.17 -1.20
C VAL A 102 -6.67 -18.90 0.13
N GLU A 103 -5.51 -18.78 0.79
CA GLU A 103 -5.21 -19.55 2.00
C GLU A 103 -4.48 -18.70 3.05
N LEU A 104 -4.66 -19.10 4.32
CA LEU A 104 -4.14 -18.40 5.50
C LEU A 104 -2.64 -18.67 5.67
N ARG A 105 -2.13 -18.38 6.88
CA ARG A 105 -0.75 -18.68 7.29
C ARG A 105 -0.50 -20.20 7.48
N LEU A 106 -1.22 -21.07 6.77
CA LEU A 106 -1.01 -22.52 6.80
C LEU A 106 0.34 -22.91 6.10
N PRO A 107 0.64 -22.42 4.82
CA PRO A 107 1.98 -22.59 4.19
C PRO A 107 3.15 -22.00 5.01
N GLU A 108 2.83 -21.18 6.03
CA GLU A 108 3.84 -20.52 6.90
C GLU A 108 4.59 -21.59 7.72
N LEU A 109 3.88 -22.65 8.12
CA LEU A 109 4.49 -23.77 8.86
C LEU A 109 5.16 -24.75 7.89
N SER A 110 4.55 -24.89 6.70
CA SER A 110 4.98 -25.86 5.69
C SER A 110 6.35 -25.48 5.08
N ASP A 111 6.48 -24.20 4.69
CA ASP A 111 7.64 -23.69 3.94
C ASP A 111 8.27 -22.47 4.62
N GLN A 112 7.41 -21.65 5.25
CA GLN A 112 7.76 -20.32 5.81
C GLN A 112 8.08 -19.33 4.67
N PRO A 113 7.03 -18.86 3.91
CA PRO A 113 7.18 -17.84 2.86
C PRO A 113 7.21 -16.39 3.45
N PRO A 114 7.95 -15.43 2.81
CA PRO A 114 8.05 -14.03 3.28
C PRO A 114 6.77 -13.19 3.02
N GLY A 115 6.14 -12.70 4.11
CA GLY A 115 5.00 -11.78 4.04
C GLY A 115 3.76 -12.43 3.41
N VAL A 116 3.38 -11.92 2.23
CA VAL A 116 2.31 -12.47 1.39
C VAL A 116 2.92 -12.94 0.08
N ILE A 117 2.51 -14.13 -0.40
CA ILE A 117 3.00 -14.66 -1.68
C ILE A 117 1.81 -15.06 -2.55
N VAL A 118 1.99 -14.97 -3.87
CA VAL A 118 0.98 -15.40 -4.84
C VAL A 118 1.60 -16.53 -5.66
N VAL A 119 1.23 -17.79 -5.36
CA VAL A 119 1.79 -18.95 -6.08
C VAL A 119 0.85 -19.32 -7.21
N VAL A 120 1.42 -19.38 -8.42
CA VAL A 120 0.68 -19.79 -9.62
C VAL A 120 1.27 -21.10 -10.15
N THR A 121 0.41 -22.09 -10.37
CA THR A 121 0.80 -23.38 -10.97
C THR A 121 0.54 -23.33 -12.49
N GLY A 122 1.51 -23.86 -13.25
CA GLY A 122 1.43 -23.86 -14.71
C GLY A 122 2.09 -25.11 -15.32
N GLY A 1 43.65 86.21 -16.18
CA GLY A 1 44.98 86.10 -15.53
C GLY A 1 45.33 84.67 -15.16
N SER A 2 46.41 84.52 -14.36
CA SER A 2 46.94 83.21 -13.94
C SER A 2 46.28 82.68 -12.64
N SER A 3 45.14 83.28 -12.24
CA SER A 3 44.40 82.89 -11.02
C SER A 3 43.06 82.21 -11.42
N PRO A 4 43.00 80.84 -11.45
CA PRO A 4 41.76 80.08 -11.71
C PRO A 4 41.04 79.67 -10.39
N ASN A 5 40.15 78.67 -10.51
CA ASN A 5 39.43 78.09 -9.34
C ASN A 5 39.16 76.60 -9.59
N SER A 6 39.23 75.79 -8.50
CA SER A 6 38.99 74.34 -8.50
C SER A 6 39.86 73.62 -9.56
N GLU A 7 41.16 73.45 -9.22
CA GLU A 7 42.20 72.87 -10.12
C GLU A 7 41.79 71.47 -10.61
N ASP A 8 41.31 70.66 -9.67
CA ASP A 8 40.81 69.31 -9.93
C ASP A 8 39.36 69.21 -9.42
N ASP A 9 39.21 69.23 -8.08
CA ASP A 9 37.91 69.15 -7.37
C ASP A 9 37.11 67.89 -7.77
N SER A 10 37.31 66.80 -7.04
CA SER A 10 36.61 65.52 -7.29
C SER A 10 36.29 64.84 -5.94
N SER A 11 35.00 64.57 -5.71
CA SER A 11 34.50 63.86 -4.51
C SER A 11 33.55 62.74 -4.95
N ALA A 12 33.98 61.47 -4.77
CA ALA A 12 33.21 60.29 -5.19
C ALA A 12 33.73 59.05 -4.45
N ILE A 13 32.90 58.47 -3.57
CA ILE A 13 33.20 57.22 -2.86
C ILE A 13 31.89 56.46 -2.53
N SER A 14 31.73 55.29 -3.15
CA SER A 14 30.64 54.35 -2.87
C SER A 14 31.22 52.95 -2.72
N THR A 15 31.01 52.34 -1.55
CA THR A 15 31.58 51.02 -1.19
C THR A 15 30.64 50.32 -0.17
N MET A 16 29.96 49.26 -0.64
CA MET A 16 29.03 48.45 0.16
C MET A 16 28.78 47.11 -0.54
N THR A 17 28.60 46.02 0.24
CA THR A 17 28.36 44.67 -0.30
C THR A 17 27.49 43.83 0.65
N THR A 18 26.61 43.00 0.07
CA THR A 18 25.69 42.11 0.81
C THR A 18 25.61 40.76 0.08
N THR A 19 25.76 39.67 0.85
CA THR A 19 25.76 38.30 0.33
C THR A 19 25.40 37.32 1.46
N THR A 20 24.53 36.34 1.17
CA THR A 20 24.11 35.30 2.13
C THR A 20 23.85 33.98 1.39
N ALA A 21 24.80 33.04 1.48
CA ALA A 21 24.67 31.69 0.88
C ALA A 21 24.03 30.74 1.91
N ALA A 22 22.77 30.36 1.66
CA ALA A 22 22.01 29.43 2.51
C ALA A 22 22.26 27.97 2.05
N PRO A 23 22.98 27.13 2.87
CA PRO A 23 23.26 25.72 2.53
C PRO A 23 22.06 24.79 2.84
N THR A 24 22.13 23.53 2.37
CA THR A 24 21.08 22.50 2.60
C THR A 24 21.72 21.10 2.55
N SER A 25 21.62 20.34 3.66
CA SER A 25 22.09 18.94 3.72
C SER A 25 20.96 17.97 3.31
N THR A 26 21.28 16.67 3.17
CA THR A 26 20.30 15.64 2.76
C THR A 26 20.39 14.41 3.69
N SER A 27 19.23 13.80 3.98
CA SER A 27 19.11 12.55 4.75
C SER A 27 18.30 11.50 3.97
N VAL A 28 18.43 10.23 4.37
CA VAL A 28 17.69 9.11 3.73
C VAL A 28 16.45 8.75 4.58
N LYS A 29 15.33 8.46 3.89
CA LYS A 29 14.06 8.05 4.52
C LYS A 29 13.95 6.52 4.44
N PRO A 30 14.00 5.78 5.60
CA PRO A 30 13.82 4.31 5.61
C PRO A 30 12.34 3.91 5.36
N ALA A 31 12.12 2.92 4.48
CA ALA A 31 10.79 2.42 4.12
C ALA A 31 10.32 1.37 5.15
N ALA A 32 9.26 1.72 5.90
CA ALA A 32 8.70 0.85 6.95
C ALA A 32 7.98 -0.37 6.32
N PRO A 33 8.48 -1.64 6.56
CA PRO A 33 7.84 -2.86 6.01
C PRO A 33 6.56 -3.23 6.79
N ARG A 34 5.59 -3.87 6.11
CA ARG A 34 4.28 -4.22 6.72
C ARG A 34 3.60 -5.36 5.94
N ALA A 35 3.03 -5.03 4.76
CA ALA A 35 2.31 -5.99 3.89
C ALA A 35 3.12 -6.28 2.63
N GLU A 36 3.85 -7.41 2.64
CA GLU A 36 4.75 -7.80 1.54
C GLU A 36 4.05 -8.81 0.63
N VAL A 37 3.66 -8.36 -0.57
CA VAL A 37 3.08 -9.23 -1.60
C VAL A 37 4.18 -9.70 -2.58
N ARG A 38 4.17 -10.99 -2.93
CA ARG A 38 5.15 -11.61 -3.83
C ARG A 38 4.51 -12.79 -4.59
N VAL A 39 4.77 -12.85 -5.91
CA VAL A 39 4.24 -13.91 -6.81
C VAL A 39 5.35 -14.95 -7.08
N TYR A 40 5.02 -16.25 -6.97
CA TYR A 40 5.92 -17.36 -7.30
C TYR A 40 5.22 -18.35 -8.23
N ASN A 41 5.61 -18.37 -9.51
CA ASN A 41 5.09 -19.37 -10.46
C ASN A 41 5.92 -20.64 -10.34
N ILE A 42 5.27 -21.74 -9.95
CA ILE A 42 5.93 -23.06 -9.88
C ILE A 42 6.05 -23.67 -11.29
N SER A 43 5.05 -23.38 -12.14
CA SER A 43 5.03 -23.78 -13.56
C SER A 43 5.48 -22.59 -14.45
N GLY A 44 5.17 -22.66 -15.77
CA GLY A 44 5.50 -21.61 -16.72
C GLY A 44 4.86 -20.27 -16.35
N THR A 45 5.71 -19.28 -16.06
CA THR A 45 5.27 -17.96 -15.57
C THR A 45 4.56 -17.17 -16.70
N GLU A 46 3.21 -17.15 -16.65
CA GLU A 46 2.40 -16.35 -17.59
C GLU A 46 2.25 -14.93 -17.07
N GLY A 47 2.21 -13.97 -18.01
CA GLY A 47 2.17 -12.54 -17.69
C GLY A 47 1.00 -12.13 -16.82
N ALA A 48 -0.18 -12.73 -17.07
CA ALA A 48 -1.43 -12.45 -16.31
C ALA A 48 -1.26 -12.68 -14.79
N ALA A 49 -0.45 -13.70 -14.44
CA ALA A 49 -0.12 -14.05 -13.05
C ALA A 49 0.78 -12.99 -12.41
N ALA A 50 1.65 -12.37 -13.22
CA ALA A 50 2.56 -11.29 -12.77
C ALA A 50 1.82 -9.93 -12.73
N ARG A 51 0.73 -9.79 -13.52
CA ARG A 51 -0.06 -8.54 -13.59
C ARG A 51 -0.74 -8.22 -12.26
N THR A 52 -0.93 -9.25 -11.40
CA THR A 52 -1.45 -9.08 -10.04
C THR A 52 -0.49 -8.18 -9.22
N ALA A 53 0.83 -8.48 -9.32
CA ALA A 53 1.89 -7.73 -8.64
C ALA A 53 2.02 -6.30 -9.21
N ASP A 54 1.88 -6.19 -10.55
CA ASP A 54 1.93 -4.88 -11.27
C ASP A 54 0.83 -3.92 -10.79
N ARG A 55 -0.38 -4.46 -10.60
CA ARG A 55 -1.55 -3.69 -10.16
C ARG A 55 -1.31 -3.12 -8.74
N LEU A 56 -0.81 -3.99 -7.84
CA LEU A 56 -0.54 -3.64 -6.44
C LEU A 56 0.71 -2.73 -6.31
N LYS A 57 1.63 -2.84 -7.30
CA LYS A 57 2.85 -2.02 -7.37
C LYS A 57 2.43 -0.55 -7.60
N ALA A 58 1.58 -0.37 -8.61
CA ALA A 58 1.06 0.95 -9.02
C ALA A 58 -0.03 1.47 -8.06
N ALA A 59 -0.62 0.57 -7.26
CA ALA A 59 -1.58 0.94 -6.20
C ALA A 59 -0.82 1.38 -4.93
N GLY A 60 0.45 0.95 -4.81
CA GLY A 60 1.36 1.41 -3.75
C GLY A 60 1.26 0.60 -2.47
N PHE A 61 1.20 -0.73 -2.60
CA PHE A 61 1.34 -1.68 -1.46
C PHE A 61 2.81 -1.78 -1.06
N THR A 62 3.05 -2.23 0.20
CA THR A 62 4.33 -1.99 0.90
C THR A 62 5.52 -2.55 0.12
N VAL A 63 5.42 -3.84 -0.25
CA VAL A 63 6.38 -4.51 -1.14
C VAL A 63 5.61 -5.33 -2.17
N THR A 64 6.08 -5.32 -3.43
CA THR A 64 5.52 -6.11 -4.53
C THR A 64 6.68 -6.74 -5.31
N ASP A 65 6.76 -8.08 -5.24
CA ASP A 65 7.90 -8.85 -5.77
C ASP A 65 7.37 -9.95 -6.69
N VAL A 66 8.21 -10.40 -7.64
CA VAL A 66 7.89 -11.53 -8.53
C VAL A 66 9.05 -12.54 -8.54
N GLY A 67 8.70 -13.79 -8.84
CA GLY A 67 9.64 -14.89 -8.95
C GLY A 67 8.96 -16.13 -9.54
N ASN A 68 9.76 -17.13 -9.88
CA ASN A 68 9.26 -18.42 -10.39
C ASN A 68 10.20 -19.52 -9.91
N LEU A 69 9.66 -20.44 -9.08
CA LEU A 69 10.45 -21.46 -8.36
C LEU A 69 9.61 -22.72 -8.18
N SER A 70 10.25 -23.88 -8.42
CA SER A 70 9.64 -25.18 -8.16
C SER A 70 9.68 -25.44 -6.64
N LEU A 71 8.55 -25.16 -5.98
CA LEU A 71 8.42 -25.34 -4.53
C LEU A 71 7.93 -26.79 -4.25
N PRO A 72 8.72 -27.62 -3.50
CA PRO A 72 8.31 -29.01 -3.16
C PRO A 72 7.29 -29.07 -2.00
N ASP A 73 6.96 -27.88 -1.44
CA ASP A 73 6.02 -27.73 -0.31
C ASP A 73 4.58 -27.45 -0.80
N VAL A 74 4.46 -26.85 -2.00
CA VAL A 74 3.13 -26.59 -2.64
C VAL A 74 3.20 -26.91 -4.14
N ALA A 75 2.14 -27.52 -4.70
CA ALA A 75 2.04 -27.82 -6.15
C ALA A 75 0.64 -27.44 -6.68
N ALA A 76 0.06 -26.37 -6.11
CA ALA A 76 -1.30 -25.89 -6.46
C ALA A 76 -1.28 -24.36 -6.62
N THR A 77 -2.16 -23.83 -7.50
CA THR A 77 -2.35 -22.39 -7.66
C THR A 77 -3.24 -21.87 -6.52
N THR A 78 -2.59 -21.24 -5.53
CA THR A 78 -3.24 -20.73 -4.34
C THR A 78 -2.46 -19.50 -3.84
N VAL A 79 -3.22 -18.51 -3.32
CA VAL A 79 -2.66 -17.35 -2.66
C VAL A 79 -2.61 -17.64 -1.16
N TYR A 80 -1.41 -17.74 -0.61
CA TYR A 80 -1.21 -17.92 0.82
C TYR A 80 -0.84 -16.56 1.41
N TYR A 81 -1.32 -16.27 2.62
CA TYR A 81 -1.05 -14.99 3.29
C TYR A 81 -0.60 -15.26 4.72
N THR A 82 0.21 -14.36 5.26
CA THR A 82 0.53 -14.34 6.68
C THR A 82 -0.50 -13.42 7.38
N GLU A 83 -0.85 -13.75 8.63
CA GLU A 83 -1.91 -13.04 9.38
C GLU A 83 -1.39 -11.77 10.09
N VAL A 84 -0.26 -11.20 9.59
CA VAL A 84 0.30 -9.91 10.08
C VAL A 84 -0.73 -8.80 9.85
N GLU A 85 -1.49 -8.45 10.92
CA GLU A 85 -2.54 -7.42 10.89
C GLU A 85 -3.65 -7.72 9.86
N GLY A 86 -3.67 -8.97 9.33
CA GLY A 86 -4.56 -9.36 8.26
C GLY A 86 -4.10 -8.91 6.88
N GLU A 87 -2.91 -9.44 6.46
CA GLU A 87 -2.41 -9.30 5.06
C GLU A 87 -3.37 -9.97 4.05
N ARG A 88 -4.27 -10.83 4.56
CA ARG A 88 -5.32 -11.49 3.78
C ARG A 88 -6.15 -10.48 2.95
N ALA A 89 -6.22 -9.21 3.40
CA ALA A 89 -6.94 -8.14 2.70
C ALA A 89 -6.37 -7.92 1.29
N THR A 90 -5.04 -7.71 1.20
CA THR A 90 -4.35 -7.50 -0.07
C THR A 90 -4.23 -8.83 -0.85
N ALA A 91 -4.09 -9.96 -0.12
CA ALA A 91 -4.02 -11.31 -0.71
C ALA A 91 -5.33 -11.70 -1.41
N ASP A 92 -6.46 -11.20 -0.86
CA ASP A 92 -7.80 -11.44 -1.37
C ASP A 92 -7.95 -10.81 -2.75
N ALA A 93 -7.43 -9.56 -2.88
CA ALA A 93 -7.43 -8.81 -4.14
C ALA A 93 -6.60 -9.52 -5.22
N VAL A 94 -5.48 -10.17 -4.80
CA VAL A 94 -4.63 -10.96 -5.69
C VAL A 94 -5.40 -12.17 -6.25
N GLY A 95 -5.95 -13.01 -5.34
CA GLY A 95 -6.70 -14.20 -5.71
C GLY A 95 -7.99 -13.91 -6.46
N ARG A 96 -8.49 -12.69 -6.27
CA ARG A 96 -9.69 -12.18 -6.94
C ARG A 96 -9.41 -11.97 -8.44
N THR A 97 -8.27 -11.32 -8.71
CA THR A 97 -7.81 -10.99 -10.06
C THR A 97 -7.24 -12.23 -10.78
N LEU A 98 -6.58 -13.09 -10.01
CA LEU A 98 -5.88 -14.29 -10.52
C LEU A 98 -6.89 -15.44 -10.74
N GLY A 99 -7.96 -15.46 -9.91
CA GLY A 99 -8.95 -16.54 -9.94
C GLY A 99 -8.42 -17.79 -9.23
N ALA A 100 -8.00 -17.64 -7.97
CA ALA A 100 -7.44 -18.72 -7.14
C ALA A 100 -7.92 -18.59 -5.69
N ALA A 101 -7.83 -19.71 -4.96
CA ALA A 101 -8.21 -19.79 -3.53
C ALA A 101 -7.22 -19.01 -2.67
N VAL A 102 -7.72 -18.33 -1.62
CA VAL A 102 -6.89 -17.69 -0.60
C VAL A 102 -6.90 -18.57 0.67
N GLU A 103 -5.71 -18.83 1.21
CA GLU A 103 -5.50 -19.69 2.40
C GLU A 103 -4.41 -19.09 3.29
N LEU A 104 -4.39 -19.49 4.57
CA LEU A 104 -3.38 -19.04 5.53
C LEU A 104 -2.02 -19.68 5.17
N ARG A 105 -0.93 -19.06 5.64
CA ARG A 105 0.46 -19.46 5.38
C ARG A 105 0.70 -20.96 5.64
N LEU A 106 0.14 -21.50 6.75
CA LEU A 106 0.40 -22.90 7.20
C LEU A 106 1.89 -23.05 7.67
N PRO A 107 2.23 -24.07 8.51
CA PRO A 107 3.64 -24.32 8.93
C PRO A 107 4.62 -24.51 7.73
N GLU A 108 4.08 -24.93 6.57
CA GLU A 108 4.84 -25.27 5.35
C GLU A 108 5.37 -24.00 4.64
N LEU A 109 4.45 -23.07 4.31
CA LEU A 109 4.80 -21.81 3.62
C LEU A 109 5.45 -20.83 4.61
N SER A 110 5.21 -21.04 5.92
CA SER A 110 5.79 -20.22 6.99
C SER A 110 7.32 -20.44 7.11
N ASP A 111 7.85 -21.48 6.44
CA ASP A 111 9.29 -21.78 6.44
C ASP A 111 10.01 -21.00 5.31
N GLN A 112 9.29 -20.76 4.19
CA GLN A 112 9.78 -19.94 3.06
C GLN A 112 9.37 -18.44 3.31
N PRO A 113 9.92 -17.41 2.53
CA PRO A 113 9.63 -15.95 2.68
C PRO A 113 8.21 -15.58 3.23
N PRO A 114 8.14 -14.81 4.37
CA PRO A 114 6.86 -14.36 4.97
C PRO A 114 6.14 -13.28 4.13
N GLY A 115 4.83 -13.12 4.39
CA GLY A 115 3.98 -12.17 3.68
C GLY A 115 2.90 -12.89 2.87
N VAL A 116 2.36 -12.19 1.87
CA VAL A 116 1.48 -12.78 0.86
C VAL A 116 2.31 -13.42 -0.24
N ILE A 117 2.31 -14.76 -0.27
CA ILE A 117 2.95 -15.55 -1.33
C ILE A 117 1.85 -16.20 -2.18
N VAL A 118 1.65 -15.68 -3.40
CA VAL A 118 0.71 -16.25 -4.36
C VAL A 118 1.49 -17.17 -5.31
N VAL A 119 1.33 -18.47 -5.11
CA VAL A 119 1.97 -19.49 -5.95
C VAL A 119 0.98 -19.90 -7.06
N VAL A 120 1.42 -19.76 -8.32
CA VAL A 120 0.61 -20.03 -9.50
C VAL A 120 1.18 -21.23 -10.27
N THR A 121 0.29 -22.17 -10.63
CA THR A 121 0.59 -23.30 -11.51
C THR A 121 -0.32 -23.20 -12.76
N GLY A 122 0.14 -23.73 -13.90
CA GLY A 122 -0.65 -23.74 -15.14
C GLY A 122 0.17 -24.20 -16.35
N GLY A 1 35.82 59.41 34.42
CA GLY A 1 36.29 58.64 33.24
C GLY A 1 36.78 59.54 32.13
N SER A 2 37.45 58.93 31.13
CA SER A 2 37.98 59.65 29.96
C SER A 2 36.88 59.77 28.89
N SER A 3 35.99 60.76 29.09
CA SER A 3 34.84 61.01 28.20
C SER A 3 35.16 62.18 27.25
N PRO A 4 35.35 61.92 25.89
CA PRO A 4 35.58 63.01 24.92
C PRO A 4 34.28 63.76 24.59
N ASN A 5 33.92 64.71 25.45
CA ASN A 5 32.69 65.53 25.30
C ASN A 5 33.09 67.01 25.14
N SER A 6 32.67 67.61 24.02
CA SER A 6 32.91 69.04 23.73
C SER A 6 31.95 69.91 24.55
N GLU A 7 32.46 71.09 24.94
CA GLU A 7 31.70 72.08 25.74
C GLU A 7 30.44 72.55 24.99
N ASP A 8 30.57 72.71 23.67
CA ASP A 8 29.45 73.01 22.77
C ASP A 8 28.53 71.78 22.68
N ASP A 9 29.01 70.72 21.95
CA ASP A 9 28.25 69.46 21.68
C ASP A 9 26.95 69.70 20.87
N SER A 10 26.54 68.70 20.11
CA SER A 10 25.32 68.73 19.30
C SER A 10 24.32 67.70 19.85
N SER A 11 23.32 68.20 20.58
CA SER A 11 22.20 67.39 21.07
C SER A 11 21.30 67.02 19.89
N ALA A 12 21.39 65.75 19.46
CA ALA A 12 20.67 65.23 18.29
C ALA A 12 20.45 63.72 18.43
N ILE A 13 19.17 63.31 18.47
CA ILE A 13 18.75 61.91 18.51
C ILE A 13 17.63 61.70 17.48
N SER A 14 17.47 60.44 17.02
CA SER A 14 16.44 60.05 16.05
C SER A 14 16.06 58.58 16.29
N THR A 15 14.77 58.26 16.09
CA THR A 15 14.21 56.92 16.31
C THR A 15 12.87 56.76 15.58
N MET A 16 12.47 55.51 15.37
CA MET A 16 11.21 55.14 14.72
C MET A 16 11.04 53.62 14.86
N THR A 17 10.04 53.19 15.64
CA THR A 17 9.78 51.77 15.91
C THR A 17 9.46 51.01 14.59
N THR A 18 10.34 50.08 14.21
CA THR A 18 10.24 49.35 12.94
C THR A 18 9.06 48.35 12.97
N THR A 19 8.90 47.65 14.11
CA THR A 19 7.86 46.62 14.35
C THR A 19 8.11 45.36 13.49
N THR A 20 7.65 44.20 13.96
CA THR A 20 7.85 42.90 13.26
C THR A 20 6.80 41.88 13.72
N ALA A 21 6.82 40.70 13.08
CA ALA A 21 5.94 39.57 13.41
C ALA A 21 6.64 38.25 13.03
N ALA A 22 6.34 37.20 13.79
CA ALA A 22 6.90 35.85 13.56
C ALA A 22 5.74 34.85 13.36
N PRO A 23 5.49 34.36 12.10
CA PRO A 23 4.40 33.41 11.81
C PRO A 23 4.82 31.95 12.02
N THR A 24 3.99 31.16 12.73
CA THR A 24 4.26 29.74 12.98
C THR A 24 3.09 28.87 12.48
N SER A 25 3.41 27.90 11.61
CA SER A 25 2.46 26.92 11.05
C SER A 25 3.22 25.61 10.78
N THR A 26 2.81 24.52 11.45
CA THR A 26 3.44 23.20 11.34
C THR A 26 2.34 22.13 11.16
N SER A 27 2.63 21.08 10.37
CA SER A 27 1.72 19.92 10.20
C SER A 27 2.53 18.62 10.05
N VAL A 28 2.32 17.67 10.96
CA VAL A 28 2.93 16.33 10.91
C VAL A 28 1.84 15.32 10.50
N LYS A 29 2.20 14.35 9.63
CA LYS A 29 1.27 13.28 9.17
C LYS A 29 1.73 11.90 9.70
N PRO A 30 0.80 10.87 9.80
CA PRO A 30 1.16 9.50 10.23
C PRO A 30 2.09 8.76 9.22
N ALA A 31 2.61 7.60 9.65
CA ALA A 31 3.45 6.71 8.82
C ALA A 31 2.58 5.91 7.83
N ALA A 32 3.24 5.26 6.86
CA ALA A 32 2.58 4.44 5.83
C ALA A 32 2.40 2.99 6.35
N PRO A 33 1.29 2.28 5.96
CA PRO A 33 1.04 0.88 6.39
C PRO A 33 1.94 -0.13 5.62
N ARG A 34 1.90 -1.40 6.06
CA ARG A 34 2.65 -2.51 5.46
C ARG A 34 1.79 -3.33 4.47
N ALA A 35 2.49 -4.03 3.56
CA ALA A 35 1.91 -4.89 2.53
C ALA A 35 3.06 -5.62 1.81
N GLU A 36 3.55 -6.73 2.41
CA GLU A 36 4.71 -7.48 1.89
C GLU A 36 4.22 -8.66 1.03
N VAL A 37 4.02 -8.38 -0.26
CA VAL A 37 3.48 -9.39 -1.20
C VAL A 37 4.50 -9.69 -2.31
N ARG A 38 4.57 -10.97 -2.71
CA ARG A 38 5.39 -11.38 -3.84
C ARG A 38 4.71 -12.50 -4.64
N VAL A 39 5.11 -12.63 -5.91
CA VAL A 39 4.61 -13.68 -6.80
C VAL A 39 5.63 -14.83 -6.91
N TYR A 40 5.14 -16.06 -6.70
CA TYR A 40 5.84 -17.30 -7.08
C TYR A 40 5.07 -17.94 -8.24
N ASN A 41 5.62 -17.90 -9.46
CA ASN A 41 5.08 -18.68 -10.59
C ASN A 41 5.86 -20.00 -10.61
N ILE A 42 5.20 -21.13 -10.31
CA ILE A 42 5.90 -22.41 -10.16
C ILE A 42 6.36 -22.96 -11.52
N SER A 43 5.47 -22.91 -12.50
CA SER A 43 5.71 -23.43 -13.85
C SER A 43 6.48 -22.41 -14.71
N GLY A 44 6.25 -21.11 -14.39
CA GLY A 44 6.94 -20.02 -15.08
C GLY A 44 6.48 -19.85 -16.52
N THR A 45 5.17 -19.71 -16.71
CA THR A 45 4.57 -19.50 -18.05
C THR A 45 3.43 -18.48 -17.98
N GLU A 46 2.65 -18.49 -16.88
CA GLU A 46 1.53 -17.56 -16.68
C GLU A 46 2.00 -16.08 -16.58
N GLY A 47 1.47 -15.24 -17.48
CA GLY A 47 1.73 -13.79 -17.49
C GLY A 47 0.82 -13.04 -16.53
N ALA A 48 -0.36 -13.65 -16.22
CA ALA A 48 -1.31 -13.10 -15.22
C ALA A 48 -0.69 -13.12 -13.82
N ALA A 49 0.25 -14.06 -13.60
CA ALA A 49 1.04 -14.16 -12.38
C ALA A 49 1.80 -12.85 -12.11
N ALA A 50 2.46 -12.34 -13.15
CA ALA A 50 3.18 -11.07 -13.09
C ALA A 50 2.22 -9.87 -12.95
N ARG A 51 1.04 -10.01 -13.59
CA ARG A 51 0.05 -8.93 -13.72
C ARG A 51 -0.63 -8.63 -12.36
N THR A 52 -0.62 -9.60 -11.42
CA THR A 52 -1.20 -9.43 -10.08
C THR A 52 -0.42 -8.40 -9.26
N ALA A 53 0.93 -8.56 -9.19
CA ALA A 53 1.81 -7.63 -8.45
C ALA A 53 1.93 -6.27 -9.17
N ASP A 54 1.65 -6.31 -10.48
CA ASP A 54 1.60 -5.13 -11.38
C ASP A 54 0.38 -4.25 -11.04
N ARG A 55 -0.80 -4.88 -10.91
CA ARG A 55 -2.04 -4.20 -10.49
C ARG A 55 -1.95 -3.81 -9.02
N LEU A 56 -1.21 -4.63 -8.25
CA LEU A 56 -0.97 -4.41 -6.81
C LEU A 56 -0.14 -3.15 -6.57
N LYS A 57 0.79 -2.88 -7.52
CA LYS A 57 1.59 -1.65 -7.51
C LYS A 57 0.64 -0.43 -7.55
N ALA A 58 -0.40 -0.52 -8.40
CA ALA A 58 -1.44 0.52 -8.56
C ALA A 58 -2.48 0.47 -7.41
N ALA A 59 -2.56 -0.67 -6.70
CA ALA A 59 -3.54 -0.90 -5.61
C ALA A 59 -3.08 -0.25 -4.29
N GLY A 60 -1.77 0.03 -4.15
CA GLY A 60 -1.22 0.64 -2.94
C GLY A 60 -0.31 -0.30 -2.15
N PHE A 61 0.61 -0.95 -2.89
CA PHE A 61 1.63 -1.86 -2.34
C PHE A 61 2.57 -1.14 -1.36
N THR A 62 3.21 -1.92 -0.49
CA THR A 62 4.38 -1.47 0.30
C THR A 62 5.63 -2.19 -0.23
N VAL A 63 5.48 -3.52 -0.48
CA VAL A 63 6.53 -4.38 -1.04
C VAL A 63 5.90 -5.28 -2.12
N THR A 64 6.52 -5.27 -3.31
CA THR A 64 6.18 -6.16 -4.43
C THR A 64 7.45 -6.81 -4.94
N ASP A 65 7.53 -8.14 -4.83
CA ASP A 65 8.63 -8.93 -5.43
C ASP A 65 8.01 -9.96 -6.41
N VAL A 66 8.79 -10.47 -7.36
CA VAL A 66 8.33 -11.48 -8.34
C VAL A 66 9.45 -12.48 -8.64
N GLY A 67 9.09 -13.76 -8.76
CA GLY A 67 10.03 -14.83 -9.09
C GLY A 67 9.33 -16.09 -9.54
N ASN A 68 9.94 -16.85 -10.46
CA ASN A 68 9.44 -18.16 -10.92
C ASN A 68 10.28 -19.29 -10.27
N LEU A 69 9.65 -20.10 -9.37
CA LEU A 69 10.37 -21.11 -8.55
C LEU A 69 9.50 -22.34 -8.34
N SER A 70 10.12 -23.53 -8.48
CA SER A 70 9.48 -24.81 -8.22
C SER A 70 9.34 -25.02 -6.70
N LEU A 71 8.12 -24.76 -6.17
CA LEU A 71 7.83 -24.93 -4.73
C LEU A 71 7.25 -26.34 -4.47
N PRO A 72 7.88 -27.15 -3.56
CA PRO A 72 7.45 -28.56 -3.31
C PRO A 72 6.20 -28.68 -2.42
N ASP A 73 5.72 -27.54 -1.88
CA ASP A 73 4.56 -27.52 -0.96
C ASP A 73 3.25 -27.34 -1.75
N VAL A 74 3.37 -26.75 -2.96
CA VAL A 74 2.21 -26.48 -3.83
C VAL A 74 2.14 -27.50 -4.98
N ALA A 75 0.90 -27.78 -5.40
CA ALA A 75 0.58 -28.58 -6.58
C ALA A 75 -0.68 -28.00 -7.25
N ALA A 76 -1.05 -26.79 -6.82
CA ALA A 76 -2.27 -26.09 -7.25
C ALA A 76 -2.08 -24.58 -6.97
N THR A 77 -2.80 -23.73 -7.73
CA THR A 77 -2.67 -22.26 -7.63
C THR A 77 -3.30 -21.76 -6.30
N THR A 78 -2.45 -21.27 -5.38
CA THR A 78 -2.85 -20.91 -4.00
C THR A 78 -2.09 -19.67 -3.50
N VAL A 79 -2.83 -18.74 -2.88
CA VAL A 79 -2.28 -17.54 -2.24
C VAL A 79 -2.19 -17.78 -0.73
N TYR A 80 -0.97 -17.75 -0.19
CA TYR A 80 -0.73 -17.86 1.25
C TYR A 80 -0.61 -16.46 1.85
N TYR A 81 -1.50 -16.14 2.80
CA TYR A 81 -1.44 -14.88 3.54
C TYR A 81 -1.64 -15.10 5.04
N THR A 82 -1.52 -14.00 5.77
CA THR A 82 -1.75 -13.95 7.21
C THR A 82 -2.51 -12.64 7.50
N GLU A 83 -3.17 -12.54 8.66
CA GLU A 83 -3.98 -11.37 9.03
C GLU A 83 -3.15 -10.32 9.82
N VAL A 84 -1.84 -10.27 9.52
CA VAL A 84 -0.90 -9.29 10.11
C VAL A 84 -1.26 -7.88 9.59
N GLU A 85 -1.96 -7.10 10.44
CA GLU A 85 -2.33 -5.69 10.17
C GLU A 85 -3.40 -5.59 9.04
N GLY A 86 -2.94 -5.77 7.78
CA GLY A 86 -3.82 -5.73 6.61
C GLY A 86 -3.35 -6.63 5.48
N GLU A 87 -2.53 -7.66 5.82
CA GLU A 87 -1.92 -8.56 4.82
C GLU A 87 -2.96 -9.46 4.15
N ARG A 88 -4.04 -9.77 4.88
CA ARG A 88 -5.14 -10.62 4.40
C ARG A 88 -5.86 -9.89 3.24
N ALA A 89 -6.18 -8.60 3.47
CA ALA A 89 -6.92 -7.77 2.52
C ALA A 89 -6.10 -7.50 1.26
N THR A 90 -4.78 -7.28 1.44
CA THR A 90 -3.86 -6.97 0.33
C THR A 90 -3.74 -8.18 -0.61
N ALA A 91 -3.50 -9.35 0.01
CA ALA A 91 -3.37 -10.65 -0.68
C ALA A 91 -4.66 -11.11 -1.34
N ASP A 92 -5.79 -10.75 -0.71
CA ASP A 92 -7.14 -11.06 -1.21
C ASP A 92 -7.35 -10.42 -2.58
N ALA A 93 -6.91 -9.15 -2.70
CA ALA A 93 -7.00 -8.38 -3.95
C ALA A 93 -6.16 -9.04 -5.07
N VAL A 94 -4.97 -9.51 -4.69
CA VAL A 94 -4.01 -10.16 -5.59
C VAL A 94 -4.58 -11.48 -6.15
N GLY A 95 -5.00 -12.35 -5.23
CA GLY A 95 -5.51 -13.67 -5.58
C GLY A 95 -6.86 -13.64 -6.26
N ARG A 96 -7.62 -12.55 -6.03
CA ARG A 96 -8.91 -12.33 -6.70
C ARG A 96 -8.68 -11.96 -8.16
N THR A 97 -7.66 -11.09 -8.39
CA THR A 97 -7.22 -10.68 -9.72
C THR A 97 -6.72 -11.90 -10.54
N LEU A 98 -5.98 -12.81 -9.87
CA LEU A 98 -5.44 -14.04 -10.51
C LEU A 98 -6.56 -15.07 -10.74
N GLY A 99 -7.51 -15.13 -9.81
CA GLY A 99 -8.47 -16.23 -9.73
C GLY A 99 -7.82 -17.50 -9.18
N ALA A 100 -7.14 -17.37 -8.02
CA ALA A 100 -6.47 -18.49 -7.32
C ALA A 100 -7.23 -18.83 -6.03
N ALA A 101 -6.88 -19.97 -5.42
CA ALA A 101 -7.42 -20.36 -4.12
C ALA A 101 -6.73 -19.53 -3.03
N VAL A 102 -7.45 -18.52 -2.50
CA VAL A 102 -6.93 -17.64 -1.45
C VAL A 102 -7.12 -18.34 -0.09
N GLU A 103 -6.05 -18.39 0.71
CA GLU A 103 -6.03 -19.19 1.94
C GLU A 103 -5.04 -18.58 2.97
N LEU A 104 -5.24 -18.96 4.24
CA LEU A 104 -4.37 -18.62 5.38
C LEU A 104 -2.93 -19.20 5.19
N ARG A 105 -2.09 -18.96 6.20
CA ARG A 105 -0.65 -19.32 6.17
C ARG A 105 -0.41 -20.81 5.83
N LEU A 106 -1.22 -21.70 6.45
CA LEU A 106 -1.05 -23.17 6.40
C LEU A 106 0.32 -23.61 7.03
N PRO A 107 0.52 -24.95 7.30
CA PRO A 107 1.86 -25.49 7.63
C PRO A 107 2.91 -25.25 6.52
N GLU A 108 2.42 -24.94 5.31
CA GLU A 108 3.27 -24.72 4.12
C GLU A 108 4.07 -23.40 4.23
N LEU A 109 3.55 -22.42 5.02
CA LEU A 109 4.25 -21.13 5.24
C LEU A 109 5.57 -21.32 6.02
N SER A 110 5.66 -22.41 6.79
CA SER A 110 6.89 -22.78 7.53
C SER A 110 8.06 -22.99 6.54
N ASP A 111 7.77 -23.55 5.37
CA ASP A 111 8.75 -23.84 4.31
C ASP A 111 8.99 -22.61 3.41
N GLN A 112 7.94 -21.79 3.23
CA GLN A 112 7.99 -20.58 2.39
C GLN A 112 8.66 -19.42 3.19
N PRO A 113 9.24 -18.38 2.52
CA PRO A 113 9.70 -17.15 3.21
C PRO A 113 8.50 -16.39 3.86
N PRO A 114 8.55 -16.08 5.22
CA PRO A 114 7.42 -15.46 5.97
C PRO A 114 6.89 -14.16 5.33
N GLY A 115 5.60 -14.17 4.96
CA GLY A 115 4.95 -13.04 4.29
C GLY A 115 3.93 -13.54 3.30
N VAL A 116 3.27 -12.62 2.58
CA VAL A 116 2.28 -12.98 1.55
C VAL A 116 2.98 -13.44 0.26
N ILE A 117 2.65 -14.65 -0.19
CA ILE A 117 3.08 -15.15 -1.50
C ILE A 117 1.82 -15.60 -2.27
N VAL A 118 1.75 -15.23 -3.55
CA VAL A 118 0.72 -15.74 -4.48
C VAL A 118 1.39 -16.75 -5.41
N VAL A 119 1.12 -18.04 -5.18
CA VAL A 119 1.70 -19.10 -6.00
C VAL A 119 0.73 -19.44 -7.13
N VAL A 120 1.21 -19.31 -8.36
CA VAL A 120 0.42 -19.48 -9.58
C VAL A 120 0.95 -20.66 -10.39
N THR A 121 0.04 -21.55 -10.78
CA THR A 121 0.34 -22.67 -11.69
C THR A 121 0.07 -22.25 -13.15
N GLY A 122 0.64 -23.01 -14.09
CA GLY A 122 0.51 -22.77 -15.52
C GLY A 122 1.37 -21.60 -16.02
N GLY A 1 70.78 74.83 16.41
CA GLY A 1 70.56 74.16 17.73
C GLY A 1 70.15 72.71 17.58
N SER A 2 69.55 72.15 18.66
CA SER A 2 69.12 70.75 18.74
C SER A 2 67.94 70.61 19.72
N SER A 3 66.81 71.23 19.35
CA SER A 3 65.58 71.24 20.16
C SER A 3 65.01 69.81 20.35
N PRO A 4 64.62 69.40 21.60
CA PRO A 4 64.08 68.04 21.87
C PRO A 4 62.66 67.86 21.30
N ASN A 5 62.26 66.60 21.04
CA ASN A 5 60.92 66.25 20.50
C ASN A 5 60.48 64.88 20.98
N SER A 6 59.15 64.73 21.16
CA SER A 6 58.50 63.52 21.69
C SER A 6 56.97 63.64 21.49
N GLU A 7 56.57 64.13 20.29
CA GLU A 7 55.15 64.34 19.92
C GLU A 7 54.41 63.00 19.70
N ASP A 8 55.18 61.89 19.68
CA ASP A 8 54.70 60.50 19.49
C ASP A 8 53.43 60.19 20.31
N ASP A 9 53.55 60.36 21.66
CA ASP A 9 52.42 60.20 22.63
C ASP A 9 51.79 58.78 22.55
N SER A 10 52.18 57.89 23.48
CA SER A 10 51.72 56.49 23.48
C SER A 10 50.35 56.36 24.19
N SER A 11 49.26 56.53 23.41
CA SER A 11 47.88 56.27 23.88
C SER A 11 47.24 55.16 23.03
N ALA A 12 46.59 54.18 23.69
CA ALA A 12 45.93 53.04 23.05
C ALA A 12 44.82 52.50 23.96
N ILE A 13 43.76 51.96 23.33
CA ILE A 13 42.58 51.43 24.05
C ILE A 13 41.84 50.39 23.16
N SER A 14 41.47 49.25 23.76
CA SER A 14 40.79 48.14 23.04
C SER A 14 39.79 47.44 23.98
N THR A 15 38.92 46.61 23.38
CA THR A 15 37.87 45.86 24.10
C THR A 15 37.45 44.63 23.27
N MET A 16 36.77 43.65 23.93
CA MET A 16 36.32 42.40 23.28
C MET A 16 34.96 41.95 23.86
N THR A 17 34.12 41.33 22.99
CA THR A 17 32.76 40.88 23.34
C THR A 17 32.39 39.60 22.55
N THR A 18 31.79 38.62 23.26
CA THR A 18 31.33 37.34 22.69
C THR A 18 29.82 37.40 22.35
N THR A 19 29.41 36.66 21.31
CA THR A 19 28.00 36.42 20.96
C THR A 19 27.80 34.89 20.83
N THR A 20 27.23 34.28 21.89
CA THR A 20 27.02 32.82 21.95
C THR A 20 25.81 32.41 21.10
N ALA A 21 25.85 31.18 20.54
CA ALA A 21 24.75 30.61 19.74
C ALA A 21 23.70 29.96 20.66
N ALA A 22 22.55 29.63 20.06
CA ALA A 22 21.41 29.01 20.77
C ALA A 22 21.50 27.46 20.70
N PRO A 23 21.05 26.73 21.78
CA PRO A 23 21.03 25.24 21.80
C PRO A 23 19.94 24.65 20.86
N THR A 24 20.04 23.33 20.59
CA THR A 24 19.04 22.61 19.77
C THR A 24 19.07 21.10 20.07
N SER A 25 17.93 20.44 19.83
CA SER A 25 17.76 18.99 20.05
C SER A 25 16.79 18.42 18.99
N THR A 26 17.21 17.31 18.33
CA THR A 26 16.39 16.59 17.32
C THR A 26 16.15 15.13 17.76
N SER A 27 15.01 14.55 17.32
CA SER A 27 14.68 13.13 17.54
C SER A 27 13.63 12.67 16.51
N VAL A 28 13.72 11.39 16.09
CA VAL A 28 12.80 10.79 15.09
C VAL A 28 12.50 9.32 15.47
N LYS A 29 11.34 8.79 15.02
CA LYS A 29 10.89 7.41 15.31
C LYS A 29 11.02 6.52 14.06
N PRO A 30 11.46 5.22 14.19
CA PRO A 30 11.59 4.28 13.05
C PRO A 30 10.26 3.58 12.67
N ALA A 31 10.06 3.31 11.36
CA ALA A 31 8.85 2.63 10.83
C ALA A 31 9.01 1.10 10.82
N ALA A 32 7.90 0.39 10.59
CA ALA A 32 7.83 -1.08 10.55
C ALA A 32 7.03 -1.55 9.31
N PRO A 33 7.44 -2.68 8.63
CA PRO A 33 6.74 -3.19 7.42
C PRO A 33 5.32 -3.72 7.74
N ARG A 34 4.32 -3.23 6.98
CA ARG A 34 2.90 -3.59 7.16
C ARG A 34 2.61 -4.99 6.58
N ALA A 35 2.61 -5.09 5.24
CA ALA A 35 2.28 -6.33 4.51
C ALA A 35 2.89 -6.26 3.10
N GLU A 36 3.65 -7.29 2.71
CA GLU A 36 4.42 -7.31 1.44
C GLU A 36 3.91 -8.47 0.56
N VAL A 37 3.66 -8.18 -0.73
CA VAL A 37 3.07 -9.15 -1.70
C VAL A 37 4.18 -9.83 -2.50
N ARG A 38 4.03 -11.15 -2.81
CA ARG A 38 5.03 -11.89 -3.64
C ARG A 38 4.37 -13.05 -4.43
N VAL A 39 4.61 -13.06 -5.77
CA VAL A 39 4.02 -14.05 -6.71
C VAL A 39 5.05 -15.13 -7.07
N TYR A 40 4.83 -16.36 -6.61
CA TYR A 40 5.72 -17.49 -6.92
C TYR A 40 5.11 -18.32 -8.05
N ASN A 41 5.72 -18.21 -9.24
CA ASN A 41 5.30 -18.96 -10.44
C ASN A 41 6.23 -20.17 -10.56
N ILE A 42 5.69 -21.38 -10.33
CA ILE A 42 6.52 -22.61 -10.33
C ILE A 42 6.84 -23.07 -11.76
N SER A 43 5.79 -23.17 -12.57
CA SER A 43 5.89 -23.66 -13.95
C SER A 43 6.31 -22.55 -14.93
N GLY A 44 6.49 -21.32 -14.41
CA GLY A 44 6.80 -20.15 -15.24
C GLY A 44 5.67 -19.84 -16.22
N THR A 45 4.48 -19.57 -15.67
CA THR A 45 3.24 -19.34 -16.45
C THR A 45 3.22 -17.91 -17.02
N GLU A 46 2.07 -17.53 -17.61
CA GLU A 46 1.83 -16.19 -18.16
C GLU A 46 2.09 -15.08 -17.10
N GLY A 47 2.70 -13.97 -17.55
CA GLY A 47 3.10 -12.86 -16.69
C GLY A 47 1.93 -12.08 -16.07
N ALA A 48 0.69 -12.35 -16.53
CA ALA A 48 -0.54 -11.77 -15.95
C ALA A 48 -0.77 -12.27 -14.51
N ALA A 49 -0.19 -13.45 -14.20
CA ALA A 49 -0.17 -14.00 -12.84
C ALA A 49 0.72 -13.14 -11.93
N ALA A 50 1.86 -12.68 -12.48
CA ALA A 50 2.80 -11.78 -11.78
C ALA A 50 2.28 -10.33 -11.75
N ARG A 51 1.39 -10.01 -12.73
CA ARG A 51 0.79 -8.68 -12.89
C ARG A 51 -0.23 -8.40 -11.76
N THR A 52 -0.66 -9.46 -11.04
CA THR A 52 -1.59 -9.31 -9.90
C THR A 52 -0.96 -8.42 -8.81
N ALA A 53 0.32 -8.72 -8.47
CA ALA A 53 1.10 -7.94 -7.49
C ALA A 53 1.56 -6.60 -8.08
N ASP A 54 1.93 -6.62 -9.38
CA ASP A 54 2.41 -5.43 -10.10
C ASP A 54 1.35 -4.30 -10.13
N ARG A 55 0.07 -4.70 -10.22
CA ARG A 55 -1.07 -3.78 -10.15
C ARG A 55 -1.15 -3.11 -8.76
N LEU A 56 -0.89 -3.92 -7.71
CA LEU A 56 -0.84 -3.45 -6.31
C LEU A 56 0.33 -2.48 -6.11
N LYS A 57 1.45 -2.69 -6.82
CA LYS A 57 2.62 -1.79 -6.78
C LYS A 57 2.26 -0.41 -7.39
N ALA A 58 1.49 -0.45 -8.49
CA ALA A 58 0.98 0.76 -9.16
C ALA A 58 -0.07 1.48 -8.28
N ALA A 59 -0.75 0.70 -7.41
CA ALA A 59 -1.71 1.24 -6.42
C ALA A 59 -0.97 1.80 -5.19
N GLY A 60 0.28 1.36 -4.97
CA GLY A 60 1.12 1.86 -3.88
C GLY A 60 1.14 0.95 -2.65
N PHE A 61 1.27 -0.36 -2.89
CA PHE A 61 1.51 -1.37 -1.82
C PHE A 61 3.01 -1.50 -1.58
N THR A 62 3.38 -2.01 -0.39
CA THR A 62 4.73 -1.82 0.21
C THR A 62 5.85 -2.39 -0.69
N VAL A 63 5.89 -3.72 -0.81
CA VAL A 63 6.86 -4.44 -1.66
C VAL A 63 6.09 -5.49 -2.47
N THR A 64 6.43 -5.62 -3.77
CA THR A 64 5.83 -6.61 -4.67
C THR A 64 6.95 -7.41 -5.36
N ASP A 65 7.11 -8.67 -4.97
CA ASP A 65 8.15 -9.58 -5.48
C ASP A 65 7.52 -10.58 -6.48
N VAL A 66 8.36 -11.17 -7.34
CA VAL A 66 7.97 -12.26 -8.24
C VAL A 66 9.11 -13.29 -8.31
N GLY A 67 8.83 -14.51 -7.83
CA GLY A 67 9.76 -15.62 -7.87
C GLY A 67 9.29 -16.72 -8.81
N ASN A 68 9.75 -16.69 -10.07
CA ASN A 68 9.49 -17.75 -11.04
C ASN A 68 10.44 -18.95 -10.75
N LEU A 69 10.03 -19.81 -9.79
CA LEU A 69 10.90 -20.89 -9.27
C LEU A 69 10.07 -21.98 -8.57
N SER A 70 10.51 -23.24 -8.74
CA SER A 70 9.94 -24.39 -8.05
C SER A 70 10.53 -24.52 -6.63
N LEU A 71 9.76 -24.08 -5.63
CA LEU A 71 10.14 -24.22 -4.20
C LEU A 71 9.37 -25.40 -3.57
N PRO A 72 9.91 -26.05 -2.49
CA PRO A 72 9.22 -27.19 -1.80
C PRO A 72 7.81 -26.83 -1.24
N ASP A 73 7.50 -25.53 -1.13
CA ASP A 73 6.18 -25.05 -0.63
C ASP A 73 5.28 -24.60 -1.79
N VAL A 74 5.92 -24.24 -2.91
CA VAL A 74 5.29 -23.73 -4.13
C VAL A 74 5.01 -24.90 -5.11
N ALA A 75 3.72 -25.06 -5.51
CA ALA A 75 3.30 -26.11 -6.46
C ALA A 75 1.95 -25.77 -7.13
N ALA A 76 0.86 -25.90 -6.37
CA ALA A 76 -0.51 -25.73 -6.88
C ALA A 76 -0.93 -24.26 -6.77
N THR A 77 -1.78 -23.78 -7.72
CA THR A 77 -2.25 -22.39 -7.74
C THR A 77 -3.15 -22.11 -6.49
N THR A 78 -2.53 -21.46 -5.50
CA THR A 78 -3.15 -21.14 -4.20
C THR A 78 -2.48 -19.88 -3.63
N VAL A 79 -3.30 -18.95 -3.10
CA VAL A 79 -2.79 -17.75 -2.42
C VAL A 79 -2.77 -18.02 -0.91
N TYR A 80 -1.56 -18.10 -0.32
CA TYR A 80 -1.38 -18.27 1.13
C TYR A 80 -1.14 -16.89 1.76
N TYR A 81 -1.95 -16.49 2.76
CA TYR A 81 -1.81 -15.19 3.47
C TYR A 81 -1.61 -15.36 4.96
N THR A 82 -0.92 -14.40 5.58
CA THR A 82 -0.81 -14.30 7.03
C THR A 82 -1.75 -13.16 7.51
N GLU A 83 -2.01 -13.08 8.83
CA GLU A 83 -2.90 -12.03 9.38
C GLU A 83 -2.11 -10.79 9.86
N VAL A 84 -0.83 -10.68 9.43
CA VAL A 84 0.06 -9.53 9.74
C VAL A 84 -0.53 -8.23 9.16
N GLU A 85 -0.98 -7.34 10.07
CA GLU A 85 -1.51 -5.98 9.75
C GLU A 85 -2.84 -6.04 8.98
N GLY A 86 -2.75 -6.36 7.67
CA GLY A 86 -3.92 -6.46 6.79
C GLY A 86 -3.59 -7.29 5.57
N GLU A 87 -2.75 -8.31 5.79
CA GLU A 87 -2.16 -9.12 4.72
C GLU A 87 -3.18 -10.11 4.12
N ARG A 88 -4.27 -10.39 4.87
CA ARG A 88 -5.39 -11.19 4.33
C ARG A 88 -6.12 -10.40 3.21
N ALA A 89 -6.20 -9.06 3.38
CA ALA A 89 -6.95 -8.17 2.48
C ALA A 89 -6.21 -7.91 1.15
N THR A 90 -4.86 -8.00 1.18
CA THR A 90 -4.03 -7.78 -0.02
C THR A 90 -3.94 -9.10 -0.84
N ALA A 91 -4.11 -10.22 -0.13
CA ALA A 91 -4.20 -11.56 -0.74
C ALA A 91 -5.55 -11.77 -1.42
N ASP A 92 -6.58 -11.22 -0.74
CA ASP A 92 -7.98 -11.24 -1.18
C ASP A 92 -8.11 -10.67 -2.60
N ALA A 93 -7.61 -9.43 -2.77
CA ALA A 93 -7.64 -8.72 -4.06
C ALA A 93 -6.94 -9.52 -5.18
N VAL A 94 -5.73 -10.02 -4.87
CA VAL A 94 -4.92 -10.81 -5.81
C VAL A 94 -5.64 -12.10 -6.27
N GLY A 95 -6.13 -12.87 -5.30
CA GLY A 95 -6.72 -14.19 -5.55
C GLY A 95 -8.03 -14.13 -6.32
N ARG A 96 -8.75 -13.00 -6.16
CA ARG A 96 -10.03 -12.74 -6.85
C ARG A 96 -9.77 -12.29 -8.30
N THR A 97 -8.59 -11.68 -8.53
CA THR A 97 -8.13 -11.21 -9.86
C THR A 97 -7.50 -12.37 -10.67
N LEU A 98 -6.84 -13.31 -9.96
CA LEU A 98 -6.19 -14.48 -10.57
C LEU A 98 -7.20 -15.63 -10.75
N GLY A 99 -8.17 -15.71 -9.83
CA GLY A 99 -9.15 -16.79 -9.78
C GLY A 99 -8.63 -18.02 -9.03
N ALA A 100 -7.70 -17.79 -8.08
CA ALA A 100 -7.07 -18.86 -7.28
C ALA A 100 -7.56 -18.82 -5.82
N ALA A 101 -7.70 -20.01 -5.22
CA ALA A 101 -8.27 -20.19 -3.88
C ALA A 101 -7.34 -19.60 -2.80
N VAL A 102 -7.92 -18.73 -1.96
CA VAL A 102 -7.19 -18.02 -0.89
C VAL A 102 -7.26 -18.81 0.44
N GLU A 103 -6.13 -19.42 0.81
CA GLU A 103 -5.94 -20.16 2.07
C GLU A 103 -4.97 -19.39 2.98
N LEU A 104 -4.91 -19.77 4.25
CA LEU A 104 -3.96 -19.19 5.22
C LEU A 104 -2.50 -19.59 4.86
N ARG A 105 -1.56 -19.03 5.64
CA ARG A 105 -0.12 -19.14 5.40
C ARG A 105 0.35 -20.61 5.31
N LEU A 106 -0.14 -21.44 6.26
CA LEU A 106 0.24 -22.87 6.40
C LEU A 106 1.78 -23.01 6.68
N PRO A 107 2.31 -24.24 7.04
CA PRO A 107 3.79 -24.46 7.18
C PRO A 107 4.60 -24.07 5.92
N GLU A 108 3.89 -23.97 4.80
CA GLU A 108 4.43 -23.58 3.49
C GLU A 108 5.03 -22.15 3.50
N LEU A 109 4.22 -21.14 3.90
CA LEU A 109 4.69 -19.72 3.95
C LEU A 109 5.75 -19.53 5.05
N SER A 110 5.70 -20.40 6.08
CA SER A 110 6.61 -20.36 7.23
C SER A 110 8.01 -20.92 6.88
N ASP A 111 8.11 -21.70 5.79
CA ASP A 111 9.38 -22.29 5.33
C ASP A 111 10.21 -21.27 4.52
N GLN A 112 9.51 -20.39 3.79
CA GLN A 112 10.11 -19.40 2.88
C GLN A 112 10.03 -17.98 3.55
N PRO A 113 10.75 -16.92 3.01
CA PRO A 113 10.73 -15.53 3.59
C PRO A 113 9.30 -14.90 3.68
N PRO A 114 8.92 -14.28 4.87
CA PRO A 114 7.53 -13.75 5.14
C PRO A 114 6.94 -12.81 4.06
N GLY A 115 5.61 -12.66 4.09
CA GLY A 115 4.85 -11.92 3.08
C GLY A 115 3.88 -12.85 2.37
N VAL A 116 2.72 -12.31 1.94
CA VAL A 116 1.65 -13.09 1.27
C VAL A 116 2.17 -13.70 -0.04
N ILE A 117 2.15 -15.05 -0.12
CA ILE A 117 2.66 -15.78 -1.27
C ILE A 117 1.50 -16.28 -2.13
N VAL A 118 1.32 -15.65 -3.28
CA VAL A 118 0.40 -16.13 -4.31
C VAL A 118 1.19 -17.07 -5.23
N VAL A 119 0.94 -18.36 -5.06
CA VAL A 119 1.59 -19.43 -5.81
C VAL A 119 0.71 -19.75 -7.03
N VAL A 120 1.34 -19.83 -8.21
CA VAL A 120 0.64 -20.08 -9.48
C VAL A 120 1.35 -21.21 -10.26
N THR A 121 0.56 -22.20 -10.70
CA THR A 121 1.01 -23.23 -11.65
C THR A 121 0.71 -22.78 -13.10
N GLY A 122 1.30 -23.49 -14.07
CA GLY A 122 1.09 -23.23 -15.50
C GLY A 122 0.03 -24.14 -16.14
N GLY A 1 -46.03 -5.05 -76.31
CA GLY A 1 -44.89 -5.91 -75.92
C GLY A 1 -44.42 -5.64 -74.50
N SER A 2 -43.64 -6.58 -73.93
CA SER A 2 -43.12 -6.48 -72.55
C SER A 2 -41.86 -5.59 -72.51
N SER A 3 -42.01 -4.37 -71.94
CA SER A 3 -40.93 -3.37 -71.88
C SER A 3 -41.09 -2.51 -70.59
N PRO A 4 -40.02 -2.40 -69.73
CA PRO A 4 -40.11 -1.71 -68.43
C PRO A 4 -40.17 -0.17 -68.55
N ASN A 5 -40.70 0.48 -67.50
CA ASN A 5 -40.76 1.95 -67.38
C ASN A 5 -39.96 2.36 -66.12
N SER A 6 -38.67 2.70 -66.34
CA SER A 6 -37.73 3.03 -65.25
C SER A 6 -37.52 4.56 -65.14
N GLU A 7 -38.51 5.34 -65.65
CA GLU A 7 -38.52 6.82 -65.56
C GLU A 7 -38.62 7.30 -64.09
N ASP A 8 -39.30 6.49 -63.26
CA ASP A 8 -39.59 6.79 -61.86
C ASP A 8 -38.55 6.13 -60.92
N ASP A 9 -37.38 5.77 -61.49
CA ASP A 9 -36.22 5.26 -60.71
C ASP A 9 -35.55 6.45 -59.99
N SER A 10 -36.01 6.73 -58.76
CA SER A 10 -35.47 7.79 -57.91
C SER A 10 -34.82 7.19 -56.66
N SER A 11 -33.50 7.37 -56.52
CA SER A 11 -32.72 6.83 -55.40
C SER A 11 -31.68 7.88 -54.95
N ALA A 12 -31.44 7.94 -53.63
CA ALA A 12 -30.56 8.96 -53.02
C ALA A 12 -29.99 8.45 -51.69
N ILE A 13 -28.81 8.96 -51.31
CA ILE A 13 -28.12 8.62 -50.05
C ILE A 13 -27.13 9.74 -49.66
N SER A 14 -27.35 10.36 -48.48
CA SER A 14 -26.51 11.43 -47.94
C SER A 14 -26.43 11.30 -46.41
N THR A 15 -25.25 10.91 -45.90
CA THR A 15 -25.03 10.68 -44.45
C THR A 15 -23.91 11.61 -43.95
N MET A 16 -24.08 12.13 -42.73
CA MET A 16 -23.12 13.04 -42.08
C MET A 16 -22.69 12.48 -40.71
N THR A 17 -21.44 12.71 -40.31
CA THR A 17 -20.88 12.20 -39.03
C THR A 17 -19.87 13.21 -38.46
N THR A 18 -20.05 13.61 -37.18
CA THR A 18 -19.11 14.47 -36.45
C THR A 18 -18.46 13.66 -35.31
N THR A 19 -17.13 13.84 -35.15
CA THR A 19 -16.32 13.14 -34.15
C THR A 19 -16.44 13.80 -32.76
N THR A 20 -16.68 12.96 -31.73
CA THR A 20 -16.63 13.34 -30.31
C THR A 20 -15.44 12.63 -29.63
N ALA A 21 -14.99 13.14 -28.48
CA ALA A 21 -13.81 12.61 -27.77
C ALA A 21 -13.89 12.89 -26.27
N ALA A 22 -13.39 11.93 -25.45
CA ALA A 22 -13.31 12.07 -23.99
C ALA A 22 -11.87 12.45 -23.58
N PRO A 23 -11.66 13.58 -22.82
CA PRO A 23 -10.31 14.00 -22.35
C PRO A 23 -9.73 13.04 -21.29
N THR A 24 -8.40 13.14 -21.09
CA THR A 24 -7.63 12.30 -20.15
C THR A 24 -7.73 12.88 -18.71
N SER A 25 -7.73 11.99 -17.70
CA SER A 25 -7.71 12.37 -16.27
C SER A 25 -6.87 11.36 -15.48
N THR A 26 -5.63 11.77 -15.13
CA THR A 26 -4.69 10.94 -14.35
C THR A 26 -4.56 11.50 -12.92
N SER A 27 -4.46 10.61 -11.93
CA SER A 27 -4.43 10.95 -10.51
C SER A 27 -3.81 9.78 -9.73
N VAL A 28 -2.49 9.87 -9.49
CA VAL A 28 -1.71 8.84 -8.77
C VAL A 28 -1.19 9.41 -7.45
N LYS A 29 -1.52 8.74 -6.34
CA LYS A 29 -1.09 9.13 -4.99
C LYS A 29 0.16 8.31 -4.56
N PRO A 30 0.93 8.78 -3.51
CA PRO A 30 2.10 8.02 -2.97
C PRO A 30 1.76 6.58 -2.49
N ALA A 31 2.83 5.79 -2.31
CA ALA A 31 2.75 4.40 -1.82
C ALA A 31 2.37 4.34 -0.33
N ALA A 32 1.86 3.17 0.11
CA ALA A 32 1.60 2.89 1.53
C ALA A 32 1.78 1.37 1.80
N PRO A 33 3.05 0.89 1.98
CA PRO A 33 3.32 -0.50 2.38
C PRO A 33 3.13 -0.69 3.90
N ARG A 34 2.34 -1.69 4.28
CA ARG A 34 2.09 -2.06 5.70
C ARG A 34 2.33 -3.56 5.92
N ALA A 35 2.29 -4.34 4.83
CA ALA A 35 2.60 -5.78 4.83
C ALA A 35 3.43 -6.11 3.59
N GLU A 36 3.68 -7.41 3.34
CA GLU A 36 4.42 -7.91 2.17
C GLU A 36 3.48 -8.78 1.32
N VAL A 37 3.52 -8.60 -0.01
CA VAL A 37 2.82 -9.46 -0.99
C VAL A 37 3.80 -9.81 -2.12
N ARG A 38 4.04 -11.09 -2.39
CA ARG A 38 5.06 -11.51 -3.37
C ARG A 38 4.59 -12.72 -4.20
N VAL A 39 4.32 -12.47 -5.49
CA VAL A 39 3.78 -13.45 -6.42
C VAL A 39 4.91 -14.17 -7.16
N TYR A 40 4.99 -15.51 -7.03
CA TYR A 40 6.00 -16.34 -7.70
C TYR A 40 5.33 -17.51 -8.40
N ASN A 41 5.70 -17.76 -9.65
CA ASN A 41 5.33 -18.99 -10.35
C ASN A 41 6.42 -20.04 -10.07
N ILE A 42 6.01 -21.30 -9.87
CA ILE A 42 6.93 -22.42 -9.56
C ILE A 42 7.97 -22.61 -10.70
N SER A 43 7.49 -22.61 -11.95
CA SER A 43 8.31 -22.91 -13.15
C SER A 43 8.62 -21.65 -13.97
N GLY A 44 7.96 -20.52 -13.62
CA GLY A 44 8.11 -19.26 -14.34
C GLY A 44 7.40 -19.23 -15.68
N THR A 45 6.32 -20.02 -15.79
CA THR A 45 5.57 -20.18 -17.05
C THR A 45 4.42 -19.16 -17.14
N GLU A 46 3.56 -19.11 -16.10
CA GLU A 46 2.36 -18.26 -16.10
C GLU A 46 2.70 -16.75 -15.91
N GLY A 47 2.32 -15.95 -16.93
CA GLY A 47 2.50 -14.50 -16.91
C GLY A 47 1.34 -13.76 -16.25
N ALA A 48 0.16 -14.43 -16.17
CA ALA A 48 -1.04 -13.87 -15.52
C ALA A 48 -0.80 -13.62 -14.03
N ALA A 49 0.04 -14.48 -13.42
CA ALA A 49 0.53 -14.33 -12.04
C ALA A 49 1.19 -12.96 -11.86
N ALA A 50 2.14 -12.67 -12.75
CA ALA A 50 2.88 -11.40 -12.77
C ALA A 50 1.96 -10.20 -13.06
N ARG A 51 0.99 -10.42 -13.95
CA ARG A 51 0.04 -9.39 -14.44
C ARG A 51 -0.87 -8.87 -13.31
N THR A 52 -1.30 -9.79 -12.43
CA THR A 52 -2.18 -9.45 -11.30
C THR A 52 -1.39 -8.76 -10.17
N ALA A 53 -0.06 -9.00 -10.15
CA ALA A 53 0.87 -8.40 -9.19
C ALA A 53 1.20 -6.94 -9.54
N ASP A 54 1.25 -6.64 -10.87
CA ASP A 54 1.48 -5.27 -11.41
C ASP A 54 0.52 -4.24 -10.82
N ARG A 55 -0.70 -4.71 -10.51
CA ARG A 55 -1.77 -3.89 -9.91
C ARG A 55 -1.31 -3.30 -8.57
N LEU A 56 -0.81 -4.17 -7.68
CA LEU A 56 -0.47 -3.80 -6.28
C LEU A 56 0.78 -2.90 -6.23
N LYS A 57 1.76 -3.20 -7.11
CA LYS A 57 3.03 -2.46 -7.16
C LYS A 57 2.80 -1.04 -7.76
N ALA A 58 1.90 -0.95 -8.75
CA ALA A 58 1.52 0.34 -9.38
C ALA A 58 0.71 1.21 -8.39
N ALA A 59 -0.11 0.53 -7.57
CA ALA A 59 -0.91 1.17 -6.51
C ALA A 59 -0.01 1.57 -5.31
N GLY A 60 1.14 0.89 -5.21
CA GLY A 60 2.15 1.18 -4.18
C GLY A 60 1.82 0.62 -2.81
N PHE A 61 0.80 -0.25 -2.74
CA PHE A 61 0.37 -0.85 -1.47
C PHE A 61 1.05 -2.22 -1.31
N THR A 62 1.56 -2.48 -0.08
CA THR A 62 2.38 -3.64 0.31
C THR A 62 3.69 -3.78 -0.51
N VAL A 63 4.69 -4.45 0.10
CA VAL A 63 5.98 -4.76 -0.54
C VAL A 63 5.74 -5.82 -1.62
N THR A 64 5.40 -5.35 -2.83
CA THR A 64 4.97 -6.21 -3.94
C THR A 64 6.19 -6.67 -4.76
N ASP A 65 6.60 -7.93 -4.53
CA ASP A 65 7.68 -8.58 -5.30
C ASP A 65 7.05 -9.54 -6.31
N VAL A 66 7.65 -9.62 -7.50
CA VAL A 66 7.07 -10.35 -8.65
C VAL A 66 8.15 -11.25 -9.29
N GLY A 67 7.74 -12.45 -9.75
CA GLY A 67 8.57 -13.26 -10.64
C GLY A 67 8.28 -14.74 -10.52
N ASN A 68 9.35 -15.52 -10.28
CA ASN A 68 9.29 -16.98 -10.19
C ASN A 68 10.27 -17.48 -9.14
N LEU A 69 9.89 -18.55 -8.43
CA LEU A 69 10.69 -19.14 -7.37
C LEU A 69 10.28 -20.61 -7.20
N SER A 70 11.24 -21.47 -6.85
CA SER A 70 11.00 -22.89 -6.64
C SER A 70 10.41 -23.14 -5.23
N LEU A 71 9.07 -23.30 -5.15
CA LEU A 71 8.37 -23.75 -3.93
C LEU A 71 7.82 -25.18 -4.17
N PRO A 72 8.63 -26.25 -3.87
CA PRO A 72 8.22 -27.65 -4.16
C PRO A 72 7.26 -28.23 -3.09
N ASP A 73 7.02 -27.47 -2.00
CA ASP A 73 6.09 -27.89 -0.92
C ASP A 73 4.63 -27.72 -1.34
N VAL A 74 4.40 -26.82 -2.31
CA VAL A 74 3.05 -26.50 -2.81
C VAL A 74 2.97 -26.78 -4.32
N ALA A 75 2.04 -27.69 -4.68
CA ALA A 75 1.81 -28.14 -6.08
C ALA A 75 0.43 -27.65 -6.59
N ALA A 76 -0.13 -26.61 -5.95
CA ALA A 76 -1.42 -26.00 -6.34
C ALA A 76 -1.30 -24.46 -6.35
N THR A 77 -1.92 -23.82 -7.36
CA THR A 77 -1.94 -22.35 -7.48
C THR A 77 -2.82 -21.73 -6.36
N THR A 78 -2.15 -21.21 -5.31
CA THR A 78 -2.81 -20.70 -4.10
C THR A 78 -2.17 -19.38 -3.63
N VAL A 79 -3.01 -18.50 -3.08
CA VAL A 79 -2.60 -17.25 -2.41
C VAL A 79 -2.52 -17.53 -0.90
N TYR A 80 -1.33 -17.38 -0.30
CA TYR A 80 -1.12 -17.63 1.15
C TYR A 80 -0.87 -16.31 1.89
N TYR A 81 -1.63 -16.08 2.97
CA TYR A 81 -1.51 -14.87 3.83
C TYR A 81 -1.31 -15.29 5.28
N THR A 82 -0.68 -14.43 6.10
CA THR A 82 -0.66 -14.60 7.55
C THR A 82 -1.70 -13.62 8.18
N GLU A 83 -1.27 -12.58 8.94
CA GLU A 83 -2.21 -11.70 9.70
C GLU A 83 -1.78 -10.22 9.74
N VAL A 84 -0.48 -9.95 9.47
CA VAL A 84 0.13 -8.60 9.65
C VAL A 84 -0.68 -7.49 8.94
N GLU A 85 -1.22 -6.56 9.76
CA GLU A 85 -2.03 -5.41 9.32
C GLU A 85 -3.35 -5.88 8.67
N GLY A 86 -3.26 -6.34 7.42
CA GLY A 86 -4.38 -6.85 6.68
C GLY A 86 -3.91 -7.68 5.53
N GLU A 87 -3.03 -8.67 5.84
CA GLU A 87 -2.48 -9.60 4.86
C GLU A 87 -3.59 -10.29 4.04
N ARG A 88 -4.69 -10.70 4.70
CA ARG A 88 -5.81 -11.38 4.01
C ARG A 88 -6.64 -10.41 3.15
N ALA A 89 -6.63 -9.11 3.50
CA ALA A 89 -7.36 -8.07 2.76
C ALA A 89 -6.67 -7.73 1.42
N THR A 90 -5.33 -7.69 1.45
CA THR A 90 -4.50 -7.39 0.25
C THR A 90 -4.29 -8.65 -0.62
N ALA A 91 -4.23 -9.82 0.04
CA ALA A 91 -4.14 -11.13 -0.64
C ALA A 91 -5.41 -11.42 -1.43
N ASP A 92 -6.55 -10.92 -0.91
CA ASP A 92 -7.88 -11.00 -1.54
C ASP A 92 -7.88 -10.35 -2.94
N ALA A 93 -7.14 -9.23 -3.08
CA ALA A 93 -7.09 -8.44 -4.32
C ALA A 93 -6.47 -9.25 -5.46
N VAL A 94 -5.37 -9.98 -5.16
CA VAL A 94 -4.70 -10.82 -6.15
C VAL A 94 -5.55 -12.07 -6.43
N GLY A 95 -5.98 -12.74 -5.34
CA GLY A 95 -6.77 -13.98 -5.41
C GLY A 95 -8.08 -13.82 -6.18
N ARG A 96 -8.55 -12.57 -6.30
CA ARG A 96 -9.75 -12.21 -7.06
C ARG A 96 -9.41 -12.12 -8.55
N THR A 97 -8.46 -11.24 -8.87
CA THR A 97 -8.07 -10.89 -10.24
C THR A 97 -7.42 -12.10 -10.97
N LEU A 98 -6.83 -13.01 -10.18
CA LEU A 98 -6.16 -14.22 -10.67
C LEU A 98 -7.13 -15.44 -10.59
N GLY A 99 -8.05 -15.40 -9.62
CA GLY A 99 -9.02 -16.48 -9.42
C GLY A 99 -8.40 -17.70 -8.74
N ALA A 100 -7.66 -17.45 -7.65
CA ALA A 100 -6.96 -18.49 -6.87
C ALA A 100 -7.45 -18.47 -5.41
N ALA A 101 -7.37 -19.65 -4.74
CA ALA A 101 -7.84 -19.84 -3.36
C ALA A 101 -7.01 -19.02 -2.38
N VAL A 102 -7.67 -18.22 -1.53
CA VAL A 102 -7.01 -17.41 -0.48
C VAL A 102 -6.99 -18.19 0.85
N GLU A 103 -5.85 -18.82 1.14
CA GLU A 103 -5.64 -19.67 2.31
C GLU A 103 -4.66 -19.03 3.29
N LEU A 104 -4.67 -19.54 4.53
CA LEU A 104 -3.77 -19.08 5.59
C LEU A 104 -2.32 -19.56 5.31
N ARG A 105 -1.37 -19.04 6.09
CA ARG A 105 0.08 -19.33 5.94
C ARG A 105 0.41 -20.83 5.97
N LEU A 106 -0.31 -21.59 6.85
CA LEU A 106 -0.25 -23.07 6.91
C LEU A 106 1.18 -23.61 7.22
N PRO A 107 1.37 -24.96 7.39
CA PRO A 107 2.72 -25.61 7.34
C PRO A 107 3.54 -25.26 6.06
N GLU A 108 2.82 -24.76 5.03
CA GLU A 108 3.43 -24.22 3.78
C GLU A 108 4.47 -23.13 4.08
N LEU A 109 4.26 -22.39 5.20
CA LEU A 109 5.13 -21.25 5.62
C LEU A 109 6.57 -21.73 5.91
N SER A 110 6.71 -22.99 6.34
CA SER A 110 8.01 -23.58 6.69
C SER A 110 8.96 -23.64 5.46
N ASP A 111 8.39 -23.63 4.23
CA ASP A 111 9.17 -23.68 2.97
C ASP A 111 9.10 -22.35 2.20
N GLN A 112 7.95 -21.65 2.29
CA GLN A 112 7.66 -20.46 1.47
C GLN A 112 8.28 -19.19 2.10
N PRO A 113 8.46 -18.08 1.31
CA PRO A 113 8.86 -16.76 1.87
C PRO A 113 7.85 -16.17 2.89
N PRO A 114 8.31 -15.33 3.88
CA PRO A 114 7.43 -14.62 4.84
C PRO A 114 6.51 -13.57 4.16
N GLY A 115 5.43 -13.18 4.87
CA GLY A 115 4.39 -12.31 4.31
C GLY A 115 3.43 -13.08 3.42
N VAL A 116 2.61 -12.34 2.64
CA VAL A 116 1.76 -12.94 1.62
C VAL A 116 2.61 -13.37 0.44
N ILE A 117 2.43 -14.61 0.02
CA ILE A 117 2.92 -15.08 -1.28
C ILE A 117 1.70 -15.41 -2.13
N VAL A 118 1.83 -15.27 -3.43
CA VAL A 118 0.88 -15.87 -4.37
C VAL A 118 1.69 -16.82 -5.23
N VAL A 119 1.61 -18.11 -4.90
CA VAL A 119 2.35 -19.14 -5.64
C VAL A 119 1.42 -19.77 -6.70
N VAL A 120 1.86 -19.75 -7.96
CA VAL A 120 1.07 -20.29 -9.08
C VAL A 120 1.80 -21.48 -9.69
N THR A 121 1.08 -22.60 -9.82
CA THR A 121 1.56 -23.80 -10.50
C THR A 121 0.80 -23.91 -11.83
N GLY A 122 1.46 -23.52 -12.91
CA GLY A 122 0.86 -23.45 -14.24
C GLY A 122 1.78 -22.76 -15.25
N GLY A 1 -25.86 63.95 87.94
CA GLY A 1 -25.51 62.66 88.60
C GLY A 1 -24.77 61.72 87.65
N SER A 2 -25.11 60.42 87.72
CA SER A 2 -24.50 59.37 86.89
C SER A 2 -25.11 59.36 85.47
N SER A 3 -24.24 59.34 84.46
CA SER A 3 -24.63 59.26 83.04
C SER A 3 -23.61 58.37 82.31
N PRO A 4 -23.84 57.00 82.29
CA PRO A 4 -22.93 56.06 81.61
C PRO A 4 -23.08 56.13 80.07
N ASN A 5 -22.04 55.70 79.37
CA ASN A 5 -21.96 55.76 77.90
C ASN A 5 -21.03 54.65 77.38
N SER A 6 -21.42 54.08 76.23
CA SER A 6 -20.69 53.00 75.54
C SER A 6 -21.25 52.85 74.11
N GLU A 7 -20.80 53.74 73.19
CA GLU A 7 -21.21 53.72 71.76
C GLU A 7 -20.25 52.85 70.93
N ASP A 8 -19.42 52.03 71.62
CA ASP A 8 -18.40 51.16 71.02
C ASP A 8 -19.06 50.17 70.03
N ASP A 9 -19.78 49.17 70.57
CA ASP A 9 -20.51 48.13 69.81
C ASP A 9 -19.62 47.41 68.77
N SER A 10 -19.05 46.25 69.14
CA SER A 10 -18.16 45.46 68.27
C SER A 10 -18.76 44.06 68.01
N SER A 11 -19.36 43.91 66.83
CA SER A 11 -19.91 42.64 66.32
C SER A 11 -19.67 42.57 64.80
N ALA A 12 -18.65 41.79 64.39
CA ALA A 12 -18.27 41.66 62.98
C ALA A 12 -17.87 40.21 62.67
N ILE A 13 -18.20 39.77 61.45
CA ILE A 13 -17.78 38.47 60.90
C ILE A 13 -18.03 38.49 59.37
N SER A 14 -17.08 37.94 58.59
CA SER A 14 -17.20 37.88 57.13
C SER A 14 -16.60 36.56 56.63
N THR A 15 -17.32 35.89 55.70
CA THR A 15 -16.88 34.64 55.07
C THR A 15 -17.38 34.59 53.62
N MET A 16 -16.49 34.18 52.70
CA MET A 16 -16.84 33.96 51.28
C MET A 16 -15.75 33.09 50.63
N THR A 17 -16.18 32.17 49.75
CA THR A 17 -15.27 31.29 48.99
C THR A 17 -16.04 30.63 47.84
N THR A 18 -15.33 30.36 46.74
CA THR A 18 -15.85 29.68 45.54
C THR A 18 -14.64 29.27 44.67
N THR A 19 -14.75 28.15 43.96
CA THR A 19 -13.64 27.63 43.14
C THR A 19 -14.16 26.66 42.05
N THR A 20 -13.48 26.64 40.89
CA THR A 20 -13.81 25.76 39.77
C THR A 20 -12.58 25.62 38.85
N ALA A 21 -12.36 24.40 38.32
CA ALA A 21 -11.25 24.11 37.40
C ALA A 21 -11.50 22.78 36.67
N ALA A 22 -11.29 22.77 35.35
CA ALA A 22 -11.34 21.53 34.53
C ALA A 22 -10.31 21.65 33.39
N PRO A 23 -9.15 20.91 33.46
CA PRO A 23 -8.19 20.81 32.34
C PRO A 23 -8.52 19.61 31.42
N THR A 24 -8.00 19.65 30.19
CA THR A 24 -8.21 18.58 29.20
C THR A 24 -7.08 18.59 28.14
N SER A 25 -6.82 17.42 27.55
CA SER A 25 -5.85 17.27 26.45
C SER A 25 -6.24 16.06 25.57
N THR A 26 -5.62 15.95 24.39
CA THR A 26 -5.86 14.85 23.44
C THR A 26 -4.53 14.45 22.78
N SER A 27 -4.35 13.15 22.51
CA SER A 27 -3.17 12.61 21.84
C SER A 27 -3.58 11.37 21.01
N VAL A 28 -4.11 11.62 19.80
CA VAL A 28 -4.66 10.58 18.90
C VAL A 28 -3.54 9.63 18.39
N LYS A 29 -3.84 8.33 18.33
CA LYS A 29 -2.89 7.28 17.90
C LYS A 29 -3.44 6.59 16.64
N PRO A 30 -2.92 6.92 15.41
CA PRO A 30 -3.33 6.24 14.14
C PRO A 30 -2.80 4.79 14.04
N ALA A 31 -3.37 4.04 13.10
CA ALA A 31 -3.01 2.62 12.84
C ALA A 31 -1.78 2.53 11.91
N ALA A 32 -1.02 1.43 12.02
CA ALA A 32 0.18 1.16 11.20
C ALA A 32 -0.22 0.42 9.90
N PRO A 33 0.06 0.98 8.68
CA PRO A 33 -0.25 0.32 7.40
C PRO A 33 0.75 -0.82 7.05
N ARG A 34 0.27 -1.82 6.29
CA ARG A 34 1.03 -3.02 5.95
C ARG A 34 0.33 -3.79 4.80
N ALA A 35 0.81 -3.56 3.57
CA ALA A 35 0.32 -4.26 2.37
C ALA A 35 1.51 -4.92 1.66
N GLU A 36 1.90 -6.10 2.15
CA GLU A 36 3.17 -6.76 1.74
C GLU A 36 2.86 -8.08 1.02
N VAL A 37 2.82 -8.01 -0.33
CA VAL A 37 2.49 -9.15 -1.20
C VAL A 37 3.71 -9.58 -2.05
N ARG A 38 3.80 -10.89 -2.33
CA ARG A 38 4.91 -11.49 -3.09
C ARG A 38 4.41 -12.75 -3.84
N VAL A 39 4.31 -12.67 -5.17
CA VAL A 39 3.80 -13.75 -6.03
C VAL A 39 4.92 -14.74 -6.41
N TYR A 40 4.70 -16.05 -6.15
CA TYR A 40 5.61 -17.14 -6.53
C TYR A 40 4.92 -18.14 -7.46
N ASN A 41 5.29 -18.11 -8.74
CA ASN A 41 4.76 -19.04 -9.75
C ASN A 41 5.75 -20.20 -9.95
N ILE A 42 5.25 -21.43 -10.06
CA ILE A 42 6.12 -22.63 -10.19
C ILE A 42 6.31 -23.05 -11.66
N SER A 43 5.50 -22.46 -12.54
CA SER A 43 5.48 -22.81 -13.97
C SER A 43 4.93 -21.62 -14.75
N GLY A 44 5.76 -21.08 -15.69
CA GLY A 44 5.52 -19.81 -16.39
C GLY A 44 4.08 -19.65 -16.92
N THR A 45 3.86 -20.12 -18.18
CA THR A 45 2.53 -20.22 -18.81
C THR A 45 1.71 -18.91 -18.76
N GLU A 46 1.08 -18.62 -17.61
CA GLU A 46 0.24 -17.44 -17.40
C GLU A 46 1.10 -16.23 -16.96
N GLY A 47 1.09 -15.17 -17.79
CA GLY A 47 1.73 -13.89 -17.43
C GLY A 47 1.00 -13.20 -16.27
N ALA A 48 -0.26 -13.63 -16.05
CA ALA A 48 -1.13 -13.21 -14.95
C ALA A 48 -0.44 -13.22 -13.57
N ALA A 49 0.51 -14.15 -13.39
CA ALA A 49 1.30 -14.27 -12.14
C ALA A 49 2.04 -12.97 -11.79
N ALA A 50 2.90 -12.50 -12.70
CA ALA A 50 3.65 -11.25 -12.51
C ALA A 50 2.73 -10.02 -12.67
N ARG A 51 1.64 -10.21 -13.43
CA ARG A 51 0.69 -9.14 -13.79
C ARG A 51 -0.12 -8.67 -12.57
N THR A 52 -0.38 -9.60 -11.62
CA THR A 52 -1.19 -9.28 -10.42
C THR A 52 -0.43 -8.26 -9.52
N ALA A 53 0.80 -8.62 -9.09
CA ALA A 53 1.63 -7.76 -8.20
C ALA A 53 2.07 -6.47 -8.92
N ASP A 54 2.14 -6.54 -10.27
CA ASP A 54 2.46 -5.41 -11.15
C ASP A 54 1.46 -4.25 -10.96
N ARG A 55 0.15 -4.56 -10.93
CA ARG A 55 -0.88 -3.51 -10.74
C ARG A 55 -0.78 -2.91 -9.34
N LEU A 56 -0.60 -3.79 -8.32
CA LEU A 56 -0.47 -3.37 -6.91
C LEU A 56 0.73 -2.42 -6.70
N LYS A 57 1.80 -2.61 -7.51
CA LYS A 57 2.99 -1.75 -7.49
C LYS A 57 2.61 -0.30 -7.85
N ALA A 58 1.79 -0.16 -8.90
CA ALA A 58 1.30 1.15 -9.38
C ALA A 58 0.12 1.66 -8.51
N ALA A 59 -0.53 0.75 -7.78
CA ALA A 59 -1.67 1.05 -6.90
C ALA A 59 -1.20 1.58 -5.53
N GLY A 60 0.13 1.47 -5.26
CA GLY A 60 0.74 2.03 -4.06
C GLY A 60 0.72 1.09 -2.87
N PHE A 61 1.02 -0.19 -3.12
CA PHE A 61 1.19 -1.22 -2.06
C PHE A 61 2.66 -1.27 -1.62
N THR A 62 2.89 -1.78 -0.39
CA THR A 62 4.18 -1.60 0.32
C THR A 62 5.28 -2.45 -0.32
N VAL A 63 4.95 -3.73 -0.49
CA VAL A 63 5.83 -4.75 -1.06
C VAL A 63 5.04 -5.46 -2.17
N THR A 64 5.62 -5.53 -3.37
CA THR A 64 5.04 -6.23 -4.52
C THR A 64 6.16 -6.92 -5.28
N ASP A 65 6.53 -8.12 -4.81
CA ASP A 65 7.61 -8.92 -5.43
C ASP A 65 7.03 -10.05 -6.27
N VAL A 66 7.85 -10.55 -7.21
CA VAL A 66 7.50 -11.67 -8.10
C VAL A 66 8.73 -12.59 -8.26
N GLY A 67 8.47 -13.89 -8.42
CA GLY A 67 9.54 -14.87 -8.61
C GLY A 67 8.97 -16.20 -9.10
N ASN A 68 9.65 -16.82 -10.08
CA ASN A 68 9.25 -18.14 -10.61
C ASN A 68 10.22 -19.21 -10.08
N LEU A 69 9.73 -20.05 -9.15
CA LEU A 69 10.55 -21.05 -8.47
C LEU A 69 9.69 -22.21 -7.94
N SER A 70 10.34 -23.34 -7.64
CA SER A 70 9.69 -24.53 -7.09
C SER A 70 9.85 -24.55 -5.57
N LEU A 71 8.72 -24.71 -4.86
CA LEU A 71 8.69 -24.92 -3.40
C LEU A 71 7.99 -26.27 -3.12
N PRO A 72 8.37 -27.00 -2.01
CA PRO A 72 7.78 -28.32 -1.68
C PRO A 72 6.35 -28.23 -1.09
N ASP A 73 5.87 -26.99 -0.89
CA ASP A 73 4.53 -26.69 -0.36
C ASP A 73 3.54 -26.28 -1.46
N VAL A 74 4.04 -26.13 -2.68
CA VAL A 74 3.22 -25.80 -3.85
C VAL A 74 2.42 -27.04 -4.30
N ALA A 75 1.09 -26.98 -4.14
CA ALA A 75 0.17 -28.08 -4.48
C ALA A 75 -0.80 -27.64 -5.58
N ALA A 76 -1.29 -26.40 -5.47
CA ALA A 76 -2.24 -25.79 -6.42
C ALA A 76 -2.08 -24.28 -6.39
N THR A 77 -2.54 -23.61 -7.48
CA THR A 77 -2.56 -22.14 -7.54
C THR A 77 -3.47 -21.59 -6.43
N THR A 78 -2.81 -21.14 -5.36
CA THR A 78 -3.46 -20.75 -4.13
C THR A 78 -2.61 -19.67 -3.43
N VAL A 79 -3.29 -18.74 -2.76
CA VAL A 79 -2.63 -17.66 -2.02
C VAL A 79 -2.48 -18.12 -0.57
N TYR A 80 -1.23 -18.31 -0.13
CA TYR A 80 -0.93 -18.70 1.25
C TYR A 80 -0.65 -17.40 2.03
N TYR A 81 -1.56 -17.05 2.96
CA TYR A 81 -1.52 -15.76 3.66
C TYR A 81 -1.40 -15.90 5.18
N THR A 82 -0.59 -15.01 5.76
CA THR A 82 -0.60 -14.71 7.19
C THR A 82 -1.70 -13.65 7.44
N GLU A 83 -2.27 -13.62 8.66
CA GLU A 83 -3.39 -12.70 9.00
C GLU A 83 -2.95 -11.57 9.95
N VAL A 84 -1.63 -11.32 10.03
CA VAL A 84 -1.08 -10.18 10.81
C VAL A 84 -1.47 -8.86 10.12
N GLU A 85 -2.05 -7.94 10.91
CA GLU A 85 -2.53 -6.62 10.45
C GLU A 85 -3.64 -6.76 9.38
N GLY A 86 -3.22 -6.99 8.13
CA GLY A 86 -4.13 -7.07 7.00
C GLY A 86 -3.48 -7.73 5.80
N GLU A 87 -2.57 -8.70 6.06
CA GLU A 87 -1.83 -9.42 5.00
C GLU A 87 -2.77 -10.34 4.20
N ARG A 88 -3.80 -10.87 4.86
CA ARG A 88 -4.82 -11.72 4.19
C ARG A 88 -5.75 -10.85 3.32
N ALA A 89 -5.95 -9.58 3.72
CA ALA A 89 -6.84 -8.64 3.01
C ALA A 89 -6.17 -8.15 1.71
N THR A 90 -4.87 -7.82 1.79
CA THR A 90 -4.08 -7.37 0.63
C THR A 90 -3.77 -8.57 -0.30
N ALA A 91 -3.82 -9.78 0.28
CA ALA A 91 -3.71 -11.06 -0.44
C ALA A 91 -4.97 -11.34 -1.27
N ASP A 92 -6.12 -11.08 -0.62
CA ASP A 92 -7.46 -11.33 -1.18
C ASP A 92 -7.69 -10.56 -2.48
N ALA A 93 -7.12 -9.35 -2.55
CA ALA A 93 -7.14 -8.51 -3.76
C ALA A 93 -6.51 -9.25 -4.96
N VAL A 94 -5.39 -9.92 -4.68
CA VAL A 94 -4.55 -10.59 -5.69
C VAL A 94 -5.17 -11.93 -6.13
N GLY A 95 -5.62 -12.75 -5.15
CA GLY A 95 -6.25 -14.04 -5.42
C GLY A 95 -7.55 -13.90 -6.22
N ARG A 96 -8.19 -12.74 -6.07
CA ARG A 96 -9.42 -12.38 -6.81
C ARG A 96 -9.07 -12.01 -8.27
N THR A 97 -8.02 -11.18 -8.43
CA THR A 97 -7.51 -10.78 -9.76
C THR A 97 -7.02 -12.00 -10.58
N LEU A 98 -6.34 -12.91 -9.87
CA LEU A 98 -5.73 -14.12 -10.46
C LEU A 98 -6.82 -15.18 -10.75
N GLY A 99 -7.87 -15.20 -9.92
CA GLY A 99 -8.95 -16.18 -10.04
C GLY A 99 -8.51 -17.55 -9.57
N ALA A 100 -7.82 -17.58 -8.42
CA ALA A 100 -7.25 -18.81 -7.82
C ALA A 100 -7.78 -19.00 -6.40
N ALA A 101 -7.40 -20.13 -5.78
CA ALA A 101 -7.81 -20.46 -4.41
C ALA A 101 -7.06 -19.56 -3.40
N VAL A 102 -7.55 -19.53 -2.16
CA VAL A 102 -6.91 -18.80 -1.03
C VAL A 102 -7.00 -19.70 0.23
N GLU A 103 -5.92 -19.71 1.03
CA GLU A 103 -5.86 -20.45 2.32
C GLU A 103 -4.81 -19.81 3.24
N LEU A 104 -4.75 -20.32 4.49
CA LEU A 104 -3.84 -19.79 5.53
C LEU A 104 -2.35 -20.07 5.19
N ARG A 105 -1.46 -19.62 6.10
CA ARG A 105 0.00 -19.70 5.92
C ARG A 105 0.61 -21.07 6.30
N LEU A 106 -0.23 -22.12 6.39
CA LEU A 106 0.25 -23.48 6.73
C LEU A 106 1.25 -24.01 5.65
N PRO A 107 0.97 -23.93 4.31
CA PRO A 107 1.97 -24.27 3.27
C PRO A 107 3.12 -23.25 3.24
N GLU A 108 2.77 -21.96 3.44
CA GLU A 108 3.73 -20.84 3.44
C GLU A 108 4.85 -21.04 4.49
N LEU A 109 4.49 -21.74 5.58
CA LEU A 109 5.37 -22.00 6.73
C LEU A 109 6.59 -22.89 6.35
N SER A 110 6.52 -23.59 5.21
CA SER A 110 7.61 -24.45 4.71
C SER A 110 8.84 -23.62 4.34
N ASP A 111 8.60 -22.51 3.63
CA ASP A 111 9.63 -21.50 3.31
C ASP A 111 9.81 -20.56 4.52
N GLN A 112 8.68 -20.32 5.21
CA GLN A 112 8.53 -19.36 6.31
C GLN A 112 9.11 -17.96 5.93
N PRO A 113 8.42 -17.22 5.01
CA PRO A 113 8.78 -15.84 4.65
C PRO A 113 7.98 -14.77 5.44
N PRO A 114 8.47 -13.48 5.47
CA PRO A 114 7.68 -12.35 5.98
C PRO A 114 6.86 -11.68 4.84
N GLY A 115 5.52 -11.64 4.97
CA GLY A 115 4.61 -11.17 3.91
C GLY A 115 3.86 -12.33 3.29
N VAL A 116 2.76 -12.04 2.59
CA VAL A 116 1.90 -13.07 1.98
C VAL A 116 2.46 -13.50 0.61
N ILE A 117 2.46 -14.84 0.36
CA ILE A 117 2.90 -15.39 -0.94
C ILE A 117 1.68 -15.87 -1.73
N VAL A 118 1.54 -15.33 -2.94
CA VAL A 118 0.50 -15.73 -3.89
C VAL A 118 1.11 -16.74 -4.83
N VAL A 119 0.80 -18.02 -4.63
CA VAL A 119 1.42 -19.10 -5.40
C VAL A 119 0.54 -19.45 -6.61
N VAL A 120 1.17 -19.47 -7.79
CA VAL A 120 0.53 -19.77 -9.07
C VAL A 120 1.11 -21.09 -9.59
N THR A 121 0.25 -21.95 -10.16
CA THR A 121 0.66 -23.21 -10.79
C THR A 121 0.24 -23.19 -12.26
N GLY A 122 1.21 -22.97 -13.16
CA GLY A 122 0.98 -23.03 -14.61
C GLY A 122 1.16 -24.44 -15.18
N GLY A 1 -25.52 95.93 -7.93
CA GLY A 1 -26.02 96.91 -6.94
C GLY A 1 -25.59 96.56 -5.53
N SER A 2 -26.40 96.98 -4.53
CA SER A 2 -26.15 96.70 -3.10
C SER A 2 -26.30 95.20 -2.81
N SER A 3 -25.17 94.53 -2.49
CA SER A 3 -25.13 93.06 -2.29
C SER A 3 -24.45 92.72 -0.94
N PRO A 4 -24.97 91.72 -0.17
CA PRO A 4 -24.39 91.33 1.14
C PRO A 4 -23.14 90.44 0.98
N ASN A 5 -22.66 89.86 2.11
CA ASN A 5 -21.47 88.99 2.13
C ASN A 5 -21.66 87.91 3.20
N SER A 6 -21.79 86.65 2.75
CA SER A 6 -21.87 85.46 3.63
C SER A 6 -20.50 84.77 3.63
N GLU A 7 -19.55 85.39 4.33
CA GLU A 7 -18.14 84.96 4.38
C GLU A 7 -17.88 84.01 5.59
N ASP A 8 -18.96 83.52 6.24
CA ASP A 8 -18.88 82.72 7.48
C ASP A 8 -18.03 81.46 7.30
N ASP A 9 -18.56 80.48 6.52
CA ASP A 9 -17.88 79.21 6.17
C ASP A 9 -17.59 78.34 7.42
N SER A 10 -18.24 77.17 7.52
CA SER A 10 -18.15 76.29 8.70
C SER A 10 -18.20 74.81 8.27
N SER A 11 -17.02 74.16 8.24
CA SER A 11 -16.89 72.72 7.93
C SER A 11 -15.54 72.20 8.48
N ALA A 12 -15.60 71.20 9.37
CA ALA A 12 -14.41 70.57 9.98
C ALA A 12 -14.79 69.22 10.59
N ILE A 13 -14.54 68.13 9.82
CA ILE A 13 -14.80 66.74 10.27
C ILE A 13 -13.77 65.79 9.61
N SER A 14 -13.13 64.97 10.44
CA SER A 14 -12.13 63.96 10.02
C SER A 14 -11.82 63.01 11.21
N THR A 15 -11.94 61.70 11.00
CA THR A 15 -11.70 60.68 12.04
C THR A 15 -11.17 59.39 11.41
N MET A 16 -10.56 58.53 12.24
CA MET A 16 -9.89 57.30 11.78
C MET A 16 -10.35 56.09 12.64
N THR A 17 -10.38 54.91 12.03
CA THR A 17 -10.67 53.65 12.73
C THR A 17 -9.99 52.47 12.00
N THR A 18 -9.82 51.37 12.72
CA THR A 18 -9.15 50.17 12.20
C THR A 18 -9.73 48.91 12.88
N THR A 19 -9.53 47.76 12.23
CA THR A 19 -9.95 46.45 12.74
C THR A 19 -9.20 45.35 11.97
N THR A 20 -9.28 44.11 12.47
CA THR A 20 -8.69 42.93 11.81
C THR A 20 -9.32 41.66 12.40
N ALA A 21 -9.54 40.65 11.53
CA ALA A 21 -10.09 39.35 11.91
C ALA A 21 -9.46 38.27 11.04
N ALA A 22 -9.02 37.17 11.67
CA ALA A 22 -8.37 36.04 10.98
C ALA A 22 -8.77 34.72 11.68
N PRO A 23 -9.36 33.73 10.96
CA PRO A 23 -9.65 32.39 11.51
C PRO A 23 -8.39 31.50 11.51
N THR A 24 -8.57 30.21 11.81
CA THR A 24 -7.49 29.22 11.79
C THR A 24 -7.97 27.93 11.12
N SER A 25 -7.03 27.09 10.68
CA SER A 25 -7.31 25.85 9.96
C SER A 25 -6.23 24.81 10.30
N THR A 26 -6.55 23.51 10.12
CA THR A 26 -5.63 22.41 10.43
C THR A 26 -5.84 21.25 9.43
N SER A 27 -4.85 20.33 9.37
CA SER A 27 -4.83 19.20 8.43
C SER A 27 -4.27 17.95 9.11
N VAL A 28 -4.47 16.78 8.50
CA VAL A 28 -4.01 15.48 9.02
C VAL A 28 -3.26 14.71 7.92
N LYS A 29 -2.32 13.84 8.35
CA LYS A 29 -1.51 13.01 7.45
C LYS A 29 -1.82 11.52 7.72
N PRO A 30 -2.44 10.77 6.74
CA PRO A 30 -2.66 9.30 6.85
C PRO A 30 -1.34 8.47 6.94
N ALA A 31 -1.46 7.17 7.23
CA ALA A 31 -0.29 6.25 7.33
C ALA A 31 -0.58 4.94 6.58
N ALA A 32 0.48 4.34 6.02
CA ALA A 32 0.38 3.08 5.23
C ALA A 32 0.71 1.85 6.12
N PRO A 33 -0.14 0.77 6.08
CA PRO A 33 0.14 -0.51 6.80
C PRO A 33 1.20 -1.37 6.07
N ARG A 34 1.65 -2.46 6.73
CA ARG A 34 2.64 -3.41 6.16
C ARG A 34 1.93 -4.49 5.32
N ALA A 35 2.51 -4.80 4.15
CA ALA A 35 1.95 -5.78 3.19
C ALA A 35 3.03 -6.21 2.17
N GLU A 36 3.74 -7.32 2.48
CA GLU A 36 4.72 -7.93 1.57
C GLU A 36 4.01 -8.89 0.62
N VAL A 37 3.59 -8.37 -0.54
CA VAL A 37 2.90 -9.18 -1.57
C VAL A 37 3.90 -9.63 -2.65
N ARG A 38 4.03 -10.94 -2.84
CA ARG A 38 5.11 -11.51 -3.63
C ARG A 38 4.62 -12.72 -4.45
N VAL A 39 4.96 -12.74 -5.75
CA VAL A 39 4.58 -13.81 -6.68
C VAL A 39 5.70 -14.85 -6.74
N TYR A 40 5.34 -16.14 -6.61
CA TYR A 40 6.25 -17.25 -6.90
C TYR A 40 5.57 -18.19 -7.91
N ASN A 41 6.01 -18.11 -9.17
CA ASN A 41 5.53 -18.99 -10.24
C ASN A 41 6.50 -20.15 -10.42
N ILE A 42 5.98 -21.38 -10.45
CA ILE A 42 6.82 -22.59 -10.51
C ILE A 42 6.86 -23.17 -11.94
N SER A 43 5.74 -23.08 -12.65
CA SER A 43 5.58 -23.66 -13.99
C SER A 43 5.75 -22.57 -15.06
N GLY A 44 6.22 -22.98 -16.26
CA GLY A 44 6.33 -22.08 -17.40
C GLY A 44 4.96 -21.70 -17.94
N THR A 45 4.37 -20.64 -17.37
CA THR A 45 3.03 -20.16 -17.72
C THR A 45 3.09 -18.66 -18.10
N GLU A 46 1.91 -18.05 -18.31
CA GLU A 46 1.76 -16.64 -18.75
C GLU A 46 2.12 -15.65 -17.61
N GLY A 47 2.20 -14.36 -17.99
CA GLY A 47 2.50 -13.27 -17.06
C GLY A 47 1.36 -12.93 -16.11
N ALA A 48 0.21 -13.64 -16.25
CA ALA A 48 -0.97 -13.51 -15.36
C ALA A 48 -0.61 -13.65 -13.86
N ALA A 49 0.42 -14.47 -13.60
CA ALA A 49 0.98 -14.65 -12.26
C ALA A 49 1.56 -13.34 -11.72
N ALA A 50 2.46 -12.73 -12.51
CA ALA A 50 3.15 -11.48 -12.13
C ALA A 50 2.20 -10.27 -12.21
N ARG A 51 1.12 -10.41 -13.00
CA ARG A 51 0.09 -9.38 -13.24
C ARG A 51 -0.65 -9.03 -11.93
N THR A 52 -0.74 -10.00 -11.01
CA THR A 52 -1.37 -9.79 -9.69
C THR A 52 -0.56 -8.75 -8.88
N ALA A 53 0.79 -8.86 -8.94
CA ALA A 53 1.70 -7.93 -8.28
C ALA A 53 1.66 -6.55 -8.96
N ASP A 54 1.61 -6.55 -10.32
CA ASP A 54 1.54 -5.32 -11.14
C ASP A 54 0.31 -4.46 -10.76
N ARG A 55 -0.81 -5.13 -10.49
CA ARG A 55 -2.08 -4.47 -10.17
C ARG A 55 -1.97 -3.69 -8.85
N LEU A 56 -1.49 -4.38 -7.80
CA LEU A 56 -1.33 -3.79 -6.44
C LEU A 56 -0.18 -2.78 -6.41
N LYS A 57 0.82 -2.99 -7.29
CA LYS A 57 1.98 -2.10 -7.43
C LYS A 57 1.52 -0.70 -7.87
N ALA A 58 0.59 -0.68 -8.84
CA ALA A 58 -0.04 0.55 -9.34
C ALA A 58 -1.06 1.10 -8.31
N ALA A 59 -1.71 0.18 -7.58
CA ALA A 59 -2.82 0.51 -6.65
C ALA A 59 -2.32 1.14 -5.33
N GLY A 60 -1.04 0.93 -4.96
CA GLY A 60 -0.48 1.47 -3.70
C GLY A 60 0.05 0.39 -2.76
N PHE A 61 0.88 -0.50 -3.32
CA PHE A 61 1.55 -1.60 -2.57
C PHE A 61 2.42 -1.07 -1.41
N THR A 62 2.68 -1.93 -0.41
CA THR A 62 3.68 -1.62 0.62
C THR A 62 5.04 -2.15 0.15
N VAL A 63 5.09 -3.48 -0.05
CA VAL A 63 6.27 -4.20 -0.56
C VAL A 63 5.76 -5.19 -1.63
N THR A 64 6.47 -5.29 -2.76
CA THR A 64 6.20 -6.29 -3.79
C THR A 64 7.49 -7.01 -4.19
N ASP A 65 7.34 -8.28 -4.52
CA ASP A 65 8.44 -9.13 -5.00
C ASP A 65 7.89 -10.09 -6.06
N VAL A 66 8.71 -10.43 -7.06
CA VAL A 66 8.33 -11.40 -8.11
C VAL A 66 9.49 -12.37 -8.33
N GLY A 67 9.17 -13.65 -8.51
CA GLY A 67 10.18 -14.67 -8.76
C GLY A 67 9.59 -15.94 -9.36
N ASN A 68 10.35 -16.56 -10.26
CA ASN A 68 10.02 -17.87 -10.86
C ASN A 68 10.99 -18.91 -10.29
N LEU A 69 10.49 -19.82 -9.44
CA LEU A 69 11.34 -20.74 -8.65
C LEU A 69 10.57 -22.04 -8.40
N SER A 70 11.32 -23.14 -8.30
CA SER A 70 10.77 -24.42 -7.90
C SER A 70 10.55 -24.44 -6.38
N LEU A 71 9.29 -24.21 -5.97
CA LEU A 71 8.85 -24.38 -4.57
C LEU A 71 8.41 -25.85 -4.39
N PRO A 72 9.17 -26.69 -3.63
CA PRO A 72 8.80 -28.11 -3.40
C PRO A 72 7.66 -28.27 -2.38
N ASP A 73 7.26 -27.15 -1.77
CA ASP A 73 6.25 -27.12 -0.70
C ASP A 73 4.85 -26.87 -1.27
N VAL A 74 4.76 -26.25 -2.46
CA VAL A 74 3.46 -26.03 -3.13
C VAL A 74 3.02 -27.31 -3.87
N ALA A 75 1.70 -27.52 -3.96
CA ALA A 75 1.09 -28.67 -4.65
C ALA A 75 -0.14 -28.26 -5.50
N ALA A 76 -0.53 -26.96 -5.41
CA ALA A 76 -1.65 -26.38 -6.19
C ALA A 76 -1.59 -24.84 -6.13
N THR A 77 -2.02 -24.17 -7.22
CA THR A 77 -2.01 -22.70 -7.34
C THR A 77 -2.97 -22.05 -6.30
N THR A 78 -2.37 -21.36 -5.31
CA THR A 78 -3.12 -20.75 -4.20
C THR A 78 -2.37 -19.49 -3.70
N VAL A 79 -3.13 -18.53 -3.14
CA VAL A 79 -2.59 -17.32 -2.50
C VAL A 79 -2.64 -17.52 -0.97
N TYR A 80 -1.48 -17.54 -0.31
CA TYR A 80 -1.39 -17.64 1.16
C TYR A 80 -1.07 -16.26 1.73
N TYR A 81 -1.57 -15.97 2.94
CA TYR A 81 -1.34 -14.67 3.59
C TYR A 81 -1.02 -14.82 5.09
N THR A 82 -0.57 -13.69 5.66
CA THR A 82 -0.36 -13.51 7.10
C THR A 82 -1.30 -12.37 7.55
N GLU A 83 -1.50 -12.19 8.88
CA GLU A 83 -2.46 -11.18 9.40
C GLU A 83 -1.77 -9.88 9.85
N VAL A 84 -0.56 -9.59 9.32
CA VAL A 84 0.19 -8.36 9.70
C VAL A 84 -0.56 -7.11 9.21
N GLU A 85 -1.31 -6.49 10.16
CA GLU A 85 -2.12 -5.28 9.95
C GLU A 85 -3.28 -5.53 8.96
N GLY A 86 -2.98 -5.54 7.66
CA GLY A 86 -4.00 -5.69 6.63
C GLY A 86 -3.53 -6.54 5.45
N GLU A 87 -2.56 -7.46 5.69
CA GLU A 87 -1.96 -8.27 4.60
C GLU A 87 -3.02 -9.18 3.95
N ARG A 88 -3.95 -9.71 4.77
CA ARG A 88 -4.99 -10.64 4.28
C ARG A 88 -6.03 -9.91 3.39
N ALA A 89 -6.29 -8.63 3.72
CA ALA A 89 -7.20 -7.77 2.94
C ALA A 89 -6.55 -7.37 1.60
N THR A 90 -5.21 -7.25 1.62
CA THR A 90 -4.39 -6.94 0.44
C THR A 90 -4.23 -8.21 -0.44
N ALA A 91 -4.20 -9.39 0.22
CA ALA A 91 -4.08 -10.71 -0.44
C ALA A 91 -5.37 -11.08 -1.16
N ASP A 92 -6.50 -10.66 -0.56
CA ASP A 92 -7.85 -10.86 -1.11
C ASP A 92 -7.92 -10.39 -2.57
N ALA A 93 -7.37 -9.18 -2.82
CA ALA A 93 -7.33 -8.55 -4.14
C ALA A 93 -6.55 -9.41 -5.16
N VAL A 94 -5.46 -10.03 -4.68
CA VAL A 94 -4.56 -10.84 -5.50
C VAL A 94 -5.22 -12.12 -6.01
N GLY A 95 -5.81 -12.89 -5.07
CA GLY A 95 -6.57 -14.09 -5.42
C GLY A 95 -7.79 -13.75 -6.26
N ARG A 96 -8.30 -12.53 -6.08
CA ARG A 96 -9.45 -12.01 -6.82
C ARG A 96 -9.00 -11.57 -8.24
N THR A 97 -7.69 -11.23 -8.40
CA THR A 97 -7.12 -10.88 -9.73
C THR A 97 -6.85 -12.15 -10.55
N LEU A 98 -6.14 -13.11 -9.95
CA LEU A 98 -5.75 -14.37 -10.61
C LEU A 98 -6.95 -15.33 -10.76
N GLY A 99 -7.94 -15.18 -9.86
CA GLY A 99 -9.07 -16.09 -9.78
C GLY A 99 -8.76 -17.30 -8.92
N ALA A 100 -7.70 -17.21 -8.09
CA ALA A 100 -7.26 -18.30 -7.20
C ALA A 100 -7.84 -18.10 -5.78
N ALA A 101 -7.82 -19.17 -4.99
CA ALA A 101 -8.30 -19.16 -3.60
C ALA A 101 -7.27 -18.49 -2.68
N VAL A 102 -7.73 -17.58 -1.80
CA VAL A 102 -6.89 -16.98 -0.74
C VAL A 102 -7.14 -17.72 0.59
N GLU A 103 -6.07 -17.98 1.33
CA GLU A 103 -6.14 -18.67 2.63
C GLU A 103 -4.92 -18.25 3.47
N LEU A 104 -4.94 -18.62 4.76
CA LEU A 104 -3.83 -18.31 5.69
C LEU A 104 -2.56 -19.09 5.26
N ARG A 105 -1.42 -18.80 5.93
CA ARG A 105 -0.09 -19.23 5.52
C ARG A 105 0.03 -20.73 5.18
N LEU A 106 -0.66 -21.59 5.97
CA LEU A 106 -0.64 -23.06 5.83
C LEU A 106 0.78 -23.66 6.10
N PRO A 107 0.88 -24.97 6.53
CA PRO A 107 2.17 -25.60 6.96
C PRO A 107 3.33 -25.49 5.93
N GLU A 108 3.00 -25.40 4.63
CA GLU A 108 4.00 -25.38 3.54
C GLU A 108 4.81 -24.07 3.48
N LEU A 109 4.23 -22.97 4.03
CA LEU A 109 4.92 -21.65 4.11
C LEU A 109 6.05 -21.65 5.20
N SER A 110 6.35 -22.84 5.75
CA SER A 110 7.51 -23.06 6.64
C SER A 110 8.82 -23.28 5.84
N ASP A 111 8.70 -23.45 4.50
CA ASP A 111 9.86 -23.73 3.60
C ASP A 111 10.38 -22.48 2.87
N GLN A 112 9.57 -21.41 2.81
CA GLN A 112 9.92 -20.17 2.07
C GLN A 112 9.35 -18.92 2.81
N PRO A 113 9.89 -17.66 2.55
CA PRO A 113 9.61 -16.44 3.36
C PRO A 113 8.09 -16.12 3.59
N PRO A 114 7.64 -15.97 4.89
CA PRO A 114 6.24 -15.57 5.25
C PRO A 114 5.78 -14.21 4.66
N GLY A 115 4.46 -14.07 4.49
CA GLY A 115 3.83 -12.84 3.98
C GLY A 115 2.63 -13.19 3.14
N VAL A 116 2.31 -12.36 2.12
CA VAL A 116 1.36 -12.72 1.08
C VAL A 116 2.13 -13.29 -0.10
N ILE A 117 2.08 -14.62 -0.28
CA ILE A 117 2.65 -15.27 -1.46
C ILE A 117 1.50 -15.73 -2.35
N VAL A 118 1.48 -15.29 -3.61
CA VAL A 118 0.64 -15.90 -4.63
C VAL A 118 1.53 -16.89 -5.39
N VAL A 119 1.38 -18.17 -5.04
CA VAL A 119 2.17 -19.24 -5.68
C VAL A 119 1.32 -19.92 -6.76
N VAL A 120 1.82 -19.87 -8.01
CA VAL A 120 1.10 -20.32 -9.20
C VAL A 120 1.73 -21.60 -9.76
N THR A 121 0.89 -22.62 -9.97
CA THR A 121 1.24 -23.88 -10.63
C THR A 121 0.50 -23.93 -11.98
N GLY A 122 1.06 -24.66 -12.96
CA GLY A 122 0.43 -24.80 -14.28
C GLY A 122 -0.43 -26.08 -14.40
N GLY A 1 -57.06 54.18 72.92
CA GLY A 1 -55.80 54.61 72.25
C GLY A 1 -55.99 54.84 70.76
N SER A 2 -55.33 54.01 69.94
CA SER A 2 -55.41 54.09 68.46
C SER A 2 -54.92 52.77 67.83
N SER A 3 -55.29 52.55 66.56
CA SER A 3 -54.94 51.33 65.80
C SER A 3 -53.48 51.40 65.29
N PRO A 4 -52.60 50.39 65.62
CA PRO A 4 -51.16 50.39 65.18
C PRO A 4 -51.00 50.21 63.65
N ASN A 5 -49.95 50.82 63.09
CA ASN A 5 -49.58 50.71 61.67
C ASN A 5 -48.43 49.69 61.52
N SER A 6 -48.66 48.65 60.70
CA SER A 6 -47.66 47.61 60.40
C SER A 6 -47.17 47.81 58.96
N GLU A 7 -46.19 48.71 58.79
CA GLU A 7 -45.66 49.10 57.45
C GLU A 7 -44.61 48.07 56.93
N ASP A 8 -44.28 47.06 57.77
CA ASP A 8 -43.30 46.00 57.45
C ASP A 8 -43.70 45.27 56.16
N ASP A 9 -44.94 44.76 56.16
CA ASP A 9 -45.61 44.11 55.01
C ASP A 9 -44.76 42.94 54.43
N SER A 10 -43.86 43.26 53.45
CA SER A 10 -42.95 42.31 52.78
C SER A 10 -42.21 43.04 51.65
N SER A 11 -40.98 42.59 51.35
CA SER A 11 -40.18 43.10 50.24
C SER A 11 -39.15 42.03 49.84
N ALA A 12 -39.31 41.44 48.65
CA ALA A 12 -38.47 40.33 48.18
C ALA A 12 -38.37 40.32 46.65
N ILE A 13 -37.17 40.02 46.14
CA ILE A 13 -36.92 39.84 44.70
C ILE A 13 -35.76 38.84 44.51
N SER A 14 -35.98 37.81 43.67
CA SER A 14 -34.97 36.78 43.37
C SER A 14 -35.07 36.38 41.88
N THR A 15 -34.12 36.90 41.07
CA THR A 15 -34.01 36.58 39.63
C THR A 15 -32.59 36.11 39.33
N MET A 16 -32.45 35.11 38.46
CA MET A 16 -31.14 34.55 38.06
C MET A 16 -31.13 34.32 36.54
N THR A 17 -29.92 34.11 36.00
CA THR A 17 -29.70 33.83 34.56
C THR A 17 -28.98 32.47 34.42
N THR A 18 -29.28 31.76 33.34
CA THR A 18 -28.80 30.38 33.10
C THR A 18 -28.08 30.29 31.74
N THR A 19 -26.96 29.55 31.71
CA THR A 19 -26.17 29.29 30.47
C THR A 19 -26.05 27.76 30.25
N THR A 20 -25.44 27.36 29.11
CA THR A 20 -25.28 25.94 28.73
C THR A 20 -24.13 25.79 27.71
N ALA A 21 -23.78 24.53 27.38
CA ALA A 21 -22.69 24.20 26.43
C ALA A 21 -23.08 22.99 25.55
N ALA A 22 -22.75 23.08 24.26
CA ALA A 22 -22.99 22.01 23.26
C ALA A 22 -21.71 21.13 23.09
N PRO A 23 -21.83 19.85 22.59
CA PRO A 23 -20.64 18.98 22.30
C PRO A 23 -19.82 19.48 21.07
N THR A 24 -18.66 18.85 20.82
CA THR A 24 -17.83 19.13 19.63
C THR A 24 -17.30 17.80 19.04
N SER A 25 -17.12 17.76 17.71
CA SER A 25 -16.69 16.56 16.96
C SER A 25 -15.27 16.76 16.40
N THR A 26 -14.32 15.96 16.87
CA THR A 26 -12.96 15.88 16.31
C THR A 26 -12.92 14.78 15.22
N SER A 27 -12.42 15.13 14.03
CA SER A 27 -12.25 14.18 12.92
C SER A 27 -11.07 13.20 13.19
N VAL A 28 -11.13 12.01 12.57
CA VAL A 28 -10.05 11.01 12.63
C VAL A 28 -9.71 10.57 11.21
N LYS A 29 -8.41 10.35 10.93
CA LYS A 29 -7.93 9.92 9.60
C LYS A 29 -8.08 8.39 9.45
N PRO A 30 -8.31 7.87 8.20
CA PRO A 30 -8.41 6.41 7.94
C PRO A 30 -7.02 5.74 7.83
N ALA A 31 -7.02 4.39 7.81
CA ALA A 31 -5.78 3.59 7.74
C ALA A 31 -6.05 2.23 7.07
N ALA A 32 -4.96 1.54 6.65
CA ALA A 32 -5.01 0.24 5.98
C ALA A 32 -3.60 -0.40 5.96
N PRO A 33 -3.40 -1.62 6.55
CA PRO A 33 -2.07 -2.29 6.53
C PRO A 33 -1.78 -2.95 5.15
N ARG A 34 -0.62 -2.62 4.59
CA ARG A 34 -0.14 -3.15 3.30
C ARG A 34 1.14 -3.95 3.56
N ALA A 35 1.02 -5.28 3.55
CA ALA A 35 2.14 -6.19 3.85
C ALA A 35 3.01 -6.44 2.61
N GLU A 36 4.04 -7.28 2.82
CA GLU A 36 4.97 -7.68 1.77
C GLU A 36 4.29 -8.73 0.89
N VAL A 37 3.90 -8.33 -0.34
CA VAL A 37 3.29 -9.26 -1.31
C VAL A 37 4.40 -9.77 -2.23
N ARG A 38 4.39 -11.08 -2.51
CA ARG A 38 5.43 -11.72 -3.32
C ARG A 38 4.85 -12.89 -4.14
N VAL A 39 4.87 -12.74 -5.48
CA VAL A 39 4.23 -13.66 -6.44
C VAL A 39 5.28 -14.62 -7.02
N TYR A 40 5.11 -15.93 -6.74
CA TYR A 40 6.05 -16.98 -7.16
C TYR A 40 5.36 -17.95 -8.13
N ASN A 41 5.83 -17.97 -9.36
CA ASN A 41 5.33 -18.84 -10.42
C ASN A 41 6.10 -20.16 -10.42
N ILE A 42 5.42 -21.27 -10.10
CA ILE A 42 6.05 -22.60 -10.18
C ILE A 42 6.03 -23.12 -11.63
N SER A 43 4.84 -23.15 -12.27
CA SER A 43 4.68 -23.66 -13.65
C SER A 43 3.90 -22.67 -14.54
N GLY A 44 3.63 -21.47 -14.00
CA GLY A 44 3.00 -20.40 -14.79
C GLY A 44 4.04 -19.64 -15.61
N THR A 45 4.99 -19.03 -14.86
CA THR A 45 6.21 -18.33 -15.36
C THR A 45 5.97 -17.41 -16.60
N GLU A 46 4.76 -16.83 -16.68
CA GLU A 46 4.34 -15.97 -17.79
C GLU A 46 3.67 -14.69 -17.23
N GLY A 47 3.72 -13.61 -18.03
CA GLY A 47 3.27 -12.27 -17.63
C GLY A 47 1.79 -12.19 -17.25
N ALA A 48 0.98 -13.15 -17.72
CA ALA A 48 -0.47 -13.21 -17.41
C ALA A 48 -0.70 -13.40 -15.89
N ALA A 49 0.22 -14.15 -15.24
CA ALA A 49 0.18 -14.40 -13.79
C ALA A 49 0.81 -13.24 -13.01
N ALA A 50 1.96 -12.75 -13.53
CA ALA A 50 2.69 -11.62 -12.93
C ALA A 50 1.85 -10.31 -12.94
N ARG A 51 0.83 -10.27 -13.82
CA ARG A 51 -0.09 -9.13 -13.99
C ARG A 51 -0.86 -8.79 -12.70
N THR A 52 -1.09 -9.80 -11.83
CA THR A 52 -1.79 -9.59 -10.57
C THR A 52 -0.92 -8.75 -9.58
N ALA A 53 0.43 -8.85 -9.70
CA ALA A 53 1.39 -8.02 -8.95
C ALA A 53 1.61 -6.65 -9.62
N ASP A 54 1.49 -6.64 -10.96
CA ASP A 54 1.71 -5.46 -11.81
C ASP A 54 0.73 -4.34 -11.43
N ARG A 55 -0.57 -4.65 -11.47
CA ARG A 55 -1.63 -3.67 -11.21
C ARG A 55 -1.75 -3.39 -9.71
N LEU A 56 -1.30 -4.36 -8.90
CA LEU A 56 -1.23 -4.25 -7.43
C LEU A 56 -0.26 -3.13 -7.01
N LYS A 57 0.87 -3.06 -7.74
CA LYS A 57 1.90 -2.03 -7.54
C LYS A 57 1.28 -0.64 -7.82
N ALA A 58 0.52 -0.58 -8.93
CA ALA A 58 -0.17 0.66 -9.38
C ALA A 58 -1.42 0.97 -8.53
N ALA A 59 -1.84 0.02 -7.69
CA ALA A 59 -2.95 0.21 -6.74
C ALA A 59 -2.44 0.88 -5.43
N GLY A 60 -1.10 0.92 -5.25
CA GLY A 60 -0.49 1.64 -4.13
C GLY A 60 0.06 0.73 -3.03
N PHE A 61 0.21 -0.57 -3.33
CA PHE A 61 0.76 -1.56 -2.37
C PHE A 61 2.29 -1.40 -2.25
N THR A 62 2.86 -1.89 -1.13
CA THR A 62 4.21 -1.51 -0.69
C THR A 62 5.28 -2.37 -1.39
N VAL A 63 5.21 -3.68 -1.16
CA VAL A 63 6.19 -4.64 -1.68
C VAL A 63 5.50 -5.60 -2.65
N THR A 64 6.08 -5.76 -3.84
CA THR A 64 5.59 -6.67 -4.89
C THR A 64 6.81 -7.37 -5.51
N ASP A 65 7.27 -8.46 -4.88
CA ASP A 65 8.49 -9.18 -5.30
C ASP A 65 8.07 -10.41 -6.09
N VAL A 66 8.58 -10.56 -7.31
CA VAL A 66 8.17 -11.64 -8.21
C VAL A 66 9.35 -12.56 -8.53
N GLY A 67 9.05 -13.83 -8.79
CA GLY A 67 10.04 -14.83 -9.13
C GLY A 67 9.40 -16.11 -9.61
N ASN A 68 10.16 -16.95 -10.29
CA ASN A 68 9.72 -18.28 -10.76
C ASN A 68 10.50 -19.37 -10.01
N LEU A 69 9.79 -20.11 -9.12
CA LEU A 69 10.42 -21.06 -8.17
C LEU A 69 9.51 -22.26 -7.97
N SER A 70 10.11 -23.47 -7.96
CA SER A 70 9.43 -24.71 -7.59
C SER A 70 9.34 -24.80 -6.06
N LEU A 71 8.16 -24.45 -5.51
CA LEU A 71 7.92 -24.45 -4.05
C LEU A 71 7.29 -25.80 -3.64
N PRO A 72 7.68 -26.40 -2.46
CA PRO A 72 7.09 -27.67 -1.97
C PRO A 72 5.71 -27.49 -1.29
N ASP A 73 5.31 -26.23 -1.04
CA ASP A 73 4.05 -25.88 -0.37
C ASP A 73 2.89 -25.79 -1.37
N VAL A 74 3.22 -25.53 -2.64
CA VAL A 74 2.24 -25.44 -3.73
C VAL A 74 2.03 -26.82 -4.40
N ALA A 75 0.78 -27.10 -4.71
CA ALA A 75 0.38 -28.22 -5.58
C ALA A 75 -0.77 -27.79 -6.51
N ALA A 76 -1.20 -26.52 -6.37
CA ALA A 76 -2.28 -25.89 -7.15
C ALA A 76 -2.18 -24.35 -6.98
N THR A 77 -2.72 -23.59 -7.95
CA THR A 77 -2.66 -22.12 -7.95
C THR A 77 -3.42 -21.54 -6.73
N THR A 78 -2.66 -20.99 -5.76
CA THR A 78 -3.19 -20.55 -4.46
C THR A 78 -2.47 -19.28 -3.99
N VAL A 79 -3.23 -18.38 -3.35
CA VAL A 79 -2.70 -17.17 -2.74
C VAL A 79 -2.68 -17.35 -1.22
N TYR A 80 -1.48 -17.42 -0.64
CA TYR A 80 -1.29 -17.69 0.80
C TYR A 80 -1.08 -16.36 1.53
N TYR A 81 -1.88 -16.08 2.55
CA TYR A 81 -1.74 -14.88 3.40
C TYR A 81 -1.27 -15.27 4.79
N THR A 82 -0.35 -14.45 5.35
CA THR A 82 0.09 -14.57 6.74
C THR A 82 -0.95 -13.83 7.65
N GLU A 83 -0.61 -13.50 8.92
CA GLU A 83 -1.62 -13.20 9.96
C GLU A 83 -1.25 -11.98 10.82
N VAL A 84 -0.26 -11.18 10.39
CA VAL A 84 0.13 -9.96 11.13
C VAL A 84 -0.94 -8.86 10.91
N GLU A 85 -1.73 -8.59 11.98
CA GLU A 85 -2.93 -7.70 11.98
C GLU A 85 -4.01 -8.22 11.01
N GLY A 86 -3.79 -7.98 9.71
CA GLY A 86 -4.73 -8.39 8.68
C GLY A 86 -4.08 -8.44 7.32
N GLU A 87 -3.00 -9.27 7.23
CA GLU A 87 -2.33 -9.57 5.94
C GLU A 87 -3.25 -10.28 4.94
N ARG A 88 -4.36 -10.84 5.46
CA ARG A 88 -5.41 -11.42 4.62
C ARG A 88 -5.93 -10.39 3.61
N ALA A 89 -6.08 -9.12 4.05
CA ALA A 89 -6.64 -8.03 3.22
C ALA A 89 -5.78 -7.75 1.97
N THR A 90 -4.45 -7.68 2.14
CA THR A 90 -3.52 -7.32 1.06
C THR A 90 -3.41 -8.46 0.01
N ALA A 91 -3.52 -9.73 0.48
CA ALA A 91 -3.50 -10.93 -0.39
C ALA A 91 -4.87 -11.18 -1.06
N ASP A 92 -5.94 -10.78 -0.36
CA ASP A 92 -7.34 -10.90 -0.81
C ASP A 92 -7.55 -10.08 -2.09
N ALA A 93 -6.98 -8.87 -2.11
CA ALA A 93 -7.03 -7.96 -3.26
C ALA A 93 -6.31 -8.56 -4.49
N VAL A 94 -5.33 -9.46 -4.24
CA VAL A 94 -4.55 -10.12 -5.29
C VAL A 94 -5.32 -11.31 -5.87
N GLY A 95 -5.66 -12.27 -4.99
CA GLY A 95 -6.22 -13.57 -5.38
C GLY A 95 -7.54 -13.46 -6.11
N ARG A 96 -8.29 -12.41 -5.78
CA ARG A 96 -9.61 -12.15 -6.39
C ARG A 96 -9.46 -11.52 -7.79
N THR A 97 -8.32 -10.84 -8.03
CA THR A 97 -7.96 -10.32 -9.38
C THR A 97 -7.44 -11.47 -10.26
N LEU A 98 -6.51 -12.26 -9.69
CA LEU A 98 -5.84 -13.37 -10.39
C LEU A 98 -6.81 -14.52 -10.67
N GLY A 99 -7.79 -14.71 -9.78
CA GLY A 99 -8.72 -15.84 -9.86
C GLY A 99 -8.13 -17.10 -9.25
N ALA A 100 -7.32 -16.94 -8.19
CA ALA A 100 -6.74 -18.04 -7.40
C ALA A 100 -7.29 -17.95 -5.96
N ALA A 101 -7.60 -19.12 -5.37
CA ALA A 101 -8.23 -19.21 -4.05
C ALA A 101 -7.25 -18.78 -2.94
N VAL A 102 -7.73 -17.89 -2.05
CA VAL A 102 -6.95 -17.36 -0.93
C VAL A 102 -7.08 -18.31 0.30
N GLU A 103 -5.93 -18.83 0.77
CA GLU A 103 -5.83 -19.67 1.97
C GLU A 103 -4.78 -19.10 2.91
N LEU A 104 -4.89 -19.50 4.20
CA LEU A 104 -3.99 -19.04 5.26
C LEU A 104 -2.56 -19.59 5.08
N ARG A 105 -1.64 -19.03 5.88
CA ARG A 105 -0.19 -19.33 5.82
C ARG A 105 0.16 -20.82 6.07
N LEU A 106 -0.71 -21.53 6.83
CA LEU A 106 -0.60 -23.00 7.05
C LEU A 106 0.68 -23.42 7.84
N PRO A 107 0.82 -24.73 8.23
CA PRO A 107 2.12 -25.30 8.69
C PRO A 107 3.23 -25.18 7.61
N GLU A 108 2.81 -24.94 6.37
CA GLU A 108 3.70 -24.72 5.22
C GLU A 108 4.54 -23.43 5.34
N LEU A 109 4.17 -22.49 6.27
CA LEU A 109 4.90 -21.20 6.46
C LEU A 109 6.36 -21.48 6.89
N SER A 110 6.59 -22.67 7.49
CA SER A 110 7.94 -23.15 7.87
C SER A 110 8.94 -23.08 6.68
N ASP A 111 8.41 -23.27 5.46
CA ASP A 111 9.20 -23.19 4.21
C ASP A 111 8.86 -21.90 3.41
N GLN A 112 7.59 -21.44 3.51
CA GLN A 112 7.08 -20.31 2.70
C GLN A 112 7.82 -19.01 3.06
N PRO A 113 8.26 -18.21 2.03
CA PRO A 113 8.94 -16.91 2.23
C PRO A 113 8.07 -15.88 3.04
N PRO A 114 8.72 -14.99 3.86
CA PRO A 114 8.01 -14.02 4.76
C PRO A 114 7.04 -13.09 4.01
N GLY A 115 5.80 -12.98 4.52
CA GLY A 115 4.74 -12.18 3.87
C GLY A 115 3.83 -13.06 3.05
N VAL A 116 2.84 -12.45 2.39
CA VAL A 116 1.84 -13.19 1.60
C VAL A 116 2.47 -13.66 0.27
N ILE A 117 2.42 -14.99 0.00
CA ILE A 117 3.01 -15.56 -1.22
C ILE A 117 1.89 -16.00 -2.19
N VAL A 118 1.82 -15.31 -3.33
CA VAL A 118 0.86 -15.62 -4.37
C VAL A 118 1.53 -16.59 -5.34
N VAL A 119 1.23 -17.89 -5.24
CA VAL A 119 1.94 -18.92 -6.02
C VAL A 119 1.03 -19.47 -7.14
N VAL A 120 1.54 -19.41 -8.38
CA VAL A 120 0.76 -19.68 -9.61
C VAL A 120 1.34 -20.87 -10.39
N THR A 121 0.43 -21.72 -10.90
CA THR A 121 0.77 -22.81 -11.83
C THR A 121 -0.16 -22.70 -13.07
N GLY A 122 0.44 -22.77 -14.28
CA GLY A 122 -0.29 -22.64 -15.55
C GLY A 122 -0.90 -21.24 -15.74
N GLY A 1 -76.38 61.37 15.84
CA GLY A 1 -75.57 62.61 15.94
C GLY A 1 -74.08 62.32 15.99
N SER A 2 -73.29 63.38 16.28
CA SER A 2 -71.83 63.28 16.42
C SER A 2 -71.44 62.46 17.66
N SER A 3 -71.07 61.18 17.43
CA SER A 3 -70.60 60.26 18.49
C SER A 3 -69.49 59.35 17.92
N PRO A 4 -68.28 59.93 17.58
CA PRO A 4 -67.11 59.15 17.10
C PRO A 4 -66.32 58.56 18.30
N ASN A 5 -66.49 57.26 18.53
CA ASN A 5 -65.82 56.54 19.63
C ASN A 5 -65.02 55.36 19.05
N SER A 6 -63.68 55.45 19.18
CA SER A 6 -62.75 54.43 18.64
C SER A 6 -61.97 53.77 19.80
N GLU A 7 -62.71 52.99 20.61
CA GLU A 7 -62.15 52.30 21.81
C GLU A 7 -61.48 50.96 21.43
N ASP A 8 -61.79 50.42 20.23
CA ASP A 8 -61.22 49.13 19.74
C ASP A 8 -59.74 49.28 19.35
N ASP A 9 -59.26 50.54 19.25
CA ASP A 9 -57.86 50.88 18.88
C ASP A 9 -56.84 50.21 19.84
N SER A 10 -56.22 49.11 19.36
CA SER A 10 -55.25 48.31 20.13
C SER A 10 -53.83 48.54 19.60
N SER A 11 -52.82 48.14 20.39
CA SER A 11 -51.40 48.26 20.04
C SER A 11 -50.78 46.84 19.85
N ALA A 12 -49.61 46.79 19.19
CA ALA A 12 -48.85 45.55 18.98
C ALA A 12 -47.35 45.85 19.03
N ILE A 13 -46.59 45.02 19.79
CA ILE A 13 -45.13 45.15 19.94
C ILE A 13 -44.47 43.76 19.87
N SER A 14 -43.56 43.58 18.90
CA SER A 14 -42.88 42.32 18.62
C SER A 14 -41.56 42.60 17.88
N THR A 15 -40.45 42.01 18.37
CA THR A 15 -39.13 42.09 17.74
C THR A 15 -38.35 40.80 18.05
N MET A 16 -38.05 40.02 17.00
CA MET A 16 -37.41 38.70 17.11
C MET A 16 -36.43 38.57 15.94
N THR A 17 -35.12 38.59 16.23
CA THR A 17 -34.07 38.47 15.22
C THR A 17 -32.92 37.57 15.74
N THR A 18 -32.69 36.46 15.02
CA THR A 18 -31.63 35.47 15.30
C THR A 18 -31.05 34.97 13.97
N THR A 19 -29.76 34.59 13.98
CA THR A 19 -29.05 34.01 12.82
C THR A 19 -28.08 32.93 13.32
N THR A 20 -27.78 31.93 12.46
CA THR A 20 -26.81 30.88 12.77
C THR A 20 -26.30 30.21 11.47
N ALA A 21 -25.10 29.64 11.56
CA ALA A 21 -24.45 28.89 10.47
C ALA A 21 -23.33 28.03 11.04
N ALA A 22 -22.96 26.97 10.30
CA ALA A 22 -21.85 26.07 10.69
C ALA A 22 -20.96 25.81 9.45
N PRO A 23 -19.71 26.39 9.40
CA PRO A 23 -18.74 26.13 8.31
C PRO A 23 -18.08 24.73 8.45
N THR A 24 -17.08 24.47 7.60
CA THR A 24 -16.35 23.18 7.57
C THR A 24 -15.12 23.30 6.66
N SER A 25 -14.04 22.58 7.02
CA SER A 25 -12.85 22.43 6.17
C SER A 25 -13.00 21.15 5.32
N THR A 26 -12.14 21.00 4.29
CA THR A 26 -12.18 19.86 3.36
C THR A 26 -10.76 19.28 3.14
N SER A 27 -10.66 17.94 3.14
CA SER A 27 -9.39 17.22 2.95
C SER A 27 -9.65 15.71 2.70
N VAL A 28 -8.72 15.05 1.98
CA VAL A 28 -8.84 13.63 1.60
C VAL A 28 -7.48 13.09 1.06
N LYS A 29 -6.81 12.21 1.84
CA LYS A 29 -5.58 11.48 1.40
C LYS A 29 -5.76 9.95 1.59
N PRO A 30 -5.68 9.12 0.50
CA PRO A 30 -5.67 7.64 0.63
C PRO A 30 -4.25 7.11 0.93
N ALA A 31 -4.11 6.35 2.02
CA ALA A 31 -2.81 5.81 2.46
C ALA A 31 -3.04 4.63 3.43
N ALA A 32 -2.74 3.41 2.96
CA ALA A 32 -2.80 2.18 3.78
C ALA A 32 -1.89 1.11 3.15
N PRO A 33 -0.55 1.11 3.49
CA PRO A 33 0.38 0.07 3.03
C PRO A 33 0.24 -1.24 3.87
N ARG A 34 0.08 -2.37 3.18
CA ARG A 34 -0.08 -3.70 3.81
C ARG A 34 1.29 -4.40 3.95
N ALA A 35 1.27 -5.72 4.20
CA ALA A 35 2.47 -6.55 4.14
C ALA A 35 2.98 -6.61 2.70
N GLU A 36 4.28 -6.88 2.56
CA GLU A 36 4.94 -6.99 1.26
C GLU A 36 4.40 -8.20 0.48
N VAL A 37 3.85 -7.91 -0.71
CA VAL A 37 3.19 -8.91 -1.56
C VAL A 37 4.21 -9.48 -2.55
N ARG A 38 4.09 -10.77 -2.86
CA ARG A 38 4.93 -11.44 -3.87
C ARG A 38 4.19 -12.60 -4.52
N VAL A 39 4.67 -13.03 -5.69
CA VAL A 39 4.10 -14.15 -6.46
C VAL A 39 5.22 -15.17 -6.75
N TYR A 40 5.01 -16.44 -6.35
CA TYR A 40 5.92 -17.55 -6.62
C TYR A 40 5.24 -18.55 -7.57
N ASN A 41 5.70 -18.58 -8.82
CA ASN A 41 5.29 -19.61 -9.77
C ASN A 41 6.08 -20.88 -9.44
N ILE A 42 5.38 -21.92 -8.98
CA ILE A 42 6.00 -23.24 -8.67
C ILE A 42 6.28 -23.99 -9.99
N SER A 43 5.31 -23.94 -10.90
CA SER A 43 5.40 -24.58 -12.22
C SER A 43 4.69 -23.69 -13.26
N GLY A 44 5.07 -23.82 -14.53
CA GLY A 44 4.42 -23.09 -15.64
C GLY A 44 5.08 -21.76 -15.95
N THR A 45 5.69 -21.12 -14.91
CA THR A 45 6.33 -19.77 -14.97
C THR A 45 5.52 -18.75 -15.80
N GLU A 46 4.45 -18.20 -15.20
CA GLU A 46 3.52 -17.29 -15.89
C GLU A 46 3.46 -15.94 -15.17
N GLY A 47 3.92 -14.89 -15.86
CA GLY A 47 3.93 -13.52 -15.34
C GLY A 47 2.58 -12.85 -15.41
N ALA A 48 1.63 -13.46 -16.16
CA ALA A 48 0.23 -12.97 -16.25
C ALA A 48 -0.47 -13.06 -14.88
N ALA A 49 -0.17 -14.14 -14.14
CA ALA A 49 -0.66 -14.33 -12.77
C ALA A 49 0.05 -13.36 -11.80
N ALA A 50 1.31 -13.05 -12.09
CA ALA A 50 2.13 -12.13 -11.27
C ALA A 50 1.78 -10.64 -11.56
N ARG A 51 1.19 -10.42 -12.75
CA ARG A 51 0.80 -9.10 -13.26
C ARG A 51 -0.32 -8.47 -12.40
N THR A 52 -1.14 -9.33 -11.79
CA THR A 52 -2.26 -8.91 -10.94
C THR A 52 -1.75 -8.13 -9.71
N ALA A 53 -0.71 -8.69 -9.04
CA ALA A 53 -0.04 -8.05 -7.90
C ALA A 53 0.81 -6.85 -8.36
N ASP A 54 1.31 -6.91 -9.62
CA ASP A 54 2.08 -5.81 -10.23
C ASP A 54 1.24 -4.54 -10.35
N ARG A 55 -0.10 -4.69 -10.49
CA ARG A 55 -1.04 -3.57 -10.52
C ARG A 55 -1.12 -2.88 -9.13
N LEU A 56 -1.05 -3.70 -8.06
CA LEU A 56 -1.09 -3.20 -6.67
C LEU A 56 0.13 -2.29 -6.35
N LYS A 57 1.22 -2.48 -7.11
CA LYS A 57 2.41 -1.59 -7.05
C LYS A 57 2.00 -0.12 -7.33
N ALA A 58 1.23 0.07 -8.41
CA ALA A 58 0.74 1.40 -8.83
C ALA A 58 -0.49 1.84 -8.01
N ALA A 59 -1.23 0.85 -7.46
CA ALA A 59 -2.42 1.08 -6.62
C ALA A 59 -2.05 1.61 -5.22
N GLY A 60 -0.77 1.43 -4.81
CA GLY A 60 -0.24 2.06 -3.58
C GLY A 60 0.04 1.07 -2.45
N PHE A 61 0.46 -0.14 -2.81
CA PHE A 61 0.85 -1.19 -1.86
C PHE A 61 2.39 -1.25 -1.74
N THR A 62 2.87 -1.79 -0.61
CA THR A 62 4.26 -1.61 -0.13
C THR A 62 5.31 -2.17 -1.12
N VAL A 63 5.42 -3.50 -1.17
CA VAL A 63 6.29 -4.23 -2.09
C VAL A 63 5.42 -5.18 -2.89
N THR A 64 5.77 -5.37 -4.17
CA THR A 64 5.12 -6.33 -5.07
C THR A 64 6.23 -7.00 -5.88
N ASP A 65 6.57 -8.23 -5.48
CA ASP A 65 7.71 -8.99 -6.00
C ASP A 65 7.21 -10.13 -6.91
N VAL A 66 8.02 -10.50 -7.91
CA VAL A 66 7.71 -11.57 -8.88
C VAL A 66 8.89 -12.55 -8.91
N GLY A 67 8.57 -13.85 -8.94
CA GLY A 67 9.57 -14.90 -9.12
C GLY A 67 8.94 -16.23 -9.48
N ASN A 68 9.74 -17.11 -10.07
CA ASN A 68 9.36 -18.51 -10.40
C ASN A 68 10.36 -19.46 -9.73
N LEU A 69 9.92 -20.11 -8.63
CA LEU A 69 10.80 -20.93 -7.77
C LEU A 69 10.15 -22.27 -7.47
N SER A 70 10.95 -23.34 -7.59
CA SER A 70 10.55 -24.68 -7.20
C SER A 70 10.83 -24.87 -5.70
N LEU A 71 9.78 -24.71 -4.87
CA LEU A 71 9.84 -24.93 -3.40
C LEU A 71 9.09 -26.25 -3.08
N PRO A 72 9.60 -27.07 -2.11
CA PRO A 72 9.08 -28.45 -1.88
C PRO A 72 7.73 -28.48 -1.15
N ASP A 73 7.39 -27.36 -0.50
CA ASP A 73 6.16 -27.21 0.31
C ASP A 73 5.02 -26.59 -0.50
N VAL A 74 5.35 -25.83 -1.56
CA VAL A 74 4.36 -25.26 -2.48
C VAL A 74 4.12 -26.22 -3.66
N ALA A 75 2.89 -26.22 -4.16
CA ALA A 75 2.44 -27.11 -5.24
C ALA A 75 1.11 -26.61 -5.82
N ALA A 76 0.22 -26.18 -4.91
CA ALA A 76 -1.15 -25.79 -5.25
C ALA A 76 -1.20 -24.31 -5.62
N THR A 77 -1.91 -23.97 -6.73
CA THR A 77 -2.15 -22.58 -7.11
C THR A 77 -3.22 -21.97 -6.17
N THR A 78 -2.72 -21.25 -5.18
CA THR A 78 -3.53 -20.56 -4.16
C THR A 78 -2.73 -19.36 -3.61
N VAL A 79 -3.44 -18.34 -3.09
CA VAL A 79 -2.82 -17.16 -2.48
C VAL A 79 -2.72 -17.38 -0.96
N TYR A 80 -1.49 -17.43 -0.44
CA TYR A 80 -1.22 -17.80 0.95
C TYR A 80 -0.78 -16.60 1.80
N TYR A 81 -1.40 -16.47 3.00
CA TYR A 81 -1.19 -15.32 3.92
C TYR A 81 -1.24 -15.79 5.39
N THR A 82 -1.12 -14.85 6.35
CA THR A 82 -1.47 -15.10 7.76
C THR A 82 -2.16 -13.86 8.36
N GLU A 83 -1.39 -12.92 8.98
CA GLU A 83 -1.99 -11.79 9.77
C GLU A 83 -1.27 -10.44 9.59
N VAL A 84 0.01 -10.50 9.17
CA VAL A 84 0.94 -9.33 9.16
C VAL A 84 0.39 -8.16 8.30
N GLU A 85 0.13 -7.00 8.94
CA GLU A 85 -0.34 -5.75 8.29
C GLU A 85 -1.59 -5.95 7.39
N GLY A 86 -2.39 -6.98 7.71
CA GLY A 86 -3.56 -7.33 6.93
C GLY A 86 -3.19 -7.96 5.59
N GLU A 87 -2.42 -9.07 5.66
CA GLU A 87 -2.02 -9.86 4.47
C GLU A 87 -3.24 -10.26 3.61
N ARG A 88 -4.31 -10.73 4.28
CA ARG A 88 -5.54 -11.23 3.63
C ARG A 88 -6.29 -10.13 2.86
N ALA A 89 -6.10 -8.86 3.28
CA ALA A 89 -6.75 -7.70 2.64
C ALA A 89 -6.20 -7.51 1.21
N THR A 90 -4.86 -7.53 1.09
CA THR A 90 -4.16 -7.37 -0.19
C THR A 90 -4.11 -8.70 -0.98
N ALA A 91 -4.16 -9.84 -0.25
CA ALA A 91 -4.17 -11.20 -0.83
C ALA A 91 -5.48 -11.47 -1.57
N ASP A 92 -6.57 -10.93 -0.99
CA ASP A 92 -7.92 -11.00 -1.55
C ASP A 92 -7.95 -10.34 -2.92
N ALA A 93 -7.40 -9.10 -2.98
CA ALA A 93 -7.37 -8.28 -4.19
C ALA A 93 -6.65 -8.98 -5.36
N VAL A 94 -5.45 -9.53 -5.07
CA VAL A 94 -4.66 -10.26 -6.07
C VAL A 94 -5.40 -11.53 -6.54
N GLY A 95 -5.79 -12.35 -5.56
CA GLY A 95 -6.42 -13.64 -5.82
C GLY A 95 -7.78 -13.53 -6.49
N ARG A 96 -8.42 -12.37 -6.34
CA ARG A 96 -9.73 -12.09 -6.95
C ARG A 96 -9.51 -11.78 -8.44
N THR A 97 -8.42 -11.05 -8.73
CA THR A 97 -8.09 -10.58 -10.08
C THR A 97 -7.56 -11.72 -11.00
N LEU A 98 -6.81 -12.69 -10.42
CA LEU A 98 -6.32 -13.88 -11.19
C LEU A 98 -7.28 -15.08 -11.06
N GLY A 99 -8.16 -15.05 -10.05
CA GLY A 99 -9.22 -16.04 -9.90
C GLY A 99 -8.78 -17.34 -9.26
N ALA A 100 -8.14 -17.25 -8.08
CA ALA A 100 -7.77 -18.41 -7.25
C ALA A 100 -8.24 -18.19 -5.81
N ALA A 101 -8.19 -19.25 -5.00
CA ALA A 101 -8.61 -19.24 -3.60
C ALA A 101 -7.57 -18.54 -2.72
N VAL A 102 -7.95 -18.19 -1.48
CA VAL A 102 -7.06 -17.55 -0.50
C VAL A 102 -7.03 -18.41 0.81
N GLU A 103 -5.85 -18.97 1.12
CA GLU A 103 -5.61 -19.82 2.32
C GLU A 103 -4.44 -19.25 3.13
N LEU A 104 -4.20 -19.86 4.30
CA LEU A 104 -3.06 -19.54 5.16
C LEU A 104 -1.79 -20.25 4.66
N ARG A 105 -0.64 -19.61 4.89
CA ARG A 105 0.70 -20.09 4.47
C ARG A 105 1.33 -21.01 5.53
N LEU A 106 0.47 -21.70 6.31
CA LEU A 106 0.91 -22.63 7.36
C LEU A 106 1.63 -23.91 6.79
N PRO A 107 1.27 -24.48 5.56
CA PRO A 107 2.12 -25.52 4.91
C PRO A 107 3.39 -24.90 4.27
N GLU A 108 3.22 -23.66 3.75
CA GLU A 108 4.30 -22.85 3.13
C GLU A 108 5.26 -22.32 4.21
N LEU A 109 4.87 -22.47 5.48
CA LEU A 109 5.66 -22.06 6.65
C LEU A 109 6.93 -22.94 6.80
N SER A 110 6.99 -24.07 6.06
CA SER A 110 8.15 -24.98 6.04
C SER A 110 9.41 -24.26 5.52
N ASP A 111 9.24 -23.53 4.40
CA ASP A 111 10.29 -22.64 3.82
C ASP A 111 10.24 -21.28 4.54
N GLN A 112 9.02 -20.88 4.93
CA GLN A 112 8.72 -19.60 5.61
C GLN A 112 9.20 -18.38 4.76
N PRO A 113 8.47 -18.05 3.66
CA PRO A 113 8.74 -16.84 2.87
C PRO A 113 8.04 -15.58 3.49
N PRO A 114 8.78 -14.43 3.63
CA PRO A 114 8.22 -13.16 4.19
C PRO A 114 7.01 -12.60 3.42
N GLY A 115 6.16 -11.85 4.15
CA GLY A 115 4.98 -11.20 3.58
C GLY A 115 3.94 -12.17 3.05
N VAL A 116 2.97 -11.64 2.29
CA VAL A 116 1.94 -12.46 1.65
C VAL A 116 2.44 -12.95 0.28
N ILE A 117 2.29 -14.25 0.03
CA ILE A 117 2.75 -14.91 -1.20
C ILE A 117 1.54 -15.37 -2.02
N VAL A 118 1.72 -15.40 -3.34
CA VAL A 118 0.74 -15.90 -4.29
C VAL A 118 1.40 -17.03 -5.07
N VAL A 119 1.06 -18.27 -4.73
CA VAL A 119 1.68 -19.44 -5.38
C VAL A 119 0.79 -19.87 -6.54
N VAL A 120 1.39 -19.94 -7.75
CA VAL A 120 0.66 -20.29 -8.98
C VAL A 120 1.41 -21.40 -9.72
N THR A 121 0.67 -22.45 -10.09
CA THR A 121 1.16 -23.50 -11.01
C THR A 121 0.49 -23.32 -12.39
N GLY A 122 1.15 -23.83 -13.44
CA GLY A 122 0.65 -23.76 -14.82
C GLY A 122 -0.27 -24.94 -15.15
N GLY A 1 -47.88 90.76 -18.29
CA GLY A 1 -47.88 89.32 -18.65
C GLY A 1 -47.19 88.48 -17.60
N SER A 2 -46.81 87.24 -17.98
CA SER A 2 -46.15 86.28 -17.08
C SER A 2 -45.61 85.08 -17.87
N SER A 3 -44.70 84.32 -17.22
CA SER A 3 -44.12 83.09 -17.78
C SER A 3 -43.77 82.12 -16.62
N PRO A 4 -43.96 80.77 -16.81
CA PRO A 4 -43.61 79.76 -15.77
C PRO A 4 -42.08 79.63 -15.57
N ASN A 5 -41.66 79.47 -14.30
CA ASN A 5 -40.24 79.32 -13.93
C ASN A 5 -39.96 77.84 -13.64
N SER A 6 -38.90 77.30 -14.27
CA SER A 6 -38.50 75.89 -14.14
C SER A 6 -36.96 75.78 -14.10
N GLU A 7 -36.31 76.77 -13.49
CA GLU A 7 -34.84 76.85 -13.43
C GLU A 7 -34.26 76.05 -12.25
N ASP A 8 -35.14 75.35 -11.50
CA ASP A 8 -34.74 74.54 -10.34
C ASP A 8 -33.96 73.28 -10.79
N ASP A 9 -34.69 72.36 -11.45
CA ASP A 9 -34.19 71.04 -11.91
C ASP A 9 -33.67 70.19 -10.74
N SER A 10 -34.49 69.24 -10.28
CA SER A 10 -34.11 68.30 -9.21
C SER A 10 -33.80 66.93 -9.84
N SER A 11 -32.50 66.60 -9.94
CA SER A 11 -32.02 65.35 -10.58
C SER A 11 -30.94 64.69 -9.70
N ALA A 12 -31.16 63.42 -9.33
CA ALA A 12 -30.21 62.63 -8.52
C ALA A 12 -30.24 61.15 -8.95
N ILE A 13 -29.07 60.48 -8.85
CA ILE A 13 -28.92 59.03 -9.14
C ILE A 13 -27.59 58.56 -8.52
N SER A 14 -27.56 57.31 -7.99
CA SER A 14 -26.35 56.72 -7.38
C SER A 14 -26.53 55.19 -7.23
N THR A 15 -25.76 54.41 -8.02
CA THR A 15 -25.77 52.94 -7.99
C THR A 15 -24.48 52.40 -8.66
N MET A 16 -23.74 51.54 -7.92
CA MET A 16 -22.49 50.93 -8.39
C MET A 16 -22.02 49.84 -7.40
N THR A 17 -21.38 48.78 -7.93
CA THR A 17 -20.76 47.69 -7.13
C THR A 17 -19.99 46.73 -8.07
N THR A 18 -18.82 46.24 -7.62
CA THR A 18 -17.98 45.29 -8.38
C THR A 18 -16.87 44.68 -7.47
N THR A 19 -17.05 43.40 -7.08
CA THR A 19 -16.14 42.61 -6.23
C THR A 19 -16.44 41.12 -6.41
N THR A 20 -15.59 40.41 -7.19
CA THR A 20 -15.70 38.95 -7.41
C THR A 20 -14.30 38.30 -7.31
N ALA A 21 -14.18 37.28 -6.43
CA ALA A 21 -12.93 36.53 -6.19
C ALA A 21 -13.25 35.15 -5.58
N ALA A 22 -12.63 34.09 -6.14
CA ALA A 22 -12.77 32.71 -5.63
C ALA A 22 -11.39 32.02 -5.59
N PRO A 23 -10.79 31.81 -4.37
CA PRO A 23 -9.51 31.08 -4.22
C PRO A 23 -9.71 29.55 -4.30
N THR A 24 -8.73 28.83 -4.89
CA THR A 24 -8.76 27.35 -4.97
C THR A 24 -7.51 26.74 -4.31
N SER A 25 -7.67 25.55 -3.72
CA SER A 25 -6.59 24.82 -3.03
C SER A 25 -6.75 23.30 -3.22
N THR A 26 -5.83 22.68 -3.97
CA THR A 26 -5.77 21.22 -4.19
C THR A 26 -4.38 20.70 -3.78
N SER A 27 -4.35 19.63 -2.95
CA SER A 27 -3.11 18.98 -2.50
C SER A 27 -3.41 17.49 -2.23
N VAL A 28 -2.85 16.59 -3.07
CA VAL A 28 -2.97 15.14 -2.89
C VAL A 28 -1.65 14.46 -3.30
N LYS A 29 -1.16 13.55 -2.43
CA LYS A 29 0.04 12.73 -2.68
C LYS A 29 -0.36 11.24 -2.52
N PRO A 30 -0.34 10.42 -3.63
CA PRO A 30 -0.64 8.97 -3.55
C PRO A 30 0.37 8.22 -2.63
N ALA A 31 -0.15 7.58 -1.56
CA ALA A 31 0.67 6.92 -0.54
C ALA A 31 -0.24 6.24 0.51
N ALA A 32 -0.06 4.92 0.70
CA ALA A 32 -0.81 4.13 1.70
C ALA A 32 -0.17 2.73 1.80
N PRO A 33 0.75 2.46 2.78
CA PRO A 33 1.38 1.13 2.92
C PRO A 33 0.38 0.12 3.51
N ARG A 34 0.22 -1.04 2.83
CA ARG A 34 -0.63 -2.13 3.32
C ARG A 34 0.28 -3.27 3.85
N ALA A 35 0.74 -4.16 2.94
CA ALA A 35 1.60 -5.30 3.29
C ALA A 35 2.49 -5.68 2.10
N GLU A 36 3.39 -6.64 2.34
CA GLU A 36 4.36 -7.11 1.34
C GLU A 36 3.79 -8.32 0.58
N VAL A 37 3.45 -8.08 -0.71
CA VAL A 37 2.91 -9.10 -1.62
C VAL A 37 3.99 -9.49 -2.65
N ARG A 38 4.11 -10.79 -2.97
CA ARG A 38 5.04 -11.27 -4.01
C ARG A 38 4.42 -12.49 -4.71
N VAL A 39 4.39 -12.45 -6.05
CA VAL A 39 3.84 -13.53 -6.89
C VAL A 39 4.99 -14.34 -7.50
N TYR A 40 4.96 -15.67 -7.34
CA TYR A 40 5.96 -16.57 -7.91
C TYR A 40 5.29 -17.63 -8.77
N ASN A 41 5.81 -17.83 -9.99
CA ASN A 41 5.36 -18.88 -10.90
C ASN A 41 6.12 -20.17 -10.54
N ILE A 42 5.40 -21.16 -10.01
CA ILE A 42 6.00 -22.40 -9.50
C ILE A 42 6.44 -23.33 -10.65
N SER A 43 5.54 -23.52 -11.63
CA SER A 43 5.77 -24.39 -12.79
C SER A 43 5.99 -23.55 -14.06
N GLY A 44 6.00 -22.21 -13.89
CA GLY A 44 5.98 -21.28 -15.01
C GLY A 44 4.58 -21.11 -15.58
N THR A 45 4.21 -19.85 -15.89
CA THR A 45 2.88 -19.52 -16.43
C THR A 45 2.94 -18.18 -17.18
N GLU A 46 1.78 -17.74 -17.70
CA GLU A 46 1.63 -16.46 -18.44
C GLU A 46 1.84 -15.25 -17.49
N GLY A 47 2.26 -14.11 -18.09
CA GLY A 47 2.52 -12.86 -17.35
C GLY A 47 1.29 -12.21 -16.74
N ALA A 48 0.09 -12.79 -16.97
CA ALA A 48 -1.16 -12.39 -16.32
C ALA A 48 -1.10 -12.63 -14.79
N ALA A 49 -0.28 -13.62 -14.38
CA ALA A 49 0.02 -13.89 -12.95
C ALA A 49 0.88 -12.76 -12.37
N ALA A 50 1.88 -12.32 -13.16
CA ALA A 50 2.79 -11.21 -12.79
C ALA A 50 2.03 -9.86 -12.74
N ARG A 51 0.98 -9.77 -13.57
CA ARG A 51 0.14 -8.56 -13.73
C ARG A 51 -0.61 -8.21 -12.44
N THR A 52 -0.86 -9.21 -11.57
CA THR A 52 -1.58 -8.99 -10.30
C THR A 52 -0.71 -8.22 -9.30
N ALA A 53 0.57 -8.66 -9.14
CA ALA A 53 1.56 -7.96 -8.29
C ALA A 53 1.83 -6.54 -8.83
N ASP A 54 1.89 -6.45 -10.16
CA ASP A 54 2.10 -5.19 -10.90
C ASP A 54 0.91 -4.23 -10.74
N ARG A 55 -0.31 -4.80 -10.62
CA ARG A 55 -1.55 -4.03 -10.47
C ARG A 55 -1.61 -3.41 -9.07
N LEU A 56 -1.19 -4.21 -8.06
CA LEU A 56 -1.09 -3.77 -6.65
C LEU A 56 0.07 -2.76 -6.46
N LYS A 57 1.10 -2.85 -7.32
CA LYS A 57 2.25 -1.91 -7.31
C LYS A 57 1.74 -0.48 -7.57
N ALA A 58 0.97 -0.34 -8.65
CA ALA A 58 0.36 0.94 -9.03
C ALA A 58 -0.70 1.38 -8.02
N ALA A 59 -1.38 0.39 -7.38
CA ALA A 59 -2.42 0.63 -6.37
C ALA A 59 -1.83 1.04 -5.00
N GLY A 60 -0.49 1.13 -4.92
CA GLY A 60 0.20 1.70 -3.75
C GLY A 60 0.38 0.70 -2.61
N PHE A 61 0.70 -0.55 -2.93
CA PHE A 61 1.02 -1.58 -1.91
C PHE A 61 2.52 -1.55 -1.59
N THR A 62 2.88 -2.03 -0.39
CA THR A 62 4.16 -1.69 0.26
C THR A 62 5.38 -2.27 -0.49
N VAL A 63 5.45 -3.61 -0.63
CA VAL A 63 6.51 -4.30 -1.36
C VAL A 63 5.86 -5.34 -2.29
N THR A 64 5.80 -5.02 -3.59
CA THR A 64 5.24 -5.89 -4.64
C THR A 64 6.38 -6.44 -5.51
N ASP A 65 6.68 -7.73 -5.32
CA ASP A 65 7.76 -8.45 -6.01
C ASP A 65 7.17 -9.57 -6.89
N VAL A 66 7.90 -10.00 -7.94
CA VAL A 66 7.50 -11.13 -8.79
C VAL A 66 8.73 -11.91 -9.29
N GLY A 67 8.58 -13.25 -9.41
CA GLY A 67 9.65 -14.12 -9.92
C GLY A 67 9.13 -15.54 -10.19
N ASN A 68 10.04 -16.53 -10.22
CA ASN A 68 9.69 -17.96 -10.28
C ASN A 68 9.97 -18.62 -8.92
N LEU A 69 9.59 -19.90 -8.76
CA LEU A 69 9.75 -20.60 -7.46
C LEU A 69 10.09 -22.08 -7.68
N SER A 70 11.01 -22.61 -6.86
CA SER A 70 11.31 -24.06 -6.81
C SER A 70 10.35 -24.71 -5.77
N LEU A 71 9.75 -25.86 -6.17
CA LEU A 71 8.66 -26.54 -5.42
C LEU A 71 8.89 -26.64 -3.90
N PRO A 72 8.23 -25.74 -3.07
CA PRO A 72 8.34 -25.75 -1.62
C PRO A 72 7.23 -26.63 -1.01
N ASP A 73 6.15 -26.01 -0.49
CA ASP A 73 5.00 -26.71 0.11
C ASP A 73 3.75 -26.61 -0.79
N VAL A 74 3.68 -25.59 -1.67
CA VAL A 74 2.49 -25.36 -2.54
C VAL A 74 2.77 -25.85 -3.97
N ALA A 75 1.87 -26.69 -4.50
CA ALA A 75 1.99 -27.29 -5.85
C ALA A 75 0.76 -26.97 -6.73
N ALA A 76 -0.04 -25.97 -6.32
CA ALA A 76 -1.25 -25.53 -7.06
C ALA A 76 -1.36 -24.00 -7.03
N THR A 77 -2.10 -23.41 -8.01
CA THR A 77 -2.35 -21.96 -8.05
C THR A 77 -3.15 -21.52 -6.79
N THR A 78 -2.43 -20.95 -5.82
CA THR A 78 -2.96 -20.59 -4.50
C THR A 78 -2.22 -19.35 -3.98
N VAL A 79 -2.96 -18.48 -3.29
CA VAL A 79 -2.42 -17.31 -2.60
C VAL A 79 -2.21 -17.70 -1.13
N TYR A 80 -0.95 -17.69 -0.70
CA TYR A 80 -0.54 -18.16 0.65
C TYR A 80 -0.16 -16.92 1.48
N TYR A 81 -0.94 -16.60 2.53
CA TYR A 81 -0.77 -15.32 3.27
C TYR A 81 -0.94 -15.46 4.79
N THR A 82 -0.20 -14.64 5.55
CA THR A 82 -0.42 -14.45 7.00
C THR A 82 -1.50 -13.34 7.18
N GLU A 83 -1.55 -12.68 8.34
CA GLU A 83 -2.44 -11.51 8.58
C GLU A 83 -1.63 -10.29 9.06
N VAL A 84 -0.28 -10.43 9.04
CA VAL A 84 0.65 -9.38 9.47
C VAL A 84 0.56 -8.18 8.49
N GLU A 85 0.37 -6.95 9.04
CA GLU A 85 0.25 -5.71 8.22
C GLU A 85 -0.99 -5.78 7.29
N GLY A 86 -1.96 -6.66 7.63
CA GLY A 86 -3.15 -6.86 6.81
C GLY A 86 -2.88 -7.65 5.54
N GLU A 87 -1.96 -8.65 5.62
CA GLU A 87 -1.65 -9.58 4.52
C GLU A 87 -2.91 -10.28 3.95
N ARG A 88 -3.89 -10.54 4.82
CA ARG A 88 -5.16 -11.19 4.44
C ARG A 88 -6.00 -10.31 3.47
N ALA A 89 -5.87 -8.98 3.61
CA ALA A 89 -6.58 -8.00 2.78
C ALA A 89 -5.89 -7.78 1.43
N THR A 90 -4.56 -7.80 1.46
CA THR A 90 -3.72 -7.55 0.28
C THR A 90 -3.73 -8.76 -0.66
N ALA A 91 -3.76 -9.94 -0.05
CA ALA A 91 -3.83 -11.22 -0.74
C ALA A 91 -5.19 -11.43 -1.41
N ASP A 92 -6.24 -10.84 -0.80
CA ASP A 92 -7.61 -10.83 -1.35
C ASP A 92 -7.62 -10.15 -2.73
N ALA A 93 -6.91 -9.02 -2.82
CA ALA A 93 -6.82 -8.21 -4.06
C ALA A 93 -6.19 -9.01 -5.23
N VAL A 94 -5.21 -9.88 -4.90
CA VAL A 94 -4.56 -10.75 -5.90
C VAL A 94 -5.50 -11.89 -6.32
N GLY A 95 -5.92 -12.71 -5.32
CA GLY A 95 -6.74 -13.91 -5.57
C GLY A 95 -8.07 -13.62 -6.25
N ARG A 96 -8.53 -12.36 -6.09
CA ARG A 96 -9.73 -11.83 -6.74
C ARG A 96 -9.50 -11.72 -8.26
N THR A 97 -8.48 -10.92 -8.63
CA THR A 97 -8.17 -10.55 -10.03
C THR A 97 -7.59 -11.76 -10.81
N LEU A 98 -6.85 -12.61 -10.08
CA LEU A 98 -6.21 -13.81 -10.63
C LEU A 98 -7.21 -14.97 -10.73
N GLY A 99 -8.24 -14.94 -9.86
CA GLY A 99 -9.25 -15.99 -9.79
C GLY A 99 -8.68 -17.33 -9.30
N ALA A 100 -7.86 -17.25 -8.25
CA ALA A 100 -7.19 -18.43 -7.64
C ALA A 100 -7.64 -18.59 -6.18
N ALA A 101 -7.49 -19.81 -5.64
CA ALA A 101 -7.85 -20.14 -4.25
C ALA A 101 -6.93 -19.38 -3.27
N VAL A 102 -7.52 -18.88 -2.17
CA VAL A 102 -6.79 -18.13 -1.13
C VAL A 102 -6.75 -18.97 0.17
N GLU A 103 -5.56 -19.10 0.77
CA GLU A 103 -5.36 -19.88 2.01
C GLU A 103 -4.47 -19.11 3.01
N LEU A 104 -4.82 -19.30 4.30
CA LEU A 104 -4.17 -18.65 5.45
C LEU A 104 -2.69 -19.14 5.59
N ARG A 105 -2.00 -18.65 6.64
CA ARG A 105 -0.58 -18.88 6.90
C ARG A 105 -0.18 -20.36 6.97
N LEU A 106 -1.15 -21.24 7.39
CA LEU A 106 -0.97 -22.72 7.43
C LEU A 106 0.17 -23.18 8.39
N PRO A 107 0.27 -24.51 8.73
CA PRO A 107 1.45 -25.06 9.46
C PRO A 107 2.72 -25.14 8.58
N GLU A 108 2.53 -24.99 7.26
CA GLU A 108 3.55 -25.24 6.24
C GLU A 108 4.70 -24.22 6.28
N LEU A 109 4.45 -23.05 6.92
CA LEU A 109 5.48 -22.00 7.10
C LEU A 109 6.60 -22.41 8.08
N SER A 110 6.45 -23.59 8.71
CA SER A 110 7.50 -24.17 9.59
C SER A 110 8.82 -24.41 8.82
N ASP A 111 8.73 -24.51 7.47
CA ASP A 111 9.90 -24.59 6.57
C ASP A 111 9.96 -23.34 5.65
N GLN A 112 8.79 -22.81 5.27
CA GLN A 112 8.67 -21.68 4.31
C GLN A 112 8.54 -20.33 5.07
N PRO A 113 9.38 -19.30 4.75
CA PRO A 113 9.23 -17.94 5.35
C PRO A 113 7.84 -17.30 5.05
N PRO A 114 7.15 -16.70 6.08
CA PRO A 114 5.84 -16.00 5.92
C PRO A 114 5.92 -14.73 5.03
N GLY A 115 4.76 -14.27 4.55
CA GLY A 115 4.64 -13.20 3.56
C GLY A 115 3.71 -13.66 2.46
N VAL A 116 2.92 -12.75 1.84
CA VAL A 116 1.97 -13.15 0.79
C VAL A 116 2.76 -13.67 -0.41
N ILE A 117 2.86 -15.00 -0.53
CA ILE A 117 3.49 -15.65 -1.67
C ILE A 117 2.38 -16.29 -2.51
N VAL A 118 2.11 -15.69 -3.66
CA VAL A 118 1.09 -16.16 -4.57
C VAL A 118 1.76 -17.14 -5.53
N VAL A 119 1.58 -18.42 -5.27
CA VAL A 119 2.24 -19.50 -6.00
C VAL A 119 1.29 -19.93 -7.12
N VAL A 120 1.69 -19.68 -8.38
CA VAL A 120 0.79 -19.88 -9.54
C VAL A 120 1.33 -21.00 -10.44
N THR A 121 0.45 -21.98 -10.73
CA THR A 121 0.74 -23.06 -11.67
C THR A 121 0.31 -22.65 -13.09
N GLY A 122 0.86 -23.34 -14.08
CA GLY A 122 0.54 -23.10 -15.48
C GLY A 122 0.38 -24.42 -16.24
N GLY A 1 49.14 91.49 8.19
CA GLY A 1 47.79 90.97 7.94
C GLY A 1 47.52 89.67 8.68
N SER A 2 46.25 89.39 8.98
CA SER A 2 45.83 88.20 9.74
C SER A 2 44.60 87.55 9.09
N SER A 3 44.56 86.21 9.15
CA SER A 3 43.46 85.40 8.63
C SER A 3 42.31 85.28 9.67
N PRO A 4 41.02 85.31 9.23
CA PRO A 4 39.86 84.97 10.09
C PRO A 4 39.92 83.52 10.61
N ASN A 5 39.56 83.32 11.89
CA ASN A 5 39.59 81.99 12.54
C ASN A 5 38.18 81.39 12.60
N SER A 6 38.07 80.08 12.29
CA SER A 6 36.80 79.34 12.33
C SER A 6 36.95 78.16 13.32
N GLU A 7 37.32 78.50 14.56
CA GLU A 7 37.56 77.53 15.65
C GLU A 7 36.27 77.11 16.37
N ASP A 8 35.12 77.67 15.92
CA ASP A 8 33.78 77.40 16.48
C ASP A 8 33.44 75.90 16.48
N ASP A 9 33.74 75.25 15.33
CA ASP A 9 33.64 73.78 15.13
C ASP A 9 32.19 73.25 15.15
N SER A 10 31.92 72.27 14.28
CA SER A 10 30.63 71.56 14.21
C SER A 10 30.67 70.28 15.08
N SER A 11 29.56 69.53 15.10
CA SER A 11 29.42 68.33 15.94
C SER A 11 28.28 67.44 15.41
N ALA A 12 28.44 66.11 15.53
CA ALA A 12 27.44 65.12 15.08
C ALA A 12 27.51 63.85 15.93
N ILE A 13 26.35 63.28 16.28
CA ILE A 13 26.23 62.09 17.15
C ILE A 13 25.78 60.86 16.35
N SER A 14 25.91 59.67 16.98
CA SER A 14 25.55 58.37 16.38
C SER A 14 24.02 58.10 16.55
N THR A 15 23.58 56.84 16.30
CA THR A 15 22.19 56.39 16.51
C THR A 15 22.20 54.97 17.08
N MET A 16 21.34 54.71 18.08
CA MET A 16 21.28 53.43 18.79
C MET A 16 20.19 52.52 18.16
N THR A 17 20.57 51.28 17.81
CA THR A 17 19.67 50.30 17.16
C THR A 17 20.01 48.87 17.64
N THR A 18 18.98 48.01 17.79
CA THR A 18 19.12 46.65 18.33
C THR A 18 18.13 45.68 17.62
N THR A 19 18.34 44.35 17.79
CA THR A 19 17.52 43.31 17.15
C THR A 19 17.20 42.18 18.18
N THR A 20 15.98 41.63 18.09
CA THR A 20 15.53 40.49 18.92
C THR A 20 15.55 39.19 18.08
N ALA A 21 15.22 38.05 18.72
CA ALA A 21 15.13 36.73 18.04
C ALA A 21 13.87 35.97 18.50
N ALA A 22 13.58 34.85 17.82
CA ALA A 22 12.38 34.02 18.06
C ALA A 22 12.77 32.53 18.12
N PRO A 23 12.53 31.83 19.27
CA PRO A 23 12.87 30.39 19.42
C PRO A 23 11.90 29.46 18.66
N THR A 24 12.34 28.24 18.39
CA THR A 24 11.57 27.24 17.62
C THR A 24 11.94 25.82 18.11
N SER A 25 10.94 24.93 18.21
CA SER A 25 11.15 23.52 18.57
C SER A 25 10.14 22.63 17.83
N THR A 26 10.62 21.47 17.35
CA THR A 26 9.81 20.48 16.63
C THR A 26 9.85 19.12 17.37
N SER A 27 9.08 18.15 16.86
CA SER A 27 9.01 16.79 17.41
C SER A 27 8.80 15.78 16.27
N VAL A 28 9.52 14.66 16.32
CA VAL A 28 9.40 13.57 15.32
C VAL A 28 8.59 12.40 15.91
N LYS A 29 7.85 11.70 15.03
CA LYS A 29 7.02 10.54 15.40
C LYS A 29 7.72 9.23 14.96
N PRO A 30 7.39 8.05 15.60
CA PRO A 30 7.86 6.73 15.11
C PRO A 30 7.31 6.40 13.70
N ALA A 31 7.92 5.41 13.03
CA ALA A 31 7.50 4.97 11.70
C ALA A 31 6.15 4.21 11.75
N ALA A 32 5.63 3.88 10.58
CA ALA A 32 4.36 3.14 10.43
C ALA A 32 4.65 1.67 10.06
N PRO A 33 3.78 0.68 10.51
CA PRO A 33 3.99 -0.76 10.24
C PRO A 33 3.89 -1.12 8.74
N ARG A 34 4.40 -2.31 8.36
CA ARG A 34 4.48 -2.71 6.94
C ARG A 34 4.12 -4.20 6.74
N ALA A 35 3.51 -4.48 5.57
CA ALA A 35 3.20 -5.84 5.10
C ALA A 35 4.41 -6.44 4.35
N GLU A 36 4.28 -7.70 3.90
CA GLU A 36 5.32 -8.41 3.12
C GLU A 36 4.66 -9.28 2.05
N VAL A 37 4.68 -8.81 0.77
CA VAL A 37 4.03 -9.51 -0.35
C VAL A 37 5.07 -10.02 -1.39
N ARG A 38 4.71 -11.10 -2.08
CA ARG A 38 5.48 -11.71 -3.17
C ARG A 38 4.52 -12.47 -4.09
N VAL A 39 4.73 -12.40 -5.42
CA VAL A 39 3.93 -13.15 -6.42
C VAL A 39 4.90 -13.85 -7.40
N TYR A 40 4.83 -15.20 -7.47
CA TYR A 40 5.73 -15.98 -8.34
C TYR A 40 5.00 -17.16 -8.98
N ASN A 41 5.45 -17.51 -10.18
CA ASN A 41 5.04 -18.76 -10.86
C ASN A 41 5.83 -19.93 -10.27
N ILE A 42 5.16 -21.08 -10.10
CA ILE A 42 5.79 -22.29 -9.55
C ILE A 42 6.63 -23.00 -10.65
N SER A 43 6.12 -22.99 -11.89
CA SER A 43 6.78 -23.60 -13.06
C SER A 43 7.57 -22.54 -13.84
N GLY A 44 6.99 -21.33 -13.94
CA GLY A 44 7.60 -20.22 -14.67
C GLY A 44 7.37 -20.32 -16.16
N THR A 45 6.10 -20.30 -16.56
CA THR A 45 5.68 -20.48 -17.96
C THR A 45 4.93 -19.23 -18.47
N GLU A 46 4.03 -18.69 -17.63
CA GLU A 46 3.11 -17.61 -18.03
C GLU A 46 3.29 -16.36 -17.13
N GLY A 47 3.06 -15.18 -17.74
CA GLY A 47 3.20 -13.89 -17.07
C GLY A 47 2.04 -13.54 -16.15
N ALA A 48 1.05 -14.45 -16.02
CA ALA A 48 -0.16 -14.28 -15.18
C ALA A 48 0.16 -13.80 -13.74
N ALA A 49 1.31 -14.26 -13.19
CA ALA A 49 1.81 -13.82 -11.88
C ALA A 49 2.14 -12.32 -11.89
N ALA A 50 2.94 -11.92 -12.88
CA ALA A 50 3.37 -10.52 -13.07
C ALA A 50 2.18 -9.60 -13.39
N ARG A 51 1.12 -10.18 -14.02
CA ARG A 51 -0.08 -9.45 -14.44
C ARG A 51 -0.92 -9.02 -13.21
N THR A 52 -1.23 -9.99 -12.34
CA THR A 52 -2.06 -9.76 -11.14
C THR A 52 -1.25 -8.97 -10.06
N ALA A 53 0.09 -9.07 -10.14
CA ALA A 53 1.03 -8.29 -9.29
C ALA A 53 1.18 -6.84 -9.80
N ASP A 54 0.83 -6.62 -11.08
CA ASP A 54 0.87 -5.30 -11.75
C ASP A 54 -0.28 -4.43 -11.21
N ARG A 55 -1.43 -5.08 -11.04
CA ARG A 55 -2.62 -4.49 -10.40
C ARG A 55 -2.30 -4.15 -8.95
N LEU A 56 -1.53 -5.05 -8.29
CA LEU A 56 -1.13 -4.93 -6.88
C LEU A 56 -0.27 -3.67 -6.62
N LYS A 57 0.80 -3.50 -7.44
CA LYS A 57 1.73 -2.37 -7.27
C LYS A 57 1.04 -1.03 -7.60
N ALA A 58 0.02 -1.11 -8.48
CA ALA A 58 -0.81 0.04 -8.87
C ALA A 58 -1.91 0.31 -7.83
N ALA A 59 -2.25 -0.72 -7.02
CA ALA A 59 -3.32 -0.64 -6.00
C ALA A 59 -2.80 -0.07 -4.68
N GLY A 60 -1.48 -0.17 -4.44
CA GLY A 60 -0.87 0.33 -3.21
C GLY A 60 -0.18 -0.76 -2.41
N PHE A 61 0.66 -1.57 -3.07
CA PHE A 61 1.50 -2.61 -2.41
C PHE A 61 2.41 -1.98 -1.33
N THR A 62 2.85 -2.79 -0.35
CA THR A 62 3.83 -2.33 0.64
C THR A 62 5.24 -2.62 0.10
N VAL A 63 5.52 -3.90 -0.01
CA VAL A 63 6.72 -4.44 -0.63
C VAL A 63 6.30 -5.74 -1.34
N THR A 64 6.74 -5.91 -2.58
CA THR A 64 6.34 -7.06 -3.40
C THR A 64 7.52 -7.53 -4.25
N ASP A 65 7.88 -8.82 -4.11
CA ASP A 65 8.88 -9.45 -4.97
C ASP A 65 8.16 -10.31 -6.01
N VAL A 66 8.45 -10.09 -7.30
CA VAL A 66 7.79 -10.83 -8.40
C VAL A 66 8.82 -11.69 -9.14
N GLY A 67 8.37 -12.86 -9.64
CA GLY A 67 9.22 -13.71 -10.48
C GLY A 67 8.64 -15.11 -10.69
N ASN A 68 9.51 -16.12 -10.57
CA ASN A 68 9.18 -17.54 -10.82
C ASN A 68 10.20 -18.45 -10.11
N LEU A 69 9.73 -19.27 -9.15
CA LEU A 69 10.58 -20.17 -8.36
C LEU A 69 9.77 -21.40 -7.95
N SER A 70 10.43 -22.57 -7.98
CA SER A 70 9.84 -23.85 -7.57
C SER A 70 10.07 -24.07 -6.06
N LEU A 71 9.03 -23.77 -5.28
CA LEU A 71 8.96 -24.14 -3.85
C LEU A 71 8.42 -25.58 -3.75
N PRO A 72 9.15 -26.51 -3.05
CA PRO A 72 8.81 -27.96 -3.06
C PRO A 72 7.52 -28.29 -2.29
N ASP A 73 7.01 -27.29 -1.54
CA ASP A 73 5.83 -27.45 -0.69
C ASP A 73 4.51 -27.14 -1.44
N VAL A 74 4.60 -26.36 -2.54
CA VAL A 74 3.42 -25.91 -3.30
C VAL A 74 3.55 -26.33 -4.78
N ALA A 75 2.40 -26.48 -5.46
CA ALA A 75 2.32 -26.89 -6.87
C ALA A 75 0.90 -26.63 -7.40
N ALA A 76 0.31 -25.48 -7.02
CA ALA A 76 -1.09 -25.11 -7.37
C ALA A 76 -1.26 -23.58 -7.37
N THR A 77 -2.29 -23.07 -8.11
CA THR A 77 -2.67 -21.66 -8.06
C THR A 77 -3.41 -21.39 -6.74
N THR A 78 -2.67 -20.83 -5.78
CA THR A 78 -3.17 -20.57 -4.43
C THR A 78 -2.48 -19.34 -3.85
N VAL A 79 -3.28 -18.42 -3.31
CA VAL A 79 -2.80 -17.23 -2.61
C VAL A 79 -2.75 -17.52 -1.11
N TYR A 80 -1.56 -17.56 -0.53
CA TYR A 80 -1.39 -17.75 0.92
C TYR A 80 -1.10 -16.38 1.55
N TYR A 81 -1.71 -16.08 2.70
CA TYR A 81 -1.52 -14.79 3.37
C TYR A 81 -1.28 -14.93 4.87
N THR A 82 -0.40 -14.06 5.36
CA THR A 82 -0.14 -13.85 6.78
C THR A 82 -1.02 -12.64 7.24
N GLU A 83 -1.12 -12.40 8.55
CA GLU A 83 -2.14 -11.50 9.13
C GLU A 83 -1.54 -10.25 9.81
N VAL A 84 -0.24 -9.97 9.56
CA VAL A 84 0.46 -8.82 10.16
C VAL A 84 -0.16 -7.49 9.67
N GLU A 85 -0.76 -6.73 10.62
CA GLU A 85 -1.50 -5.47 10.35
C GLU A 85 -2.76 -5.72 9.50
N GLY A 86 -2.55 -5.91 8.17
CA GLY A 86 -3.66 -6.14 7.24
C GLY A 86 -3.17 -6.61 5.88
N GLU A 87 -2.22 -7.58 5.92
CA GLU A 87 -1.67 -8.21 4.71
C GLU A 87 -2.74 -8.94 3.88
N ARG A 88 -3.74 -9.49 4.58
CA ARG A 88 -4.83 -10.27 3.97
C ARG A 88 -5.59 -9.47 2.89
N ALA A 89 -5.56 -8.12 2.99
CA ALA A 89 -6.19 -7.21 2.02
C ALA A 89 -5.48 -7.25 0.65
N THR A 90 -4.12 -7.23 0.64
CA THR A 90 -3.32 -7.25 -0.60
C THR A 90 -3.47 -8.61 -1.28
N ALA A 91 -3.47 -9.66 -0.44
CA ALA A 91 -3.66 -11.06 -0.86
C ALA A 91 -5.01 -11.27 -1.53
N ASP A 92 -6.05 -10.69 -0.92
CA ASP A 92 -7.45 -10.81 -1.37
C ASP A 92 -7.64 -10.12 -2.73
N ALA A 93 -6.96 -8.97 -2.89
CA ALA A 93 -6.98 -8.19 -4.14
C ALA A 93 -6.37 -9.00 -5.30
N VAL A 94 -5.17 -9.56 -5.06
CA VAL A 94 -4.46 -10.38 -6.05
C VAL A 94 -5.20 -11.71 -6.30
N GLY A 95 -5.82 -12.25 -5.24
CA GLY A 95 -6.52 -13.52 -5.30
C GLY A 95 -7.79 -13.45 -6.12
N ARG A 96 -8.46 -12.30 -6.06
CA ARG A 96 -9.68 -12.02 -6.83
C ARG A 96 -9.32 -11.82 -8.32
N THR A 97 -8.25 -11.05 -8.55
CA THR A 97 -7.76 -10.69 -9.89
C THR A 97 -7.21 -11.94 -10.65
N LEU A 98 -6.55 -12.83 -9.90
CA LEU A 98 -5.97 -14.08 -10.44
C LEU A 98 -7.06 -15.18 -10.56
N GLY A 99 -8.04 -15.14 -9.62
CA GLY A 99 -9.07 -16.17 -9.51
C GLY A 99 -8.56 -17.42 -8.80
N ALA A 100 -7.77 -17.22 -7.73
CA ALA A 100 -7.14 -18.32 -6.97
C ALA A 100 -7.69 -18.38 -5.53
N ALA A 101 -7.59 -19.57 -4.93
CA ALA A 101 -8.07 -19.85 -3.56
C ALA A 101 -7.21 -19.10 -2.52
N VAL A 102 -7.86 -18.29 -1.67
CA VAL A 102 -7.18 -17.53 -0.59
C VAL A 102 -7.14 -18.39 0.71
N GLU A 103 -5.93 -18.80 1.09
CA GLU A 103 -5.65 -19.57 2.31
C GLU A 103 -4.83 -18.74 3.29
N LEU A 104 -4.90 -19.12 4.56
CA LEU A 104 -4.05 -18.57 5.63
C LEU A 104 -2.58 -18.96 5.42
N ARG A 105 -1.71 -18.58 6.37
CA ARG A 105 -0.28 -18.91 6.32
C ARG A 105 -0.06 -20.45 6.28
N LEU A 106 -0.89 -21.22 7.02
CA LEU A 106 -0.81 -22.71 7.06
C LEU A 106 0.58 -23.23 7.54
N PRO A 107 0.78 -24.56 7.78
CA PRO A 107 2.14 -25.17 7.93
C PRO A 107 3.06 -25.00 6.70
N GLU A 108 2.48 -24.57 5.56
CA GLU A 108 3.17 -24.40 4.27
C GLU A 108 4.26 -23.31 4.33
N LEU A 109 3.88 -22.16 4.93
CA LEU A 109 4.73 -20.96 5.03
C LEU A 109 5.91 -21.13 6.02
N SER A 110 6.09 -22.35 6.56
CA SER A 110 7.25 -22.70 7.36
C SER A 110 8.50 -22.84 6.46
N ASP A 111 8.36 -23.61 5.35
CA ASP A 111 9.52 -23.94 4.46
C ASP A 111 9.76 -22.84 3.41
N GLN A 112 8.67 -22.24 2.92
CA GLN A 112 8.72 -21.18 1.92
C GLN A 112 8.80 -19.80 2.63
N PRO A 113 9.26 -18.70 1.92
CA PRO A 113 9.36 -17.34 2.53
C PRO A 113 8.04 -16.90 3.22
N PRO A 114 8.08 -16.62 4.57
CA PRO A 114 6.86 -16.30 5.36
C PRO A 114 6.27 -14.91 5.01
N GLY A 115 5.04 -14.91 4.48
CA GLY A 115 4.29 -13.68 4.22
C GLY A 115 3.13 -13.95 3.29
N VAL A 116 2.61 -12.88 2.66
CA VAL A 116 1.65 -13.03 1.57
C VAL A 116 2.41 -13.41 0.31
N ILE A 117 2.28 -14.68 -0.08
CA ILE A 117 2.92 -15.21 -1.30
C ILE A 117 1.83 -15.81 -2.18
N VAL A 118 1.78 -15.33 -3.42
CA VAL A 118 0.78 -15.74 -4.40
C VAL A 118 1.47 -16.66 -5.39
N VAL A 119 1.16 -17.96 -5.30
CA VAL A 119 1.74 -18.97 -6.18
C VAL A 119 0.79 -19.21 -7.35
N VAL A 120 1.29 -19.03 -8.58
CA VAL A 120 0.53 -19.29 -9.80
C VAL A 120 1.00 -20.61 -10.41
N THR A 121 0.06 -21.52 -10.71
CA THR A 121 0.36 -22.77 -11.40
C THR A 121 0.68 -22.47 -12.89
N GLY A 122 1.78 -23.04 -13.38
CA GLY A 122 2.36 -22.62 -14.65
C GLY A 122 3.29 -21.42 -14.45
N GLY A 1 -83.59 28.45 39.32
CA GLY A 1 -83.77 28.56 37.86
C GLY A 1 -82.46 28.37 37.13
N SER A 2 -81.84 29.48 36.69
CA SER A 2 -80.57 29.48 35.95
C SER A 2 -79.88 30.86 36.08
N SER A 3 -78.62 30.93 35.63
CA SER A 3 -77.83 32.17 35.58
C SER A 3 -76.87 32.13 34.37
N PRO A 4 -77.10 32.98 33.30
CA PRO A 4 -76.15 33.13 32.17
C PRO A 4 -74.75 33.65 32.62
N ASN A 5 -73.73 33.36 31.81
CA ASN A 5 -72.33 33.79 32.05
C ASN A 5 -71.83 34.54 30.81
N SER A 6 -71.08 35.63 31.03
CA SER A 6 -70.46 36.43 29.94
C SER A 6 -69.06 36.95 30.36
N GLU A 7 -68.52 36.38 31.46
CA GLU A 7 -67.20 36.74 32.02
C GLU A 7 -66.05 36.05 31.24
N ASP A 8 -66.42 35.16 30.29
CA ASP A 8 -65.49 34.36 29.47
C ASP A 8 -64.50 35.24 28.69
N ASP A 9 -64.97 36.45 28.27
CA ASP A 9 -64.14 37.50 27.62
C ASP A 9 -63.64 37.06 26.22
N SER A 10 -63.08 38.01 25.45
CA SER A 10 -62.54 37.75 24.11
C SER A 10 -61.12 38.35 24.01
N SER A 11 -60.14 37.51 23.63
CA SER A 11 -58.74 37.95 23.44
C SER A 11 -58.04 37.03 22.42
N ALA A 12 -56.86 37.46 21.94
CA ALA A 12 -56.03 36.67 21.00
C ALA A 12 -54.56 36.71 21.43
N ILE A 13 -53.80 35.67 21.03
CA ILE A 13 -52.36 35.57 21.29
C ILE A 13 -51.66 34.88 20.09
N SER A 14 -50.49 35.39 19.71
CA SER A 14 -49.70 34.87 18.58
C SER A 14 -48.26 35.43 18.66
N THR A 15 -47.30 34.71 18.04
CA THR A 15 -45.90 35.16 17.93
C THR A 15 -45.16 34.37 16.84
N MET A 16 -44.11 34.99 16.27
CA MET A 16 -43.29 34.42 15.18
C MET A 16 -41.89 34.09 15.71
N THR A 17 -41.29 33.00 15.19
CA THR A 17 -39.92 32.55 15.54
C THR A 17 -39.21 32.02 14.27
N THR A 18 -37.92 32.36 14.11
CA THR A 18 -37.04 31.76 13.07
C THR A 18 -35.90 30.97 13.73
N THR A 19 -35.13 30.24 12.91
CA THR A 19 -33.95 29.47 13.37
C THR A 19 -32.93 29.38 12.20
N THR A 20 -31.64 29.62 12.50
CA THR A 20 -30.55 29.51 11.52
C THR A 20 -29.83 28.16 11.68
N ALA A 21 -29.75 27.39 10.58
CA ALA A 21 -29.01 26.12 10.52
C ALA A 21 -27.83 26.28 9.56
N ALA A 22 -26.60 26.30 10.11
CA ALA A 22 -25.37 26.38 9.32
C ALA A 22 -24.72 24.99 9.24
N PRO A 23 -24.72 24.32 8.03
CA PRO A 23 -24.06 22.99 7.84
C PRO A 23 -22.53 23.12 7.67
N THR A 24 -21.89 22.00 7.31
CA THR A 24 -20.43 21.91 7.11
C THR A 24 -20.09 20.58 6.40
N SER A 25 -18.80 20.33 6.15
CA SER A 25 -18.33 19.15 5.39
C SER A 25 -17.16 18.46 6.12
N THR A 26 -16.82 17.23 5.68
CA THR A 26 -15.76 16.40 6.26
C THR A 26 -14.60 16.24 5.26
N SER A 27 -13.35 16.35 5.75
CA SER A 27 -12.14 16.10 4.94
C SER A 27 -11.77 14.61 5.02
N VAL A 28 -11.47 14.02 3.86
CA VAL A 28 -11.05 12.61 3.74
C VAL A 28 -9.50 12.52 3.91
N LYS A 29 -9.00 11.37 4.40
CA LYS A 29 -7.56 11.10 4.56
C LYS A 29 -7.05 10.24 3.39
N PRO A 30 -5.75 10.42 2.95
CA PRO A 30 -5.13 9.54 1.93
C PRO A 30 -4.83 8.14 2.50
N ALA A 31 -4.87 7.12 1.62
CA ALA A 31 -4.51 5.74 1.96
C ALA A 31 -2.97 5.58 1.97
N ALA A 32 -2.49 4.53 2.65
CA ALA A 32 -1.04 4.27 2.84
C ALA A 32 -0.70 2.80 2.50
N PRO A 33 0.60 2.50 2.14
CA PRO A 33 1.10 1.11 1.97
C PRO A 33 0.74 0.18 3.16
N ARG A 34 0.16 -1.00 2.83
CA ARG A 34 -0.35 -1.95 3.83
C ARG A 34 0.66 -3.08 4.11
N ALA A 35 1.00 -3.84 3.05
CA ALA A 35 1.75 -5.11 3.21
C ALA A 35 2.53 -5.51 1.96
N GLU A 36 3.41 -6.50 2.16
CA GLU A 36 4.22 -7.13 1.11
C GLU A 36 3.45 -8.28 0.46
N VAL A 37 3.32 -8.19 -0.87
CA VAL A 37 2.86 -9.29 -1.73
C VAL A 37 4.03 -9.78 -2.59
N ARG A 38 4.14 -11.11 -2.78
CA ARG A 38 5.13 -11.71 -3.70
C ARG A 38 4.48 -12.86 -4.51
N VAL A 39 4.26 -12.62 -5.80
CA VAL A 39 3.65 -13.57 -6.74
C VAL A 39 4.76 -14.34 -7.49
N TYR A 40 4.60 -15.66 -7.59
CA TYR A 40 5.56 -16.51 -8.30
C TYR A 40 4.89 -17.81 -8.75
N ASN A 41 5.28 -18.29 -9.94
CA ASN A 41 4.75 -19.55 -10.50
C ASN A 41 5.73 -20.71 -10.19
N ILE A 42 5.18 -21.90 -9.92
CA ILE A 42 6.00 -23.10 -9.54
C ILE A 42 5.75 -24.25 -10.56
N SER A 43 5.26 -23.88 -11.75
CA SER A 43 4.96 -24.80 -12.86
C SER A 43 5.15 -24.03 -14.20
N GLY A 44 4.24 -24.23 -15.18
CA GLY A 44 4.28 -23.49 -16.45
C GLY A 44 4.17 -21.99 -16.27
N THR A 45 5.34 -21.33 -16.16
CA THR A 45 5.45 -19.91 -15.81
C THR A 45 5.30 -19.00 -17.04
N GLU A 46 4.16 -18.30 -17.09
CA GLU A 46 3.92 -17.16 -18.00
C GLU A 46 4.03 -15.84 -17.21
N GLY A 47 4.03 -14.70 -17.94
CA GLY A 47 4.10 -13.38 -17.31
C GLY A 47 2.76 -12.91 -16.72
N ALA A 48 1.70 -13.75 -16.89
CA ALA A 48 0.35 -13.47 -16.39
C ALA A 48 0.30 -13.36 -14.84
N ALA A 49 1.20 -14.10 -14.17
CA ALA A 49 1.38 -14.03 -12.71
C ALA A 49 1.81 -12.62 -12.28
N ALA A 50 2.73 -12.02 -13.06
CA ALA A 50 3.28 -10.69 -12.78
C ALA A 50 2.23 -9.57 -12.88
N ARG A 51 1.18 -9.83 -13.69
CA ARG A 51 0.12 -8.86 -14.02
C ARG A 51 -0.76 -8.54 -12.79
N THR A 52 -0.87 -9.49 -11.84
CA THR A 52 -1.68 -9.30 -10.63
C THR A 52 -1.01 -8.25 -9.70
N ALA A 53 0.24 -8.53 -9.27
CA ALA A 53 0.99 -7.66 -8.34
C ALA A 53 1.37 -6.31 -8.99
N ASP A 54 1.43 -6.30 -10.33
CA ASP A 54 1.68 -5.11 -11.16
C ASP A 54 0.74 -3.95 -10.76
N ARG A 55 -0.55 -4.27 -10.57
CA ARG A 55 -1.58 -3.29 -10.24
C ARG A 55 -1.49 -2.86 -8.75
N LEU A 56 -1.07 -3.79 -7.86
CA LEU A 56 -1.01 -3.52 -6.41
C LEU A 56 0.06 -2.47 -6.07
N LYS A 57 1.16 -2.44 -6.83
CA LYS A 57 2.21 -1.43 -6.67
C LYS A 57 1.67 -0.03 -7.07
N ALA A 58 0.84 -0.01 -8.13
CA ALA A 58 0.15 1.20 -8.61
C ALA A 58 -0.93 1.65 -7.60
N ALA A 59 -1.49 0.67 -6.86
CA ALA A 59 -2.49 0.91 -5.80
C ALA A 59 -1.83 1.50 -4.54
N GLY A 60 -0.50 1.42 -4.46
CA GLY A 60 0.26 2.00 -3.36
C GLY A 60 0.51 1.01 -2.23
N PHE A 61 0.43 -0.30 -2.52
CA PHE A 61 0.83 -1.37 -1.57
C PHE A 61 2.36 -1.43 -1.48
N THR A 62 2.86 -1.99 -0.38
CA THR A 62 4.22 -1.70 0.11
C THR A 62 5.29 -2.28 -0.82
N VAL A 63 5.32 -3.61 -0.90
CA VAL A 63 6.30 -4.35 -1.72
C VAL A 63 5.53 -5.33 -2.62
N THR A 64 5.92 -5.40 -3.90
CA THR A 64 5.32 -6.30 -4.88
C THR A 64 6.44 -7.00 -5.68
N ASP A 65 6.70 -8.27 -5.33
CA ASP A 65 7.71 -9.09 -6.03
C ASP A 65 7.01 -10.06 -6.97
N VAL A 66 7.70 -10.42 -8.08
CA VAL A 66 7.16 -11.30 -9.13
C VAL A 66 8.28 -12.22 -9.68
N GLY A 67 7.96 -13.51 -9.93
CA GLY A 67 8.92 -14.43 -10.56
C GLY A 67 8.42 -15.87 -10.68
N ASN A 68 9.34 -16.84 -10.49
CA ASN A 68 9.03 -18.28 -10.59
C ASN A 68 10.09 -19.11 -9.81
N LEU A 69 9.62 -20.00 -8.91
CA LEU A 69 10.49 -20.78 -7.99
C LEU A 69 10.33 -22.30 -8.24
N SER A 70 11.29 -23.08 -7.72
CA SER A 70 11.29 -24.55 -7.72
C SER A 70 10.33 -25.07 -6.63
N LEU A 71 9.71 -26.26 -6.88
CA LEU A 71 8.72 -26.89 -5.96
C LEU A 71 9.30 -27.05 -4.52
N PRO A 72 8.81 -26.22 -3.53
CA PRO A 72 9.30 -26.26 -2.14
C PRO A 72 8.41 -27.18 -1.27
N ASP A 73 7.34 -26.61 -0.69
CA ASP A 73 6.32 -27.37 0.07
C ASP A 73 4.97 -27.42 -0.69
N VAL A 74 4.83 -26.53 -1.70
CA VAL A 74 3.53 -26.28 -2.38
C VAL A 74 3.69 -26.39 -3.91
N ALA A 75 2.65 -26.94 -4.56
CA ALA A 75 2.55 -27.03 -6.02
C ALA A 75 1.09 -26.87 -6.51
N ALA A 76 0.25 -26.23 -5.68
CA ALA A 76 -1.13 -25.87 -6.04
C ALA A 76 -1.24 -24.36 -6.25
N THR A 77 -2.06 -23.90 -7.23
CA THR A 77 -2.29 -22.46 -7.45
C THR A 77 -3.18 -21.92 -6.32
N THR A 78 -2.53 -21.34 -5.31
CA THR A 78 -3.15 -20.93 -4.03
C THR A 78 -2.38 -19.74 -3.43
N VAL A 79 -3.12 -18.76 -2.90
CA VAL A 79 -2.53 -17.57 -2.27
C VAL A 79 -2.50 -17.80 -0.75
N TYR A 80 -1.30 -17.83 -0.16
CA TYR A 80 -1.11 -18.01 1.29
C TYR A 80 -0.66 -16.69 1.89
N TYR A 81 -1.19 -16.36 3.07
CA TYR A 81 -0.93 -15.07 3.71
C TYR A 81 -0.82 -15.19 5.22
N THR A 82 0.02 -14.33 5.78
CA THR A 82 0.00 -13.97 7.19
C THR A 82 -1.16 -12.95 7.39
N GLU A 83 -1.57 -12.69 8.63
CA GLU A 83 -2.81 -11.93 8.91
C GLU A 83 -2.54 -10.67 9.76
N VAL A 84 -1.29 -10.18 9.72
CA VAL A 84 -0.90 -8.98 10.49
C VAL A 84 -1.50 -7.71 9.82
N GLU A 85 -2.47 -7.10 10.52
CA GLU A 85 -3.25 -5.94 10.05
C GLU A 85 -4.09 -6.29 8.80
N GLY A 86 -3.45 -6.24 7.61
CA GLY A 86 -4.14 -6.35 6.35
C GLY A 86 -3.31 -7.02 5.27
N GLU A 87 -2.48 -8.00 5.68
CA GLU A 87 -1.77 -8.87 4.72
C GLU A 87 -2.80 -9.82 4.08
N ARG A 88 -3.80 -10.20 4.89
CA ARG A 88 -5.00 -10.90 4.44
C ARG A 88 -5.74 -10.15 3.31
N ALA A 89 -5.74 -8.79 3.40
CA ALA A 89 -6.43 -7.91 2.45
C ALA A 89 -5.67 -7.84 1.11
N THR A 90 -4.34 -7.70 1.19
CA THR A 90 -3.46 -7.61 0.01
C THR A 90 -3.44 -8.96 -0.75
N ALA A 91 -3.62 -10.05 0.01
CA ALA A 91 -3.74 -11.41 -0.53
C ALA A 91 -5.11 -11.63 -1.20
N ASP A 92 -6.15 -11.05 -0.59
CA ASP A 92 -7.54 -11.12 -1.08
C ASP A 92 -7.65 -10.45 -2.46
N ALA A 93 -6.92 -9.33 -2.63
CA ALA A 93 -6.88 -8.56 -3.87
C ALA A 93 -6.40 -9.43 -5.05
N VAL A 94 -5.24 -10.09 -4.86
CA VAL A 94 -4.62 -10.94 -5.89
C VAL A 94 -5.38 -12.25 -6.08
N GLY A 95 -5.74 -12.91 -4.98
CA GLY A 95 -6.46 -14.19 -5.03
C GLY A 95 -7.79 -14.10 -5.76
N ARG A 96 -8.35 -12.88 -5.79
CA ARG A 96 -9.55 -12.56 -6.53
C ARG A 96 -9.22 -12.31 -8.01
N THR A 97 -8.11 -11.58 -8.27
CA THR A 97 -7.71 -11.17 -9.63
C THR A 97 -7.14 -12.37 -10.45
N LEU A 98 -6.55 -13.32 -9.71
CA LEU A 98 -5.91 -14.52 -10.26
C LEU A 98 -6.93 -15.67 -10.31
N GLY A 99 -7.90 -15.64 -9.38
CA GLY A 99 -8.88 -16.71 -9.22
C GLY A 99 -8.28 -17.94 -8.56
N ALA A 100 -7.53 -17.72 -7.47
CA ALA A 100 -6.87 -18.78 -6.70
C ALA A 100 -7.41 -18.80 -5.26
N ALA A 101 -7.45 -20.00 -4.66
CA ALA A 101 -7.93 -20.19 -3.28
C ALA A 101 -6.98 -19.50 -2.28
N VAL A 102 -7.50 -18.48 -1.57
CA VAL A 102 -6.74 -17.76 -0.52
C VAL A 102 -6.86 -18.53 0.81
N GLU A 103 -5.76 -18.58 1.57
CA GLU A 103 -5.67 -19.37 2.81
C GLU A 103 -4.59 -18.76 3.72
N LEU A 104 -4.73 -18.99 5.04
CA LEU A 104 -3.76 -18.58 6.05
C LEU A 104 -2.44 -19.35 5.89
N ARG A 105 -1.44 -18.94 6.66
CA ARG A 105 -0.04 -19.35 6.47
C ARG A 105 0.32 -20.72 7.08
N LEU A 106 -0.67 -21.61 7.23
CA LEU A 106 -0.46 -22.98 7.75
C LEU A 106 0.46 -23.81 6.79
N PRO A 107 0.16 -23.95 5.44
CA PRO A 107 1.01 -24.75 4.52
C PRO A 107 2.40 -24.15 4.31
N GLU A 108 2.48 -22.81 4.22
CA GLU A 108 3.74 -22.12 3.86
C GLU A 108 4.75 -22.18 5.03
N LEU A 109 4.23 -22.42 6.25
CA LEU A 109 5.01 -22.39 7.50
C LEU A 109 6.08 -23.52 7.53
N SER A 110 5.94 -24.50 6.61
CA SER A 110 6.97 -25.54 6.37
C SER A 110 8.32 -24.89 5.99
N ASP A 111 8.27 -23.94 5.04
CA ASP A 111 9.44 -23.14 4.60
C ASP A 111 9.64 -21.91 5.51
N GLN A 112 8.50 -21.39 6.01
CA GLN A 112 8.40 -20.14 6.79
C GLN A 112 8.89 -18.92 5.96
N PRO A 113 8.10 -18.46 4.94
CA PRO A 113 8.28 -17.15 4.29
C PRO A 113 7.50 -16.04 5.04
N PRO A 114 8.02 -14.77 5.05
CA PRO A 114 7.29 -13.62 5.64
C PRO A 114 6.31 -12.96 4.66
N GLY A 115 5.08 -12.69 5.14
CA GLY A 115 4.07 -11.92 4.40
C GLY A 115 3.12 -12.76 3.58
N VAL A 116 2.80 -12.28 2.37
CA VAL A 116 1.88 -12.93 1.43
C VAL A 116 2.64 -13.57 0.28
N ILE A 117 2.61 -14.91 0.21
CA ILE A 117 3.15 -15.64 -0.93
C ILE A 117 1.98 -16.07 -1.85
N VAL A 118 1.93 -15.52 -3.04
CA VAL A 118 0.98 -15.94 -4.07
C VAL A 118 1.62 -17.05 -4.90
N VAL A 119 1.13 -18.27 -4.72
CA VAL A 119 1.61 -19.42 -5.47
C VAL A 119 0.70 -19.61 -6.70
N VAL A 120 1.29 -19.48 -7.88
CA VAL A 120 0.65 -19.74 -9.16
C VAL A 120 1.21 -21.06 -9.69
N THR A 121 0.38 -21.89 -10.32
CA THR A 121 0.85 -23.06 -11.07
C THR A 121 0.13 -23.11 -12.41
N GLY A 122 0.87 -22.85 -13.50
CA GLY A 122 0.33 -22.90 -14.86
C GLY A 122 0.37 -24.30 -15.47
N GLY A 1 22.94 53.97 -84.52
CA GLY A 1 23.35 53.57 -83.14
C GLY A 1 22.17 53.05 -82.31
N SER A 2 22.38 52.99 -80.98
CA SER A 2 21.36 52.53 -80.01
C SER A 2 21.67 53.14 -78.63
N SER A 3 20.62 53.36 -77.82
CA SER A 3 20.73 54.02 -76.49
C SER A 3 20.86 52.97 -75.35
N PRO A 4 21.84 53.16 -74.39
CA PRO A 4 22.07 52.19 -73.28
C PRO A 4 20.89 52.12 -72.28
N ASN A 5 20.56 50.89 -71.85
CA ASN A 5 19.48 50.62 -70.88
C ASN A 5 20.08 50.34 -69.48
N SER A 6 19.24 49.95 -68.52
CA SER A 6 19.68 49.67 -67.14
C SER A 6 19.01 48.40 -66.62
N GLU A 7 19.80 47.32 -66.50
CA GLU A 7 19.35 46.03 -65.90
C GLU A 7 19.65 46.03 -64.39
N ASP A 8 20.12 47.17 -63.85
CA ASP A 8 20.61 47.31 -62.47
C ASP A 8 19.52 46.94 -61.45
N ASP A 9 18.52 47.84 -61.30
CA ASP A 9 17.34 47.68 -60.41
C ASP A 9 17.71 47.61 -58.90
N SER A 10 16.81 48.13 -58.05
CA SER A 10 17.03 48.20 -56.60
C SER A 10 15.75 47.75 -55.86
N SER A 11 15.87 46.69 -55.05
CA SER A 11 14.76 46.16 -54.24
C SER A 11 15.21 46.00 -52.78
N ALA A 12 14.25 46.08 -51.83
CA ALA A 12 14.51 45.99 -50.38
C ALA A 12 13.71 44.85 -49.74
N ILE A 13 13.93 44.63 -48.44
CA ILE A 13 13.22 43.60 -47.64
C ILE A 13 12.80 44.20 -46.28
N SER A 14 12.23 43.35 -45.41
CA SER A 14 11.73 43.76 -44.07
C SER A 14 11.84 42.58 -43.10
N THR A 15 11.79 42.89 -41.79
CA THR A 15 12.03 41.92 -40.71
C THR A 15 10.70 41.39 -40.13
N MET A 16 10.76 40.17 -39.57
CA MET A 16 9.67 39.54 -38.80
C MET A 16 10.11 39.39 -37.34
N THR A 17 9.14 39.39 -36.41
CA THR A 17 9.37 39.23 -34.97
C THR A 17 8.71 37.92 -34.50
N THR A 18 9.48 37.04 -33.84
CA THR A 18 9.00 35.72 -33.38
C THR A 18 9.11 35.63 -31.84
N THR A 19 8.11 35.00 -31.21
CA THR A 19 8.06 34.78 -29.75
C THR A 19 7.18 33.55 -29.45
N THR A 20 7.27 33.02 -28.22
CA THR A 20 6.57 31.78 -27.84
C THR A 20 6.21 31.79 -26.34
N ALA A 21 5.35 30.84 -25.93
CA ALA A 21 4.91 30.67 -24.53
C ALA A 21 5.33 29.27 -24.02
N ALA A 22 5.25 29.07 -22.69
CA ALA A 22 5.71 27.83 -22.04
C ALA A 22 4.62 27.26 -21.11
N PRO A 23 4.22 25.95 -21.28
CA PRO A 23 3.29 25.25 -20.34
C PRO A 23 3.99 24.90 -19.01
N THR A 24 3.30 24.09 -18.17
CA THR A 24 3.80 23.64 -16.86
C THR A 24 3.58 22.12 -16.71
N SER A 25 4.50 21.44 -16.01
CA SER A 25 4.44 19.98 -15.77
C SER A 25 3.41 19.65 -14.65
N THR A 26 3.07 18.34 -14.52
CA THR A 26 2.14 17.84 -13.50
C THR A 26 2.91 17.01 -12.45
N SER A 27 2.66 17.29 -11.16
CA SER A 27 3.34 16.64 -10.03
C SER A 27 2.30 15.97 -9.11
N VAL A 28 2.53 14.69 -8.77
CA VAL A 28 1.56 13.86 -8.01
C VAL A 28 2.13 13.45 -6.65
N LYS A 29 1.23 13.28 -5.65
CA LYS A 29 1.59 12.76 -4.33
C LYS A 29 1.64 11.22 -4.40
N PRO A 30 2.65 10.56 -3.74
CA PRO A 30 2.69 9.07 -3.64
C PRO A 30 1.49 8.49 -2.84
N ALA A 31 1.32 7.17 -2.91
CA ALA A 31 0.25 6.45 -2.18
C ALA A 31 0.77 5.94 -0.82
N ALA A 32 -0.16 5.47 0.03
CA ALA A 32 0.16 4.86 1.33
C ALA A 32 0.63 3.40 1.14
N PRO A 33 1.73 2.95 1.83
CA PRO A 33 2.27 1.58 1.67
C PRO A 33 1.33 0.50 2.30
N ARG A 34 1.00 -0.54 1.51
CA ARG A 34 0.07 -1.62 1.93
C ARG A 34 0.79 -2.70 2.75
N ALA A 35 1.36 -3.71 2.04
CA ALA A 35 1.97 -4.88 2.68
C ALA A 35 2.98 -5.53 1.71
N GLU A 36 3.68 -6.57 2.21
CA GLU A 36 4.62 -7.35 1.40
C GLU A 36 3.87 -8.38 0.56
N VAL A 37 3.98 -8.24 -0.77
CA VAL A 37 3.42 -9.21 -1.74
C VAL A 37 4.51 -9.67 -2.71
N ARG A 38 4.48 -10.94 -3.10
CA ARG A 38 5.36 -11.49 -4.15
C ARG A 38 4.67 -12.63 -4.89
N VAL A 39 4.73 -12.57 -6.24
CA VAL A 39 4.12 -13.55 -7.12
C VAL A 39 5.20 -14.48 -7.66
N TYR A 40 5.20 -15.73 -7.20
CA TYR A 40 6.10 -16.77 -7.68
C TYR A 40 5.32 -17.78 -8.52
N ASN A 41 5.88 -18.18 -9.66
CA ASN A 41 5.37 -19.33 -10.43
C ASN A 41 6.26 -20.55 -10.15
N ILE A 42 5.66 -21.68 -9.75
CA ILE A 42 6.42 -22.94 -9.63
C ILE A 42 6.76 -23.47 -11.05
N SER A 43 5.94 -23.06 -12.04
CA SER A 43 6.11 -23.40 -13.46
C SER A 43 6.83 -22.26 -14.23
N GLY A 44 6.16 -21.09 -14.36
CA GLY A 44 6.69 -19.92 -15.08
C GLY A 44 6.08 -19.75 -16.46
N THR A 45 5.00 -20.51 -16.75
CA THR A 45 4.35 -20.51 -18.07
C THR A 45 3.42 -19.28 -18.24
N GLU A 46 2.40 -19.22 -17.37
CA GLU A 46 1.30 -18.25 -17.50
C GLU A 46 1.73 -16.85 -17.00
N GLY A 47 1.60 -15.85 -17.89
CA GLY A 47 2.01 -14.45 -17.64
C GLY A 47 0.98 -13.61 -16.88
N ALA A 48 -0.18 -14.21 -16.53
CA ALA A 48 -1.24 -13.52 -15.74
C ALA A 48 -0.75 -13.19 -14.31
N ALA A 49 0.29 -13.92 -13.87
CA ALA A 49 1.01 -13.70 -12.62
C ALA A 49 1.64 -12.28 -12.56
N ALA A 50 2.00 -11.76 -13.74
CA ALA A 50 2.54 -10.40 -13.90
C ALA A 50 1.53 -9.34 -13.45
N ARG A 51 0.24 -9.60 -13.73
CA ARG A 51 -0.86 -8.65 -13.52
C ARG A 51 -1.18 -8.48 -12.02
N THR A 52 -1.12 -9.60 -11.27
CA THR A 52 -1.38 -9.60 -9.81
C THR A 52 -0.32 -8.78 -9.04
N ALA A 53 0.91 -8.73 -9.61
CA ALA A 53 2.01 -7.93 -9.06
C ALA A 53 1.89 -6.45 -9.48
N ASP A 54 1.74 -6.26 -10.80
CA ASP A 54 1.77 -4.95 -11.49
C ASP A 54 0.71 -3.98 -10.93
N ARG A 55 -0.50 -4.50 -10.70
CA ARG A 55 -1.65 -3.72 -10.23
C ARG A 55 -1.48 -3.29 -8.76
N LEU A 56 -0.92 -4.19 -7.92
CA LEU A 56 -0.72 -3.90 -6.47
C LEU A 56 0.43 -2.91 -6.26
N LYS A 57 1.40 -2.91 -7.18
CA LYS A 57 2.48 -1.92 -7.20
C LYS A 57 1.90 -0.51 -7.46
N ALA A 58 0.93 -0.44 -8.38
CA ALA A 58 0.19 0.80 -8.69
C ALA A 58 -0.81 1.15 -7.56
N ALA A 59 -1.22 0.13 -6.77
CA ALA A 59 -2.20 0.28 -5.68
C ALA A 59 -1.57 0.86 -4.40
N GLY A 60 -0.24 1.08 -4.40
CA GLY A 60 0.44 1.62 -3.22
C GLY A 60 1.04 0.52 -2.36
N PHE A 61 1.79 -0.37 -3.01
CA PHE A 61 2.51 -1.50 -2.37
C PHE A 61 3.49 -1.02 -1.28
N THR A 62 3.84 -1.93 -0.35
CA THR A 62 5.05 -1.76 0.48
C THR A 62 6.19 -2.47 -0.25
N VAL A 63 5.97 -3.78 -0.50
CA VAL A 63 6.87 -4.64 -1.29
C VAL A 63 6.02 -5.35 -2.36
N THR A 64 6.53 -5.41 -3.59
CA THR A 64 5.97 -6.23 -4.67
C THR A 64 7.13 -6.82 -5.47
N ASP A 65 7.26 -8.15 -5.41
CA ASP A 65 8.32 -8.89 -6.13
C ASP A 65 7.69 -9.91 -7.10
N VAL A 66 8.42 -10.24 -8.17
CA VAL A 66 8.05 -11.29 -9.12
C VAL A 66 9.20 -12.31 -9.22
N GLY A 67 8.86 -13.59 -9.28
CA GLY A 67 9.83 -14.66 -9.42
C GLY A 67 9.21 -15.95 -9.91
N ASN A 68 10.05 -16.97 -10.04
CA ASN A 68 9.63 -18.34 -10.33
C ASN A 68 10.56 -19.31 -9.57
N LEU A 69 9.96 -20.19 -8.75
CA LEU A 69 10.72 -21.04 -7.82
C LEU A 69 9.88 -22.28 -7.48
N SER A 70 10.53 -23.46 -7.52
CA SER A 70 9.91 -24.74 -7.14
C SER A 70 9.85 -24.81 -5.60
N LEU A 71 8.67 -24.50 -5.04
CA LEU A 71 8.46 -24.38 -3.59
C LEU A 71 7.72 -25.65 -3.06
N PRO A 72 8.34 -26.43 -2.10
CA PRO A 72 7.82 -27.76 -1.66
C PRO A 72 6.39 -27.75 -1.05
N ASP A 73 6.00 -26.61 -0.45
CA ASP A 73 4.69 -26.44 0.22
C ASP A 73 3.60 -25.95 -0.76
N VAL A 74 3.92 -25.93 -2.07
CA VAL A 74 2.97 -25.58 -3.13
C VAL A 74 2.56 -26.85 -3.88
N ALA A 75 1.29 -27.24 -3.71
CA ALA A 75 0.69 -28.41 -4.39
C ALA A 75 -0.51 -27.99 -5.27
N ALA A 76 -0.67 -26.65 -5.46
CA ALA A 76 -1.75 -26.07 -6.29
C ALA A 76 -1.53 -24.57 -6.50
N THR A 77 -2.12 -24.03 -7.58
CA THR A 77 -2.13 -22.58 -7.88
C THR A 77 -3.04 -21.85 -6.85
N THR A 78 -2.41 -21.20 -5.87
CA THR A 78 -3.12 -20.62 -4.72
C THR A 78 -2.36 -19.39 -4.18
N VAL A 79 -3.14 -18.43 -3.63
CA VAL A 79 -2.61 -17.23 -2.98
C VAL A 79 -2.49 -17.50 -1.47
N TYR A 80 -1.26 -17.52 -0.95
CA TYR A 80 -1.00 -17.78 0.48
C TYR A 80 -0.76 -16.43 1.18
N TYR A 81 -1.37 -16.24 2.35
CA TYR A 81 -1.19 -15.02 3.16
C TYR A 81 -0.77 -15.35 4.59
N THR A 82 0.18 -14.55 5.09
CA THR A 82 0.59 -14.57 6.49
C THR A 82 -0.52 -13.90 7.35
N GLU A 83 -0.61 -14.28 8.64
CA GLU A 83 -1.66 -13.75 9.55
C GLU A 83 -1.12 -12.67 10.49
N VAL A 84 -0.05 -11.97 10.06
CA VAL A 84 0.50 -10.82 10.78
C VAL A 84 -0.49 -9.63 10.67
N GLU A 85 -1.38 -9.53 11.69
CA GLU A 85 -2.45 -8.53 11.79
C GLU A 85 -3.57 -8.81 10.74
N GLY A 86 -3.33 -8.45 9.46
CA GLY A 86 -4.35 -8.52 8.42
C GLY A 86 -3.76 -8.46 7.03
N GLU A 87 -2.72 -9.30 6.76
CA GLU A 87 -2.09 -9.39 5.42
C GLU A 87 -3.06 -10.03 4.41
N ARG A 88 -4.08 -10.73 4.93
CA ARG A 88 -5.09 -11.43 4.14
C ARG A 88 -5.96 -10.44 3.35
N ALA A 89 -6.12 -9.21 3.87
CA ALA A 89 -6.88 -8.13 3.20
C ALA A 89 -6.22 -7.75 1.87
N THR A 90 -4.88 -7.79 1.87
CA THR A 90 -4.05 -7.50 0.71
C THR A 90 -4.10 -8.68 -0.29
N ALA A 91 -4.12 -9.90 0.25
CA ALA A 91 -4.19 -11.15 -0.53
C ALA A 91 -5.60 -11.43 -1.07
N ASP A 92 -6.62 -10.80 -0.45
CA ASP A 92 -8.02 -10.84 -0.95
C ASP A 92 -8.05 -10.27 -2.37
N ALA A 93 -7.43 -9.08 -2.53
CA ALA A 93 -7.31 -8.37 -3.81
C ALA A 93 -6.64 -9.25 -4.88
N VAL A 94 -5.62 -10.03 -4.47
CA VAL A 94 -4.84 -10.90 -5.38
C VAL A 94 -5.65 -12.12 -5.83
N GLY A 95 -6.30 -12.80 -4.86
CA GLY A 95 -7.18 -13.94 -5.14
C GLY A 95 -8.33 -13.57 -6.06
N ARG A 96 -8.70 -12.28 -6.02
CA ARG A 96 -9.75 -11.69 -6.87
C ARG A 96 -9.16 -11.26 -8.23
N THR A 97 -7.87 -10.84 -8.27
CA THR A 97 -7.20 -10.41 -9.52
C THR A 97 -6.82 -11.65 -10.37
N LEU A 98 -6.54 -12.78 -9.69
CA LEU A 98 -6.09 -14.02 -10.33
C LEU A 98 -7.27 -14.96 -10.57
N GLY A 99 -8.28 -14.89 -9.67
CA GLY A 99 -9.44 -15.78 -9.72
C GLY A 99 -9.10 -17.21 -9.34
N ALA A 100 -8.31 -17.35 -8.27
CA ALA A 100 -7.80 -18.64 -7.77
C ALA A 100 -8.18 -18.83 -6.30
N ALA A 101 -7.81 -19.99 -5.75
CA ALA A 101 -8.03 -20.33 -4.33
C ALA A 101 -7.07 -19.50 -3.44
N VAL A 102 -7.43 -19.34 -2.16
CA VAL A 102 -6.59 -18.67 -1.15
C VAL A 102 -6.41 -19.60 0.07
N GLU A 103 -5.22 -19.55 0.69
CA GLU A 103 -4.91 -20.28 1.93
C GLU A 103 -4.28 -19.32 2.95
N LEU A 104 -4.53 -19.61 4.23
CA LEU A 104 -3.78 -19.03 5.35
C LEU A 104 -2.33 -19.58 5.34
N ARG A 105 -1.48 -19.09 6.25
CA ARG A 105 -0.05 -19.44 6.32
C ARG A 105 0.26 -20.92 6.73
N LEU A 106 -0.70 -21.86 6.58
CA LEU A 106 -0.45 -23.29 6.87
C LEU A 106 0.61 -23.91 5.90
N PRO A 107 0.57 -23.67 4.54
CA PRO A 107 1.69 -24.03 3.63
C PRO A 107 2.97 -23.26 3.99
N GLU A 108 2.80 -21.94 4.30
CA GLU A 108 3.92 -21.07 4.70
C GLU A 108 4.60 -21.59 5.98
N LEU A 109 3.85 -22.33 6.83
CA LEU A 109 4.30 -22.75 8.18
C LEU A 109 5.54 -23.67 8.12
N SER A 110 5.89 -24.14 6.91
CA SER A 110 7.13 -24.89 6.65
C SER A 110 8.38 -24.08 7.07
N ASP A 111 8.47 -22.81 6.63
CA ASP A 111 9.63 -21.90 6.93
C ASP A 111 9.14 -20.56 7.52
N GLN A 112 7.96 -20.13 7.05
CA GLN A 112 7.29 -18.86 7.43
C GLN A 112 7.97 -17.62 6.81
N PRO A 113 7.69 -17.32 5.49
CA PRO A 113 8.09 -16.04 4.87
C PRO A 113 7.07 -14.93 5.24
N PRO A 114 7.53 -13.77 5.83
CA PRO A 114 6.62 -12.67 6.22
C PRO A 114 6.09 -11.92 4.99
N GLY A 115 4.76 -11.97 4.78
CA GLY A 115 4.09 -11.30 3.67
C GLY A 115 3.49 -12.30 2.67
N VAL A 116 2.49 -11.83 1.92
CA VAL A 116 1.70 -12.63 0.97
C VAL A 116 2.55 -13.24 -0.15
N ILE A 117 2.55 -14.58 -0.24
CA ILE A 117 3.18 -15.30 -1.35
C ILE A 117 2.08 -15.95 -2.22
N VAL A 118 1.85 -15.39 -3.41
CA VAL A 118 0.89 -15.96 -4.38
C VAL A 118 1.67 -16.83 -5.38
N VAL A 119 1.47 -18.15 -5.33
CA VAL A 119 2.22 -19.10 -6.18
C VAL A 119 1.29 -19.81 -7.18
N VAL A 120 1.56 -19.61 -8.47
CA VAL A 120 0.77 -20.20 -9.58
C VAL A 120 1.49 -21.46 -10.13
N THR A 121 0.70 -22.47 -10.52
CA THR A 121 1.21 -23.70 -11.17
C THR A 121 0.59 -23.82 -12.58
N GLY A 122 1.18 -24.70 -13.40
CA GLY A 122 0.72 -24.95 -14.77
C GLY A 122 1.69 -24.37 -15.78
N GLY A 1 -18.40 69.11 83.73
CA GLY A 1 -18.83 69.01 82.32
C GLY A 1 -18.14 67.88 81.57
N SER A 2 -18.83 67.33 80.57
CA SER A 2 -18.35 66.19 79.77
C SER A 2 -18.97 66.25 78.37
N SER A 3 -18.24 66.83 77.40
CA SER A 3 -18.68 66.92 76.00
C SER A 3 -18.22 65.65 75.22
N PRO A 4 -19.14 64.98 74.45
CA PRO A 4 -18.77 63.83 73.58
C PRO A 4 -17.80 64.25 72.43
N ASN A 5 -16.78 63.44 72.16
CA ASN A 5 -15.80 63.68 71.07
C ASN A 5 -15.35 62.34 70.45
N SER A 6 -15.77 62.12 69.19
CA SER A 6 -15.36 60.96 68.36
C SER A 6 -15.68 61.27 66.88
N GLU A 7 -15.52 62.57 66.51
CA GLU A 7 -15.91 63.12 65.18
C GLU A 7 -14.90 62.76 64.06
N ASP A 8 -14.02 61.79 64.34
CA ASP A 8 -13.02 61.28 63.41
C ASP A 8 -13.69 60.77 62.11
N ASP A 9 -14.50 59.70 62.26
CA ASP A 9 -15.23 59.05 61.15
C ASP A 9 -14.26 58.64 60.01
N SER A 10 -13.63 57.47 60.18
CA SER A 10 -12.72 56.90 59.17
C SER A 10 -13.52 56.21 58.06
N SER A 11 -13.09 56.40 56.81
CA SER A 11 -13.75 55.83 55.61
C SER A 11 -12.72 55.64 54.48
N ALA A 12 -12.74 54.44 53.85
CA ALA A 12 -11.88 54.09 52.71
C ALA A 12 -12.54 52.95 51.93
N ILE A 13 -12.85 53.19 50.65
CA ILE A 13 -13.52 52.18 49.77
C ILE A 13 -12.60 51.81 48.60
N SER A 14 -12.47 50.48 48.34
CA SER A 14 -11.73 49.94 47.19
C SER A 14 -12.41 48.64 46.73
N THR A 15 -12.75 48.55 45.43
CA THR A 15 -13.39 47.36 44.83
C THR A 15 -12.88 47.20 43.38
N MET A 16 -11.95 46.23 43.20
CA MET A 16 -11.32 45.94 41.92
C MET A 16 -11.06 44.43 41.79
N THR A 17 -11.09 43.92 40.55
CA THR A 17 -10.79 42.51 40.25
C THR A 17 -10.14 42.40 38.85
N THR A 18 -9.46 41.28 38.61
CA THR A 18 -8.77 41.00 37.33
C THR A 18 -8.82 39.49 37.04
N THR A 19 -8.81 39.14 35.74
CA THR A 19 -8.86 37.74 35.28
C THR A 19 -8.24 37.64 33.86
N THR A 20 -7.86 36.40 33.48
CA THR A 20 -7.19 36.10 32.20
C THR A 20 -7.50 34.63 31.79
N ALA A 21 -6.98 34.22 30.61
CA ALA A 21 -7.13 32.87 30.06
C ALA A 21 -5.82 32.45 29.36
N ALA A 22 -5.75 31.18 28.92
CA ALA A 22 -4.56 30.62 28.25
C ALA A 22 -4.99 29.61 27.16
N PRO A 23 -4.60 29.84 25.86
CA PRO A 23 -4.99 28.96 24.73
C PRO A 23 -4.15 27.65 24.69
N THR A 24 -4.82 26.53 24.36
CA THR A 24 -4.21 25.18 24.34
C THR A 24 -4.63 24.41 23.08
N SER A 25 -3.69 23.63 22.50
CA SER A 25 -3.94 22.75 21.33
C SER A 25 -2.67 21.90 21.04
N THR A 26 -2.87 20.59 20.80
CA THR A 26 -1.79 19.65 20.42
C THR A 26 -1.82 19.35 18.91
N SER A 27 -0.91 18.46 18.48
CA SER A 27 -0.86 17.96 17.10
C SER A 27 -0.32 16.51 17.12
N VAL A 28 -1.06 15.59 16.49
CA VAL A 28 -0.68 14.16 16.39
C VAL A 28 -0.01 13.89 15.03
N LYS A 29 0.78 12.80 14.96
CA LYS A 29 1.53 12.41 13.74
C LYS A 29 0.97 11.07 13.19
N PRO A 30 0.68 10.98 11.86
CA PRO A 30 0.17 9.73 11.23
C PRO A 30 1.29 8.68 11.00
N ALA A 31 0.88 7.40 10.82
CA ALA A 31 1.79 6.27 10.52
C ALA A 31 1.33 5.57 9.22
N ALA A 32 2.07 4.54 8.78
CA ALA A 32 1.79 3.81 7.52
C ALA A 32 1.81 2.28 7.77
N PRO A 33 0.89 1.49 7.12
CA PRO A 33 0.87 0.01 7.25
C PRO A 33 1.93 -0.68 6.37
N ARG A 34 2.29 -1.93 6.72
CA ARG A 34 3.33 -2.71 6.02
C ARG A 34 2.75 -4.05 5.52
N ALA A 35 3.30 -4.57 4.40
CA ALA A 35 2.84 -5.83 3.75
C ALA A 35 3.81 -6.24 2.63
N GLU A 36 4.18 -7.53 2.59
CA GLU A 36 5.08 -8.08 1.56
C GLU A 36 4.27 -8.94 0.58
N VAL A 37 3.99 -8.43 -0.62
CA VAL A 37 3.32 -9.23 -1.67
C VAL A 37 4.40 -9.80 -2.60
N ARG A 38 4.39 -11.12 -2.83
CA ARG A 38 5.46 -11.79 -3.55
C ARG A 38 4.91 -12.99 -4.36
N VAL A 39 4.93 -12.87 -5.70
CA VAL A 39 4.51 -13.94 -6.60
C VAL A 39 5.69 -14.91 -6.85
N TYR A 40 5.45 -16.21 -6.72
CA TYR A 40 6.36 -17.28 -7.17
C TYR A 40 5.60 -18.23 -8.10
N ASN A 41 6.20 -18.54 -9.24
CA ASN A 41 5.67 -19.53 -10.16
C ASN A 41 6.32 -20.90 -9.87
N ILE A 42 5.47 -21.90 -9.56
CA ILE A 42 5.91 -23.30 -9.34
C ILE A 42 6.15 -23.99 -10.71
N SER A 43 5.42 -23.52 -11.74
CA SER A 43 5.53 -23.99 -13.13
C SER A 43 5.81 -22.78 -14.04
N GLY A 44 5.58 -22.89 -15.37
CA GLY A 44 5.83 -21.80 -16.30
C GLY A 44 5.01 -20.54 -15.98
N THR A 45 5.67 -19.36 -16.06
CA THR A 45 5.07 -18.08 -15.67
C THR A 45 4.13 -17.57 -16.77
N GLU A 46 2.86 -17.35 -16.40
CA GLU A 46 1.86 -16.72 -17.30
C GLU A 46 1.96 -15.19 -17.15
N GLY A 47 1.43 -14.47 -18.15
CA GLY A 47 1.35 -13.00 -18.09
C GLY A 47 0.58 -12.51 -16.87
N ALA A 48 -0.53 -13.22 -16.56
CA ALA A 48 -1.41 -12.91 -15.41
C ALA A 48 -0.69 -13.09 -14.06
N ALA A 49 0.28 -14.03 -14.00
CA ALA A 49 1.07 -14.33 -12.80
C ALA A 49 1.83 -13.08 -12.30
N ALA A 50 2.53 -12.43 -13.23
CA ALA A 50 3.27 -11.20 -12.97
C ALA A 50 2.32 -9.99 -12.89
N ARG A 51 1.22 -10.06 -13.67
CA ARG A 51 0.23 -8.96 -13.80
C ARG A 51 -0.63 -8.80 -12.52
N THR A 52 -0.70 -9.83 -11.65
CA THR A 52 -1.40 -9.71 -10.35
C THR A 52 -0.75 -8.59 -9.52
N ALA A 53 0.58 -8.69 -9.36
CA ALA A 53 1.37 -7.74 -8.58
C ALA A 53 1.65 -6.44 -9.37
N ASP A 54 1.62 -6.56 -10.71
CA ASP A 54 1.90 -5.45 -11.65
C ASP A 54 0.67 -4.53 -11.79
N ARG A 55 -0.51 -5.07 -11.48
CA ARG A 55 -1.75 -4.30 -11.32
C ARG A 55 -1.85 -3.80 -9.88
N LEU A 56 -1.41 -4.64 -8.93
CA LEU A 56 -1.55 -4.38 -7.48
C LEU A 56 -0.60 -3.26 -7.00
N LYS A 57 0.45 -2.97 -7.78
CA LYS A 57 1.37 -1.86 -7.48
C LYS A 57 0.62 -0.51 -7.51
N ALA A 58 -0.46 -0.44 -8.31
CA ALA A 58 -1.35 0.73 -8.39
C ALA A 58 -2.24 0.85 -7.12
N ALA A 59 -2.45 -0.28 -6.42
CA ALA A 59 -3.35 -0.37 -5.25
C ALA A 59 -2.64 0.05 -3.93
N GLY A 60 -1.45 0.67 -4.04
CA GLY A 60 -0.75 1.23 -2.87
C GLY A 60 0.02 0.19 -2.07
N PHE A 61 0.77 -0.66 -2.80
CA PHE A 61 1.61 -1.74 -2.21
C PHE A 61 2.66 -1.17 -1.23
N THR A 62 3.07 -1.97 -0.23
CA THR A 62 4.20 -1.58 0.64
C THR A 62 5.51 -2.02 -0.02
N VAL A 63 5.58 -3.33 -0.35
CA VAL A 63 6.72 -3.91 -1.08
C VAL A 63 6.21 -5.14 -1.86
N THR A 64 6.83 -5.38 -3.01
CA THR A 64 6.41 -6.40 -3.98
C THR A 64 7.64 -7.05 -4.63
N ASP A 65 7.52 -8.35 -4.91
CA ASP A 65 8.53 -9.15 -5.64
C ASP A 65 7.80 -10.16 -6.54
N VAL A 66 8.33 -10.44 -7.73
CA VAL A 66 7.82 -11.50 -8.62
C VAL A 66 8.99 -12.36 -9.10
N GLY A 67 8.84 -13.69 -9.03
CA GLY A 67 9.83 -14.63 -9.53
C GLY A 67 9.23 -16.01 -9.75
N ASN A 68 10.12 -17.01 -9.81
CA ASN A 68 9.75 -18.43 -9.91
C ASN A 68 10.54 -19.21 -8.86
N LEU A 69 9.90 -20.19 -8.21
CA LEU A 69 10.54 -20.99 -7.17
C LEU A 69 9.81 -22.33 -7.02
N SER A 70 10.59 -23.41 -6.96
CA SER A 70 10.07 -24.74 -6.64
C SER A 70 9.74 -24.76 -5.14
N LEU A 71 8.46 -24.57 -4.83
CA LEU A 71 7.92 -24.70 -3.47
C LEU A 71 7.20 -26.06 -3.38
N PRO A 72 7.86 -27.13 -2.81
CA PRO A 72 7.28 -28.50 -2.78
C PRO A 72 6.14 -28.65 -1.74
N ASP A 73 5.83 -27.56 -1.02
CA ASP A 73 4.73 -27.51 -0.05
C ASP A 73 3.38 -27.28 -0.78
N VAL A 74 3.46 -26.70 -2.00
CA VAL A 74 2.29 -26.31 -2.81
C VAL A 74 2.47 -26.76 -4.28
N ALA A 75 1.37 -27.24 -4.90
CA ALA A 75 1.34 -27.64 -6.32
C ALA A 75 -0.01 -27.21 -6.90
N ALA A 76 -0.25 -25.88 -6.89
CA ALA A 76 -1.51 -25.27 -7.37
C ALA A 76 -1.32 -23.77 -7.59
N THR A 77 -2.16 -23.18 -8.47
CA THR A 77 -2.29 -21.73 -8.59
C THR A 77 -3.24 -21.24 -7.48
N THR A 78 -2.65 -20.76 -6.39
CA THR A 78 -3.36 -20.33 -5.16
C THR A 78 -2.58 -19.19 -4.50
N VAL A 79 -3.31 -18.19 -3.99
CA VAL A 79 -2.75 -17.02 -3.31
C VAL A 79 -2.80 -17.28 -1.80
N TYR A 80 -1.62 -17.35 -1.16
CA TYR A 80 -1.51 -17.59 0.29
C TYR A 80 -1.03 -16.31 0.97
N TYR A 81 -1.37 -16.17 2.25
CA TYR A 81 -1.01 -15.00 3.07
C TYR A 81 -0.58 -15.41 4.47
N THR A 82 -0.06 -14.43 5.20
CA THR A 82 0.11 -14.52 6.65
C THR A 82 -0.87 -13.54 7.33
N GLU A 83 -0.60 -13.16 8.59
CA GLU A 83 -1.45 -12.25 9.38
C GLU A 83 -0.65 -10.98 9.77
N VAL A 84 0.42 -10.72 9.00
CA VAL A 84 1.35 -9.60 9.26
C VAL A 84 0.71 -8.27 8.81
N GLU A 85 0.19 -7.53 9.82
CA GLU A 85 -0.44 -6.20 9.67
C GLU A 85 -1.80 -6.30 8.94
N GLY A 86 -1.76 -6.49 7.62
CA GLY A 86 -2.96 -6.63 6.79
C GLY A 86 -2.65 -7.50 5.60
N GLU A 87 -1.87 -8.57 5.87
CA GLU A 87 -1.33 -9.45 4.83
C GLU A 87 -2.48 -10.23 4.15
N ARG A 88 -3.46 -10.66 4.96
CA ARG A 88 -4.67 -11.36 4.48
C ARG A 88 -5.55 -10.41 3.64
N ALA A 89 -5.51 -9.11 3.98
CA ALA A 89 -6.36 -8.07 3.37
C ALA A 89 -5.91 -7.76 1.93
N THR A 90 -4.58 -7.64 1.73
CA THR A 90 -3.99 -7.35 0.40
C THR A 90 -4.02 -8.62 -0.47
N ALA A 91 -3.82 -9.79 0.18
CA ALA A 91 -3.89 -11.11 -0.50
C ALA A 91 -5.28 -11.41 -1.04
N ASP A 92 -6.31 -11.01 -0.26
CA ASP A 92 -7.74 -11.20 -0.63
C ASP A 92 -8.03 -10.51 -1.96
N ALA A 93 -7.38 -9.34 -2.17
CA ALA A 93 -7.45 -8.59 -3.43
C ALA A 93 -6.74 -9.35 -4.58
N VAL A 94 -5.56 -9.93 -4.30
CA VAL A 94 -4.71 -10.60 -5.33
C VAL A 94 -5.32 -11.94 -5.80
N GLY A 95 -6.00 -12.66 -4.89
CA GLY A 95 -6.73 -13.88 -5.25
C GLY A 95 -7.80 -13.62 -6.28
N ARG A 96 -8.39 -12.43 -6.15
CA ARG A 96 -9.42 -11.93 -7.06
C ARG A 96 -8.78 -11.36 -8.34
N THR A 97 -7.54 -10.81 -8.21
CA THR A 97 -6.77 -10.28 -9.37
C THR A 97 -6.20 -11.43 -10.23
N LEU A 98 -6.08 -12.64 -9.63
CA LEU A 98 -5.57 -13.85 -10.33
C LEU A 98 -6.74 -14.72 -10.83
N GLY A 99 -7.85 -14.70 -10.08
CA GLY A 99 -8.98 -15.62 -10.30
C GLY A 99 -8.80 -16.93 -9.53
N ALA A 100 -7.92 -16.91 -8.52
CA ALA A 100 -7.62 -18.06 -7.64
C ALA A 100 -8.25 -17.89 -6.24
N ALA A 101 -7.99 -18.86 -5.36
CA ALA A 101 -8.47 -18.84 -3.96
C ALA A 101 -7.40 -18.23 -3.05
N VAL A 102 -7.84 -17.66 -1.90
CA VAL A 102 -6.93 -17.16 -0.86
C VAL A 102 -6.98 -18.09 0.37
N GLU A 103 -5.78 -18.50 0.84
CA GLU A 103 -5.63 -19.44 1.96
C GLU A 103 -4.57 -18.95 2.96
N LEU A 104 -4.59 -19.56 4.16
CA LEU A 104 -3.71 -19.19 5.31
C LEU A 104 -2.22 -19.43 4.98
N ARG A 105 -1.37 -19.20 6.00
CA ARG A 105 0.08 -19.39 5.84
C ARG A 105 0.47 -20.87 5.76
N LEU A 106 -0.34 -21.78 6.37
CA LEU A 106 -0.05 -23.25 6.48
C LEU A 106 1.26 -23.52 7.28
N PRO A 107 1.33 -24.58 8.15
CA PRO A 107 2.55 -24.91 8.94
C PRO A 107 3.78 -25.19 8.04
N GLU A 108 3.48 -25.66 6.81
CA GLU A 108 4.49 -25.97 5.76
C GLU A 108 4.96 -24.68 5.06
N LEU A 109 3.99 -23.91 4.55
CA LEU A 109 4.24 -22.65 3.82
C LEU A 109 4.47 -21.45 4.78
N SER A 110 4.74 -21.74 6.07
CA SER A 110 5.30 -20.74 7.02
C SER A 110 6.83 -20.68 6.90
N ASP A 111 7.42 -21.65 6.18
CA ASP A 111 8.87 -21.67 5.86
C ASP A 111 9.17 -20.90 4.54
N GLN A 112 8.14 -20.20 4.01
CA GLN A 112 8.25 -19.40 2.78
C GLN A 112 8.97 -18.06 3.06
N PRO A 113 9.43 -17.30 2.00
CA PRO A 113 9.80 -15.87 2.16
C PRO A 113 8.59 -15.03 2.65
N PRO A 114 8.71 -14.32 3.81
CA PRO A 114 7.54 -13.73 4.56
C PRO A 114 6.58 -12.86 3.72
N GLY A 115 5.26 -13.06 3.94
CA GLY A 115 4.21 -12.25 3.32
C GLY A 115 3.23 -13.08 2.49
N VAL A 116 2.48 -12.37 1.62
CA VAL A 116 1.60 -12.98 0.61
C VAL A 116 2.47 -13.70 -0.43
N ILE A 117 2.35 -15.03 -0.52
CA ILE A 117 2.99 -15.80 -1.59
C ILE A 117 1.92 -16.23 -2.58
N VAL A 118 1.92 -15.58 -3.74
CA VAL A 118 1.02 -15.92 -4.83
C VAL A 118 1.71 -16.98 -5.67
N VAL A 119 1.31 -18.23 -5.47
CA VAL A 119 1.91 -19.37 -6.16
C VAL A 119 1.08 -19.63 -7.39
N VAL A 120 1.70 -19.52 -8.58
CA VAL A 120 1.01 -19.67 -9.87
C VAL A 120 1.63 -20.85 -10.65
N THR A 121 0.77 -21.66 -11.25
CA THR A 121 1.17 -22.77 -12.13
C THR A 121 0.61 -22.52 -13.55
N GLY A 122 1.45 -22.78 -14.58
CA GLY A 122 1.07 -22.60 -15.98
C GLY A 122 1.87 -23.55 -16.87
N GLY A 1 -13.18 98.67 -23.43
CA GLY A 1 -13.54 99.22 -22.11
C GLY A 1 -12.78 98.55 -20.98
N SER A 2 -13.51 98.05 -19.97
CA SER A 2 -12.92 97.40 -18.79
C SER A 2 -13.78 96.21 -18.35
N SER A 3 -13.30 95.00 -18.68
CA SER A 3 -13.88 93.73 -18.23
C SER A 3 -12.82 92.95 -17.42
N PRO A 4 -12.87 92.98 -16.04
CA PRO A 4 -11.92 92.23 -15.17
C PRO A 4 -12.27 90.73 -15.03
N ASN A 5 -12.95 90.17 -16.05
CA ASN A 5 -13.51 88.80 -16.01
C ASN A 5 -12.38 87.75 -15.95
N SER A 6 -12.20 87.17 -14.76
CA SER A 6 -11.22 86.09 -14.52
C SER A 6 -11.65 85.23 -13.33
N GLU A 7 -12.97 85.24 -13.04
CA GLU A 7 -13.57 84.50 -11.92
C GLU A 7 -13.87 83.02 -12.29
N ASP A 8 -13.27 82.56 -13.41
CA ASP A 8 -13.54 81.27 -14.04
C ASP A 8 -12.52 80.21 -13.61
N ASP A 9 -11.79 80.45 -12.50
CA ASP A 9 -10.78 79.51 -11.99
C ASP A 9 -11.45 78.20 -11.55
N SER A 10 -11.17 77.11 -12.27
CA SER A 10 -11.68 75.77 -11.96
C SER A 10 -10.52 74.83 -11.57
N SER A 11 -10.80 73.87 -10.69
CA SER A 11 -9.85 72.84 -10.26
C SER A 11 -10.62 71.64 -9.69
N ALA A 12 -10.32 70.43 -10.16
CA ALA A 12 -10.97 69.18 -9.73
C ALA A 12 -10.06 67.99 -10.02
N ILE A 13 -9.90 67.09 -9.03
CA ILE A 13 -9.02 65.92 -9.13
C ILE A 13 -9.53 64.80 -8.19
N SER A 14 -9.51 63.55 -8.69
CA SER A 14 -9.90 62.37 -7.91
C SER A 14 -9.25 61.13 -8.54
N THR A 15 -8.58 60.31 -7.72
CA THR A 15 -7.94 59.07 -8.17
C THR A 15 -7.89 58.07 -7.02
N MET A 16 -8.21 56.80 -7.30
CA MET A 16 -8.32 55.73 -6.28
C MET A 16 -7.45 54.53 -6.70
N THR A 17 -6.43 54.22 -5.89
CA THR A 17 -5.49 53.12 -6.16
C THR A 17 -5.06 52.45 -4.82
N THR A 18 -5.70 51.31 -4.53
CA THR A 18 -5.35 50.47 -3.37
C THR A 18 -5.82 49.02 -3.65
N THR A 19 -4.97 48.05 -3.30
CA THR A 19 -5.21 46.63 -3.52
C THR A 19 -4.40 45.80 -2.51
N THR A 20 -4.93 44.63 -2.14
CA THR A 20 -4.32 43.70 -1.18
C THR A 20 -4.54 42.26 -1.66
N ALA A 21 -3.44 41.54 -1.91
CA ALA A 21 -3.45 40.14 -2.38
C ALA A 21 -3.52 39.16 -1.20
N ALA A 22 -4.20 38.03 -1.44
CA ALA A 22 -4.27 36.91 -0.50
C ALA A 22 -3.30 35.80 -0.96
N PRO A 23 -2.24 35.46 -0.16
CA PRO A 23 -1.16 34.53 -0.61
C PRO A 23 -1.67 33.08 -0.76
N THR A 24 -1.24 32.42 -1.85
CA THR A 24 -1.58 31.01 -2.13
C THR A 24 -0.71 30.08 -1.25
N SER A 25 -1.33 29.04 -0.66
CA SER A 25 -0.65 28.12 0.27
C SER A 25 -1.21 26.69 0.13
N THR A 26 -0.35 25.71 0.37
CA THR A 26 -0.67 24.28 0.22
C THR A 26 0.21 23.45 1.18
N SER A 27 0.03 22.12 1.17
CA SER A 27 0.84 21.18 1.94
C SER A 27 0.75 19.76 1.33
N VAL A 28 1.75 18.91 1.58
CA VAL A 28 1.77 17.52 1.08
C VAL A 28 1.94 16.53 2.26
N LYS A 29 1.33 15.34 2.14
CA LYS A 29 1.47 14.26 3.14
C LYS A 29 2.26 13.10 2.49
N PRO A 30 3.13 12.37 3.27
CA PRO A 30 3.78 11.14 2.78
C PRO A 30 2.75 10.02 2.51
N ALA A 31 2.94 9.28 1.41
CA ALA A 31 2.11 8.11 1.08
C ALA A 31 2.45 6.96 2.04
N ALA A 32 1.42 6.32 2.61
CA ALA A 32 1.60 5.13 3.45
C ALA A 32 1.48 3.86 2.59
N PRO A 33 2.41 2.86 2.76
CA PRO A 33 2.32 1.58 2.04
C PRO A 33 1.18 0.70 2.61
N ARG A 34 0.52 -0.08 1.75
CA ARG A 34 -0.61 -0.91 2.16
C ARG A 34 -0.10 -2.19 2.86
N ALA A 35 0.33 -3.17 2.06
CA ALA A 35 0.84 -4.45 2.56
C ALA A 35 1.61 -5.17 1.46
N GLU A 36 2.28 -6.28 1.83
CA GLU A 36 3.17 -7.02 0.92
C GLU A 36 2.40 -8.09 0.12
N VAL A 37 2.87 -8.32 -1.11
CA VAL A 37 2.42 -9.43 -1.99
C VAL A 37 3.66 -10.05 -2.66
N ARG A 38 3.88 -11.37 -2.54
CA ARG A 38 5.02 -12.03 -3.19
C ARG A 38 4.54 -13.23 -4.02
N VAL A 39 4.63 -13.11 -5.36
CA VAL A 39 4.11 -14.10 -6.31
C VAL A 39 5.23 -15.07 -6.76
N TYR A 40 5.15 -16.35 -6.32
CA TYR A 40 6.09 -17.39 -6.75
C TYR A 40 5.43 -18.25 -7.84
N ASN A 41 5.87 -18.05 -9.08
CA ASN A 41 5.43 -18.87 -10.21
C ASN A 41 6.37 -20.09 -10.29
N ILE A 42 5.83 -21.30 -10.04
CA ILE A 42 6.66 -22.51 -10.15
C ILE A 42 6.98 -22.79 -11.64
N SER A 43 6.08 -22.34 -12.50
CA SER A 43 6.22 -22.41 -13.96
C SER A 43 5.92 -21.02 -14.53
N GLY A 44 6.40 -20.75 -15.77
CA GLY A 44 6.21 -19.46 -16.44
C GLY A 44 4.76 -18.98 -16.44
N THR A 45 3.84 -19.93 -16.77
CA THR A 45 2.36 -19.75 -16.78
C THR A 45 1.92 -18.45 -17.52
N GLU A 46 0.65 -18.02 -17.34
CA GLU A 46 0.18 -16.73 -17.86
C GLU A 46 0.82 -15.57 -17.05
N GLY A 47 1.27 -14.53 -17.77
CA GLY A 47 1.96 -13.40 -17.16
C GLY A 47 1.12 -12.63 -16.14
N ALA A 48 -0.22 -12.67 -16.31
CA ALA A 48 -1.19 -11.96 -15.46
C ALA A 48 -1.07 -12.35 -13.98
N ALA A 49 -0.58 -13.58 -13.72
CA ALA A 49 -0.37 -14.10 -12.36
C ALA A 49 0.63 -13.23 -11.58
N ALA A 50 1.74 -12.91 -12.22
CA ALA A 50 2.80 -12.04 -11.67
C ALA A 50 2.43 -10.56 -11.82
N ARG A 51 1.66 -10.28 -12.87
CA ARG A 51 1.30 -8.93 -13.29
C ARG A 51 0.24 -8.32 -12.34
N THR A 52 -0.48 -9.18 -11.57
CA THR A 52 -1.40 -8.70 -10.50
C THR A 52 -0.62 -7.84 -9.49
N ALA A 53 0.51 -8.40 -9.00
CA ALA A 53 1.39 -7.72 -8.03
C ALA A 53 2.11 -6.51 -8.65
N ASP A 54 2.58 -6.69 -9.89
CA ASP A 54 3.37 -5.66 -10.63
C ASP A 54 2.54 -4.38 -10.84
N ARG A 55 1.25 -4.56 -11.11
CA ARG A 55 0.29 -3.44 -11.26
C ARG A 55 -0.11 -2.89 -9.88
N LEU A 56 -0.17 -3.79 -8.88
CA LEU A 56 -0.74 -3.50 -7.56
C LEU A 56 0.05 -2.40 -6.81
N LYS A 57 1.39 -2.49 -6.86
CA LYS A 57 2.28 -1.55 -6.16
C LYS A 57 2.11 -0.09 -6.63
N ALA A 58 1.53 0.10 -7.83
CA ALA A 58 1.25 1.43 -8.38
C ALA A 58 0.27 2.23 -7.50
N ALA A 59 -0.60 1.52 -6.74
CA ALA A 59 -1.53 2.14 -5.77
C ALA A 59 -0.86 2.41 -4.41
N GLY A 60 0.36 1.87 -4.22
CA GLY A 60 1.16 2.14 -3.02
C GLY A 60 1.21 0.97 -2.05
N PHE A 61 1.48 -0.23 -2.57
CA PHE A 61 1.67 -1.45 -1.75
C PHE A 61 3.17 -1.63 -1.43
N THR A 62 3.46 -2.39 -0.35
CA THR A 62 4.78 -2.36 0.31
C THR A 62 5.88 -3.03 -0.56
N VAL A 63 5.91 -4.38 -0.58
CA VAL A 63 6.88 -5.16 -1.38
C VAL A 63 6.11 -6.16 -2.23
N THR A 64 5.99 -5.86 -3.53
CA THR A 64 5.46 -6.77 -4.53
C THR A 64 6.64 -7.48 -5.22
N ASP A 65 7.01 -8.64 -4.65
CA ASP A 65 8.18 -9.41 -5.08
C ASP A 65 7.71 -10.59 -5.93
N VAL A 66 8.33 -10.81 -7.09
CA VAL A 66 7.97 -11.93 -7.98
C VAL A 66 9.22 -12.77 -8.31
N GLY A 67 9.09 -14.09 -8.19
CA GLY A 67 10.16 -15.03 -8.55
C GLY A 67 9.60 -16.30 -9.16
N ASN A 68 10.35 -16.90 -10.11
CA ASN A 68 9.96 -18.18 -10.75
C ASN A 68 10.94 -19.29 -10.32
N LEU A 69 10.43 -20.33 -9.62
CA LEU A 69 11.29 -21.37 -9.03
C LEU A 69 10.49 -22.66 -8.76
N SER A 70 11.11 -23.81 -9.07
CA SER A 70 10.56 -25.12 -8.72
C SER A 70 10.61 -25.31 -7.19
N LEU A 71 9.45 -25.16 -6.53
CA LEU A 71 9.31 -25.33 -5.07
C LEU A 71 8.44 -26.59 -4.81
N PRO A 72 8.86 -27.51 -3.88
CA PRO A 72 8.12 -28.77 -3.63
C PRO A 72 6.72 -28.58 -3.01
N ASP A 73 6.49 -27.41 -2.38
CA ASP A 73 5.22 -27.14 -1.65
C ASP A 73 4.09 -26.71 -2.58
N VAL A 74 4.45 -26.10 -3.73
CA VAL A 74 3.48 -25.69 -4.76
C VAL A 74 3.43 -26.76 -5.86
N ALA A 75 2.24 -27.35 -6.00
CA ALA A 75 1.91 -28.29 -7.07
C ALA A 75 0.57 -27.87 -7.71
N ALA A 76 0.07 -26.70 -7.28
CA ALA A 76 -1.24 -26.17 -7.66
C ALA A 76 -1.28 -24.66 -7.36
N THR A 77 -2.09 -23.90 -8.12
CA THR A 77 -2.23 -22.44 -7.93
C THR A 77 -3.08 -22.14 -6.68
N THR A 78 -2.44 -21.52 -5.67
CA THR A 78 -3.06 -21.17 -4.37
C THR A 78 -2.45 -19.85 -3.87
N VAL A 79 -3.28 -19.01 -3.21
CA VAL A 79 -2.86 -17.72 -2.68
C VAL A 79 -2.87 -17.79 -1.14
N TYR A 80 -1.70 -17.66 -0.52
CA TYR A 80 -1.54 -17.69 0.95
C TYR A 80 -1.49 -16.25 1.48
N TYR A 81 -1.87 -16.07 2.76
CA TYR A 81 -1.67 -14.81 3.50
C TYR A 81 -1.32 -15.13 4.95
N THR A 82 -0.58 -14.23 5.61
CA THR A 82 -0.31 -14.33 7.05
C THR A 82 -1.15 -13.25 7.77
N GLU A 83 -1.78 -13.60 8.89
CA GLU A 83 -2.71 -12.68 9.61
C GLU A 83 -2.02 -11.47 10.28
N VAL A 84 -0.68 -11.37 10.14
CA VAL A 84 0.10 -10.23 10.62
C VAL A 84 -0.44 -8.91 10.02
N GLU A 85 -1.03 -8.08 10.91
CA GLU A 85 -1.57 -6.74 10.62
C GLU A 85 -2.86 -6.82 9.76
N GLY A 86 -2.71 -7.22 8.49
CA GLY A 86 -3.86 -7.37 7.59
C GLY A 86 -3.45 -7.75 6.18
N GLU A 87 -2.62 -8.81 6.06
CA GLU A 87 -2.16 -9.29 4.73
C GLU A 87 -3.33 -9.87 3.89
N ARG A 88 -4.38 -10.38 4.56
CA ARG A 88 -5.55 -10.97 3.86
C ARG A 88 -6.18 -9.96 2.88
N ALA A 89 -6.15 -8.67 3.25
CA ALA A 89 -6.76 -7.60 2.45
C ALA A 89 -6.21 -7.55 1.00
N THR A 90 -4.91 -7.79 0.87
CA THR A 90 -4.22 -7.78 -0.42
C THR A 90 -4.34 -9.14 -1.12
N ALA A 91 -4.13 -10.24 -0.37
CA ALA A 91 -4.23 -11.62 -0.89
C ALA A 91 -5.62 -11.93 -1.48
N ASP A 92 -6.64 -11.42 -0.80
CA ASP A 92 -8.06 -11.67 -1.12
C ASP A 92 -8.46 -10.92 -2.41
N ALA A 93 -7.76 -9.80 -2.67
CA ALA A 93 -7.95 -9.01 -3.90
C ALA A 93 -7.19 -9.66 -5.09
N VAL A 94 -5.90 -9.94 -4.88
CA VAL A 94 -4.99 -10.54 -5.89
C VAL A 94 -5.50 -11.91 -6.34
N GLY A 95 -5.81 -12.76 -5.35
CA GLY A 95 -6.23 -14.12 -5.60
C GLY A 95 -7.54 -14.19 -6.33
N ARG A 96 -8.41 -13.22 -6.04
CA ARG A 96 -9.73 -13.10 -6.72
C ARG A 96 -9.55 -12.67 -8.18
N THR A 97 -8.56 -11.78 -8.42
CA THR A 97 -8.21 -11.33 -9.78
C THR A 97 -7.56 -12.48 -10.59
N LEU A 98 -6.81 -13.33 -9.90
CA LEU A 98 -6.12 -14.50 -10.49
C LEU A 98 -7.10 -15.67 -10.76
N GLY A 99 -8.10 -15.79 -9.88
CA GLY A 99 -9.02 -16.93 -9.89
C GLY A 99 -8.45 -18.15 -9.16
N ALA A 100 -7.63 -17.89 -8.12
CA ALA A 100 -7.13 -18.93 -7.20
C ALA A 100 -7.61 -18.61 -5.78
N ALA A 101 -7.86 -19.66 -4.98
CA ALA A 101 -8.49 -19.52 -3.65
C ALA A 101 -7.48 -19.05 -2.59
N VAL A 102 -7.97 -18.31 -1.58
CA VAL A 102 -7.13 -17.75 -0.50
C VAL A 102 -7.12 -18.67 0.75
N GLU A 103 -5.93 -18.87 1.28
CA GLU A 103 -5.65 -19.75 2.43
C GLU A 103 -4.71 -19.02 3.40
N LEU A 104 -4.61 -19.56 4.62
CA LEU A 104 -3.76 -19.02 5.69
C LEU A 104 -2.26 -19.22 5.37
N ARG A 105 -1.39 -18.86 6.35
CA ARG A 105 0.08 -18.96 6.22
C ARG A 105 0.52 -20.41 5.88
N LEU A 106 -0.18 -21.39 6.55
CA LEU A 106 0.02 -22.84 6.36
C LEU A 106 1.46 -23.32 6.70
N PRO A 107 1.69 -24.67 6.89
CA PRO A 107 3.05 -25.26 7.04
C PRO A 107 4.06 -24.83 5.97
N GLU A 108 3.54 -24.42 4.80
CA GLU A 108 4.34 -23.97 3.65
C GLU A 108 5.19 -22.73 3.97
N LEU A 109 4.77 -21.88 4.95
CA LEU A 109 5.51 -20.64 5.32
C LEU A 109 6.91 -20.93 5.95
N SER A 110 7.21 -22.22 6.21
CA SER A 110 8.48 -22.64 6.80
C SER A 110 9.67 -22.38 5.85
N ASP A 111 9.41 -22.39 4.52
CA ASP A 111 10.46 -22.16 3.49
C ASP A 111 10.24 -20.83 2.75
N GLN A 112 8.98 -20.43 2.57
CA GLN A 112 8.63 -19.16 1.89
C GLN A 112 8.52 -18.02 2.94
N PRO A 113 9.08 -16.80 2.66
CA PRO A 113 9.03 -15.65 3.61
C PRO A 113 7.57 -15.20 3.93
N PRO A 114 7.28 -14.80 5.22
CA PRO A 114 5.89 -14.50 5.67
C PRO A 114 5.25 -13.29 4.96
N GLY A 115 3.90 -13.22 5.04
CA GLY A 115 3.10 -12.21 4.35
C GLY A 115 2.12 -12.87 3.40
N VAL A 116 1.79 -12.19 2.29
CA VAL A 116 1.03 -12.80 1.18
C VAL A 116 1.97 -13.52 0.25
N ILE A 117 1.77 -14.83 0.05
CA ILE A 117 2.54 -15.62 -0.92
C ILE A 117 1.57 -16.18 -1.97
N VAL A 118 1.56 -15.60 -3.19
CA VAL A 118 0.71 -16.08 -4.29
C VAL A 118 1.54 -17.07 -5.12
N VAL A 119 1.31 -18.38 -4.94
CA VAL A 119 2.03 -19.40 -5.72
C VAL A 119 1.16 -19.88 -6.88
N VAL A 120 1.72 -19.85 -8.11
CA VAL A 120 0.97 -20.13 -9.34
C VAL A 120 1.68 -21.22 -10.15
N THR A 121 0.92 -22.21 -10.61
CA THR A 121 1.38 -23.23 -11.56
C THR A 121 0.77 -22.93 -12.95
N GLY A 122 1.31 -23.57 -14.00
CA GLY A 122 0.75 -23.46 -15.34
C GLY A 122 1.42 -24.39 -16.35
N GLY A 1 3.00 105.40 -1.41
CA GLY A 1 3.92 104.27 -1.20
C GLY A 1 3.37 102.96 -1.73
N SER A 2 3.78 101.83 -1.12
CA SER A 2 3.41 100.47 -1.57
C SER A 2 2.37 99.85 -0.62
N SER A 3 1.45 99.04 -1.19
CA SER A 3 0.47 98.26 -0.41
C SER A 3 0.89 96.77 -0.42
N PRO A 4 1.49 96.24 0.71
CA PRO A 4 1.80 94.81 0.85
C PRO A 4 0.55 93.97 1.21
N ASN A 5 0.69 92.65 1.15
CA ASN A 5 -0.42 91.70 1.34
C ASN A 5 0.14 90.33 1.73
N SER A 6 -0.66 89.53 2.48
CA SER A 6 -0.32 88.14 2.82
C SER A 6 -0.48 87.26 1.56
N GLU A 7 0.53 87.33 0.69
CA GLU A 7 0.64 86.52 -0.53
C GLU A 7 1.47 85.24 -0.28
N ASP A 8 1.97 85.09 0.97
CA ASP A 8 2.84 83.98 1.36
C ASP A 8 2.05 82.66 1.38
N ASP A 9 1.17 82.52 2.42
CA ASP A 9 0.25 81.38 2.60
C ASP A 9 0.99 80.02 2.58
N SER A 10 1.52 79.63 3.74
CA SER A 10 2.25 78.37 3.92
C SER A 10 1.29 77.26 4.38
N SER A 11 1.05 76.29 3.49
CA SER A 11 0.17 75.13 3.74
C SER A 11 0.94 73.96 4.37
N ALA A 12 0.21 72.87 4.63
CA ALA A 12 0.77 71.62 5.18
C ALA A 12 0.06 70.41 4.56
N ILE A 13 0.83 69.35 4.27
CA ILE A 13 0.30 68.07 3.73
C ILE A 13 0.66 66.91 4.67
N SER A 14 -0.13 65.83 4.61
CA SER A 14 0.06 64.63 5.41
C SER A 14 -0.69 63.46 4.75
N THR A 15 0.02 62.36 4.44
CA THR A 15 -0.59 61.18 3.79
C THR A 15 -0.43 59.94 4.70
N MET A 16 -1.53 59.19 4.88
CA MET A 16 -1.58 58.01 5.76
C MET A 16 -1.47 56.73 4.90
N THR A 17 -0.50 55.85 5.25
CA THR A 17 -0.22 54.61 4.51
C THR A 17 -0.05 53.44 5.48
N THR A 18 -1.04 52.52 5.49
CA THR A 18 -1.00 51.27 6.28
C THR A 18 -0.73 50.07 5.34
N THR A 19 -0.12 49.00 5.88
CA THR A 19 0.25 47.81 5.11
C THR A 19 0.29 46.56 6.03
N THR A 20 -0.59 45.58 5.77
CA THR A 20 -0.69 44.32 6.53
C THR A 20 -0.79 43.11 5.58
N ALA A 21 -0.15 41.98 5.96
CA ALA A 21 -0.17 40.71 5.18
C ALA A 21 -0.45 39.53 6.12
N ALA A 22 -0.74 38.35 5.53
CA ALA A 22 -1.02 37.10 6.28
C ALA A 22 -0.36 35.89 5.58
N PRO A 23 0.17 34.88 6.34
CA PRO A 23 0.83 33.68 5.78
C PRO A 23 -0.16 32.65 5.19
N THR A 24 0.40 31.58 4.60
CA THR A 24 -0.37 30.48 3.98
C THR A 24 -0.18 29.17 4.77
N SER A 25 -1.11 28.23 4.60
CA SER A 25 -1.07 26.90 5.27
C SER A 25 -0.73 25.80 4.25
N THR A 26 0.02 24.77 4.69
CA THR A 26 0.43 23.65 3.82
C THR A 26 0.11 22.29 4.49
N SER A 27 -0.81 21.52 3.91
CA SER A 27 -1.17 20.17 4.40
C SER A 27 -0.52 19.10 3.51
N VAL A 28 0.09 18.08 4.12
CA VAL A 28 0.71 16.95 3.38
C VAL A 28 0.26 15.61 3.97
N LYS A 29 -0.25 14.72 3.10
CA LYS A 29 -0.60 13.33 3.44
C LYS A 29 0.32 12.39 2.63
N PRO A 30 1.34 11.73 3.28
CA PRO A 30 2.22 10.74 2.62
C PRO A 30 1.46 9.48 2.10
N ALA A 31 2.11 8.73 1.20
CA ALA A 31 1.58 7.48 0.64
C ALA A 31 1.75 6.36 1.68
N ALA A 32 0.64 6.01 2.37
CA ALA A 32 0.63 4.99 3.45
C ALA A 32 0.32 3.59 2.88
N PRO A 33 1.34 2.67 2.75
CA PRO A 33 1.12 1.33 2.19
C PRO A 33 0.57 0.32 3.23
N ARG A 34 -0.02 -0.78 2.75
CA ARG A 34 -0.63 -1.81 3.62
C ARG A 34 0.41 -2.86 4.06
N ALA A 35 0.85 -3.66 3.09
CA ALA A 35 1.82 -4.75 3.30
C ALA A 35 2.41 -5.15 1.94
N GLU A 36 3.55 -5.86 1.96
CA GLU A 36 4.25 -6.27 0.74
C GLU A 36 3.79 -7.68 0.29
N VAL A 37 3.63 -7.85 -1.04
CA VAL A 37 3.17 -9.10 -1.66
C VAL A 37 4.28 -9.64 -2.58
N ARG A 38 4.20 -10.93 -2.91
CA ARG A 38 5.11 -11.55 -3.89
C ARG A 38 4.40 -12.71 -4.61
N VAL A 39 4.42 -12.69 -5.96
CA VAL A 39 3.79 -13.73 -6.80
C VAL A 39 4.88 -14.61 -7.43
N TYR A 40 4.83 -15.92 -7.15
CA TYR A 40 5.77 -16.92 -7.69
C TYR A 40 5.06 -17.92 -8.59
N ASN A 41 5.66 -18.15 -9.76
CA ASN A 41 5.24 -19.22 -10.67
C ASN A 41 5.86 -20.54 -10.20
N ILE A 42 5.01 -21.51 -9.79
CA ILE A 42 5.48 -22.88 -9.47
C ILE A 42 5.68 -23.68 -10.79
N SER A 43 4.97 -23.25 -11.84
CA SER A 43 5.17 -23.74 -13.21
C SER A 43 5.06 -22.55 -14.17
N GLY A 44 5.44 -22.78 -15.45
CA GLY A 44 5.35 -21.74 -16.49
C GLY A 44 3.90 -21.39 -16.82
N THR A 45 3.34 -20.46 -16.02
CA THR A 45 1.97 -19.99 -16.19
C THR A 45 1.97 -18.66 -16.98
N GLU A 46 0.77 -18.13 -17.23
CA GLU A 46 0.59 -16.87 -17.96
C GLU A 46 1.04 -15.66 -17.11
N GLY A 47 1.50 -14.59 -17.80
CA GLY A 47 2.08 -13.41 -17.15
C GLY A 47 1.09 -12.55 -16.37
N ALA A 48 -0.21 -12.90 -16.42
CA ALA A 48 -1.28 -12.22 -15.67
C ALA A 48 -1.09 -12.31 -14.15
N ALA A 49 -0.42 -13.41 -13.71
CA ALA A 49 -0.04 -13.61 -12.30
C ALA A 49 0.95 -12.53 -11.83
N ALA A 50 1.94 -12.26 -12.68
CA ALA A 50 2.95 -11.22 -12.44
C ALA A 50 2.37 -9.80 -12.66
N ARG A 51 1.41 -9.74 -13.60
CA ARG A 51 0.81 -8.48 -14.08
C ARG A 51 -0.03 -7.81 -12.99
N THR A 52 -0.72 -8.65 -12.18
CA THR A 52 -1.65 -8.16 -11.15
C THR A 52 -0.86 -7.55 -9.97
N ALA A 53 0.29 -8.17 -9.67
CA ALA A 53 1.19 -7.72 -8.59
C ALA A 53 1.92 -6.44 -8.99
N ASP A 54 2.36 -6.39 -10.25
CA ASP A 54 3.15 -5.27 -10.82
C ASP A 54 2.43 -3.93 -10.60
N ARG A 55 1.14 -3.91 -10.93
CA ARG A 55 0.27 -2.71 -10.81
C ARG A 55 -0.17 -2.51 -9.34
N LEU A 56 -0.28 -3.63 -8.60
CA LEU A 56 -0.81 -3.66 -7.21
C LEU A 56 -0.05 -2.68 -6.29
N LYS A 57 1.29 -2.72 -6.42
CA LYS A 57 2.23 -1.87 -5.66
C LYS A 57 1.85 -0.37 -5.75
N ALA A 58 1.56 0.08 -6.98
CA ALA A 58 1.24 1.48 -7.31
C ALA A 58 -0.15 1.91 -6.78
N ALA A 59 -0.96 0.94 -6.32
CA ALA A 59 -2.31 1.19 -5.79
C ALA A 59 -2.33 1.41 -4.26
N GLY A 60 -1.13 1.50 -3.64
CA GLY A 60 -1.00 1.77 -2.20
C GLY A 60 -0.55 0.56 -1.39
N PHE A 61 0.16 -0.36 -2.05
CA PHE A 61 0.78 -1.55 -1.43
C PHE A 61 2.30 -1.35 -1.39
N THR A 62 3.00 -1.99 -0.43
CA THR A 62 4.41 -1.68 -0.12
C THR A 62 5.34 -1.99 -1.32
N VAL A 63 5.71 -3.26 -1.51
CA VAL A 63 6.45 -3.72 -2.70
C VAL A 63 5.84 -5.04 -3.15
N THR A 64 5.97 -5.34 -4.43
CA THR A 64 5.46 -6.59 -5.03
C THR A 64 6.60 -7.26 -5.80
N ASP A 65 7.02 -8.43 -5.33
CA ASP A 65 8.16 -9.17 -5.88
C ASP A 65 7.64 -10.30 -6.77
N VAL A 66 8.13 -10.36 -8.00
CA VAL A 66 7.73 -11.40 -8.97
C VAL A 66 8.93 -12.30 -9.24
N GLY A 67 8.70 -13.63 -9.14
CA GLY A 67 9.73 -14.63 -9.39
C GLY A 67 9.13 -15.95 -9.81
N ASN A 68 10.00 -16.95 -10.06
CA ASN A 68 9.60 -18.33 -10.35
C ASN A 68 10.41 -19.27 -9.45
N LEU A 69 9.72 -20.13 -8.71
CA LEU A 69 10.32 -20.98 -7.65
C LEU A 69 9.70 -22.38 -7.68
N SER A 70 10.48 -23.40 -7.26
CA SER A 70 10.04 -24.81 -7.23
C SER A 70 10.26 -25.40 -5.82
N LEU A 71 9.18 -25.42 -5.01
CA LEU A 71 9.19 -25.87 -3.60
C LEU A 71 8.21 -27.05 -3.43
N PRO A 72 8.41 -27.97 -2.43
CA PRO A 72 7.50 -29.12 -2.21
C PRO A 72 6.19 -28.70 -1.48
N ASP A 73 6.28 -27.64 -0.68
CA ASP A 73 5.16 -27.14 0.15
C ASP A 73 4.13 -26.38 -0.69
N VAL A 74 4.56 -25.87 -1.86
CA VAL A 74 3.67 -25.22 -2.82
C VAL A 74 3.76 -25.98 -4.17
N ALA A 75 2.62 -26.55 -4.63
CA ALA A 75 2.56 -27.30 -5.90
C ALA A 75 1.21 -27.09 -6.62
N ALA A 76 0.42 -26.14 -6.11
CA ALA A 76 -0.94 -25.84 -6.60
C ALA A 76 -1.14 -24.32 -6.65
N THR A 77 -2.11 -23.86 -7.47
CA THR A 77 -2.49 -22.44 -7.52
C THR A 77 -3.20 -22.06 -6.20
N THR A 78 -2.41 -21.46 -5.29
CA THR A 78 -2.82 -21.16 -3.91
C THR A 78 -2.07 -19.91 -3.40
N VAL A 79 -2.80 -19.02 -2.71
CA VAL A 79 -2.25 -17.83 -2.04
C VAL A 79 -2.14 -18.11 -0.54
N TYR A 80 -0.92 -18.04 0.02
CA TYR A 80 -0.71 -18.22 1.48
C TYR A 80 -0.47 -16.86 2.13
N TYR A 81 -1.27 -16.53 3.14
CA TYR A 81 -1.15 -15.27 3.91
C TYR A 81 -1.50 -15.50 5.37
N THR A 82 -1.07 -14.59 6.25
CA THR A 82 -1.47 -14.61 7.67
C THR A 82 -2.42 -13.40 7.92
N GLU A 83 -2.07 -12.46 8.84
CA GLU A 83 -2.95 -11.32 9.19
C GLU A 83 -2.16 -10.01 9.32
N VAL A 84 -0.81 -10.08 9.30
CA VAL A 84 0.07 -8.96 9.68
C VAL A 84 -0.19 -7.71 8.80
N GLU A 85 -0.84 -6.70 9.43
CA GLU A 85 -1.06 -5.36 8.84
C GLU A 85 -1.89 -5.44 7.53
N GLY A 86 -2.78 -6.44 7.48
CA GLY A 86 -3.71 -6.62 6.36
C GLY A 86 -3.18 -7.55 5.29
N GLU A 87 -2.47 -8.63 5.68
CA GLU A 87 -2.04 -9.70 4.75
C GLU A 87 -3.22 -10.28 3.95
N ARG A 88 -4.34 -10.55 4.64
CA ARG A 88 -5.56 -11.10 3.98
C ARG A 88 -6.19 -10.08 2.99
N ALA A 89 -5.93 -8.79 3.23
CA ALA A 89 -6.40 -7.71 2.35
C ALA A 89 -5.56 -7.61 1.06
N THR A 90 -4.24 -7.86 1.20
CA THR A 90 -3.29 -7.70 0.09
C THR A 90 -3.30 -8.96 -0.80
N ALA A 91 -3.63 -10.09 -0.18
CA ALA A 91 -3.80 -11.39 -0.83
C ALA A 91 -5.14 -11.49 -1.57
N ASP A 92 -6.13 -10.79 -1.00
CA ASP A 92 -7.51 -10.70 -1.54
C ASP A 92 -7.49 -10.19 -2.98
N ALA A 93 -6.87 -9.02 -3.15
CA ALA A 93 -6.85 -8.28 -4.43
C ALA A 93 -6.20 -9.08 -5.58
N VAL A 94 -5.21 -9.92 -5.23
CA VAL A 94 -4.45 -10.73 -6.20
C VAL A 94 -5.15 -12.08 -6.48
N GLY A 95 -5.42 -12.82 -5.38
CA GLY A 95 -5.85 -14.22 -5.47
C GLY A 95 -7.18 -14.40 -6.17
N ARG A 96 -8.03 -13.39 -6.05
CA ARG A 96 -9.36 -13.36 -6.70
C ARG A 96 -9.21 -13.14 -8.22
N THR A 97 -8.22 -12.31 -8.61
CA THR A 97 -7.90 -12.01 -10.03
C THR A 97 -7.46 -13.29 -10.78
N LEU A 98 -6.66 -14.14 -10.11
CA LEU A 98 -6.18 -15.43 -10.68
C LEU A 98 -7.15 -16.58 -10.43
N GLY A 99 -8.11 -16.40 -9.51
CA GLY A 99 -9.00 -17.48 -9.09
C GLY A 99 -8.25 -18.54 -8.28
N ALA A 100 -7.14 -18.13 -7.66
CA ALA A 100 -6.28 -18.99 -6.83
C ALA A 100 -6.85 -19.07 -5.41
N ALA A 101 -6.85 -20.28 -4.84
CA ALA A 101 -7.43 -20.55 -3.51
C ALA A 101 -6.70 -19.75 -2.43
N VAL A 102 -7.42 -18.81 -1.81
CA VAL A 102 -6.86 -17.92 -0.79
C VAL A 102 -6.92 -18.64 0.58
N GLU A 103 -5.73 -19.15 0.98
CA GLU A 103 -5.56 -19.96 2.20
C GLU A 103 -4.69 -19.22 3.24
N LEU A 104 -4.84 -19.65 4.50
CA LEU A 104 -4.06 -19.15 5.63
C LEU A 104 -2.58 -19.57 5.47
N ARG A 105 -1.74 -19.13 6.43
CA ARG A 105 -0.29 -19.34 6.38
C ARG A 105 0.05 -20.84 6.30
N LEU A 106 -0.64 -21.64 7.16
CA LEU A 106 -0.51 -23.11 7.20
C LEU A 106 0.96 -23.57 7.53
N PRO A 107 1.24 -24.90 7.74
CA PRO A 107 2.63 -25.41 7.84
C PRO A 107 3.55 -24.98 6.67
N GLU A 108 2.93 -24.73 5.50
CA GLU A 108 3.64 -24.40 4.25
C GLU A 108 4.45 -23.08 4.35
N LEU A 109 3.81 -22.01 4.88
CA LEU A 109 4.49 -20.69 5.03
C LEU A 109 5.55 -20.72 6.15
N SER A 110 5.54 -21.79 6.96
CA SER A 110 6.54 -22.00 8.03
C SER A 110 7.86 -22.57 7.43
N ASP A 111 7.82 -23.03 6.17
CA ASP A 111 9.00 -23.57 5.46
C ASP A 111 9.81 -22.47 4.73
N GLN A 112 9.16 -21.36 4.37
CA GLN A 112 9.78 -20.27 3.56
C GLN A 112 9.29 -18.88 4.04
N PRO A 113 10.09 -17.75 3.79
CA PRO A 113 9.85 -16.40 4.37
C PRO A 113 8.37 -15.96 4.53
N PRO A 114 7.93 -15.56 5.78
CA PRO A 114 6.52 -15.18 6.06
C PRO A 114 6.08 -13.93 5.28
N GLY A 115 4.90 -14.02 4.66
CA GLY A 115 4.35 -12.95 3.85
C GLY A 115 3.34 -13.51 2.87
N VAL A 116 2.72 -12.60 2.08
CA VAL A 116 1.69 -13.00 1.12
C VAL A 116 2.34 -13.53 -0.15
N ILE A 117 2.38 -14.87 -0.26
CA ILE A 117 2.95 -15.58 -1.41
C ILE A 117 1.80 -16.09 -2.30
N VAL A 118 1.61 -15.47 -3.45
CA VAL A 118 0.65 -15.93 -4.44
C VAL A 118 1.36 -16.90 -5.36
N VAL A 119 1.15 -18.19 -5.13
CA VAL A 119 1.76 -19.25 -5.94
C VAL A 119 0.77 -19.69 -7.01
N VAL A 120 1.13 -19.51 -8.29
CA VAL A 120 0.26 -19.84 -9.43
C VAL A 120 0.91 -20.95 -10.27
N THR A 121 0.12 -21.98 -10.63
CA THR A 121 0.56 -23.08 -11.48
C THR A 121 0.13 -22.86 -12.93
N GLY A 122 0.86 -23.50 -13.86
CA GLY A 122 0.59 -23.40 -15.29
C GLY A 122 0.90 -24.72 -15.99
N GLY A 1 -17.42 26.90 100.70
CA GLY A 1 -17.14 26.46 99.30
C GLY A 1 -15.67 26.14 99.08
N SER A 2 -15.21 26.32 97.84
CA SER A 2 -13.82 26.00 97.44
C SER A 2 -13.23 27.15 96.61
N SER A 3 -14.05 27.68 95.69
CA SER A 3 -13.66 28.68 94.67
C SER A 3 -12.69 28.05 93.64
N PRO A 4 -13.22 27.30 92.61
CA PRO A 4 -12.40 26.81 91.48
C PRO A 4 -12.26 27.86 90.35
N ASN A 5 -11.39 27.58 89.38
CA ASN A 5 -11.21 28.40 88.17
C ASN A 5 -10.81 27.50 87.00
N SER A 6 -11.13 27.93 85.79
CA SER A 6 -10.80 27.22 84.54
C SER A 6 -10.08 28.19 83.60
N GLU A 7 -9.20 29.02 84.18
CA GLU A 7 -8.45 30.07 83.46
C GLU A 7 -7.20 29.51 82.75
N ASP A 8 -6.91 28.22 82.94
CA ASP A 8 -5.76 27.54 82.33
C ASP A 8 -6.03 27.29 80.84
N ASP A 9 -7.05 26.43 80.57
CA ASP A 9 -7.57 26.12 79.21
C ASP A 9 -6.53 25.42 78.30
N SER A 10 -6.94 25.06 77.07
CA SER A 10 -6.05 24.40 76.08
C SER A 10 -6.63 24.55 74.65
N SER A 11 -6.24 25.63 73.95
CA SER A 11 -6.63 25.87 72.55
C SER A 11 -5.59 25.26 71.61
N ALA A 12 -6.06 24.52 70.58
CA ALA A 12 -5.19 23.73 69.69
C ALA A 12 -5.68 23.80 68.24
N ILE A 13 -5.07 24.69 67.42
CA ILE A 13 -5.38 24.84 65.99
C ILE A 13 -4.07 24.85 65.15
N SER A 14 -4.04 24.01 64.09
CA SER A 14 -2.94 23.95 63.10
C SER A 14 -3.28 22.96 61.95
N THR A 15 -3.66 23.50 60.78
CA THR A 15 -3.92 22.73 59.55
C THR A 15 -4.01 23.67 58.33
N MET A 16 -3.29 23.34 57.25
CA MET A 16 -3.30 24.13 55.99
C MET A 16 -3.47 23.17 54.80
N THR A 17 -4.72 22.71 54.59
CA THR A 17 -5.06 21.83 53.46
C THR A 17 -5.37 22.68 52.19
N THR A 18 -4.42 22.70 51.25
CA THR A 18 -4.54 23.41 49.97
C THR A 18 -3.79 22.62 48.87
N THR A 19 -4.32 22.65 47.63
CA THR A 19 -3.79 21.84 46.52
C THR A 19 -4.03 22.55 45.17
N THR A 20 -3.38 22.02 44.12
CA THR A 20 -3.49 22.52 42.73
C THR A 20 -3.33 21.35 41.74
N ALA A 21 -3.61 21.62 40.45
CA ALA A 21 -3.53 20.63 39.36
C ALA A 21 -2.94 21.29 38.09
N ALA A 22 -2.57 20.45 37.12
CA ALA A 22 -1.92 20.88 35.87
C ALA A 22 -2.70 20.31 34.65
N PRO A 23 -3.17 21.20 33.69
CA PRO A 23 -3.97 20.77 32.50
C PRO A 23 -3.18 19.89 31.50
N THR A 24 -3.70 18.68 31.23
CA THR A 24 -3.03 17.68 30.40
C THR A 24 -3.83 17.37 29.11
N SER A 25 -3.19 17.48 27.95
CA SER A 25 -3.78 17.13 26.64
C SER A 25 -2.74 16.38 25.80
N THR A 26 -3.10 15.15 25.37
CA THR A 26 -2.17 14.21 24.73
C THR A 26 -2.94 13.22 23.81
N SER A 27 -2.51 13.11 22.54
CA SER A 27 -3.11 12.22 21.52
C SER A 27 -2.07 11.87 20.44
N VAL A 28 -1.87 10.56 20.17
CA VAL A 28 -0.91 10.06 19.16
C VAL A 28 -1.58 9.92 17.77
N LYS A 29 -0.76 9.98 16.71
CA LYS A 29 -1.18 9.75 15.31
C LYS A 29 -1.29 8.22 15.01
N PRO A 30 -2.07 7.79 13.95
CA PRO A 30 -2.11 6.36 13.51
C PRO A 30 -0.75 5.87 12.95
N ALA A 31 -0.56 4.55 12.94
CA ALA A 31 0.64 3.90 12.36
C ALA A 31 0.52 3.75 10.83
N ALA A 32 1.65 3.52 10.16
CA ALA A 32 1.71 3.32 8.69
C ALA A 32 1.16 1.93 8.28
N PRO A 33 0.44 1.82 7.11
CA PRO A 33 -0.14 0.52 6.64
C PRO A 33 0.92 -0.54 6.23
N ARG A 34 0.47 -1.79 6.12
CA ARG A 34 1.31 -2.95 5.73
C ARG A 34 0.69 -3.63 4.49
N ALA A 35 1.54 -4.04 3.54
CA ALA A 35 1.10 -4.73 2.32
C ALA A 35 2.31 -5.40 1.64
N GLU A 36 2.68 -6.57 2.15
CA GLU A 36 3.81 -7.36 1.65
C GLU A 36 3.31 -8.43 0.68
N VAL A 37 3.29 -8.06 -0.62
CA VAL A 37 2.84 -8.93 -1.72
C VAL A 37 4.06 -9.62 -2.36
N ARG A 38 3.92 -10.90 -2.71
CA ARG A 38 5.01 -11.71 -3.28
C ARG A 38 4.42 -12.74 -4.25
N VAL A 39 5.00 -12.85 -5.46
CA VAL A 39 4.51 -13.76 -6.52
C VAL A 39 5.56 -14.84 -6.80
N TYR A 40 5.09 -16.09 -6.92
CA TYR A 40 5.91 -17.23 -7.35
C TYR A 40 5.12 -18.09 -8.33
N ASN A 41 5.49 -18.02 -9.60
CA ASN A 41 5.04 -18.95 -10.62
C ASN A 41 5.99 -20.16 -10.63
N ILE A 42 5.47 -21.38 -10.44
CA ILE A 42 6.32 -22.59 -10.48
C ILE A 42 6.47 -23.10 -11.94
N SER A 43 5.37 -23.01 -12.71
CA SER A 43 5.28 -23.58 -14.06
C SER A 43 4.32 -22.73 -14.90
N GLY A 44 4.50 -22.79 -16.23
CA GLY A 44 3.65 -22.07 -17.18
C GLY A 44 4.20 -20.70 -17.56
N THR A 45 4.79 -20.01 -16.56
CA THR A 45 5.37 -18.65 -16.66
C THR A 45 4.57 -17.71 -17.59
N GLU A 46 3.48 -17.16 -17.04
CA GLU A 46 2.47 -16.40 -17.79
C GLU A 46 2.25 -15.00 -17.17
N GLY A 47 1.44 -14.20 -17.89
CA GLY A 47 1.18 -12.81 -17.53
C GLY A 47 0.47 -12.64 -16.20
N ALA A 48 -0.59 -13.44 -15.97
CA ALA A 48 -1.53 -13.25 -14.85
C ALA A 48 -0.86 -13.33 -13.46
N ALA A 49 0.25 -14.09 -13.37
CA ALA A 49 1.06 -14.17 -12.15
C ALA A 49 1.75 -12.83 -11.86
N ALA A 50 2.60 -12.40 -12.80
CA ALA A 50 3.39 -11.16 -12.68
C ALA A 50 2.50 -9.91 -12.60
N ARG A 51 1.32 -10.03 -13.21
CA ARG A 51 0.33 -8.95 -13.36
C ARG A 51 -0.19 -8.49 -11.98
N THR A 52 -0.31 -9.45 -11.02
CA THR A 52 -0.86 -9.14 -9.69
C THR A 52 0.04 -8.11 -8.97
N ALA A 53 1.33 -8.43 -8.80
CA ALA A 53 2.29 -7.55 -8.08
C ALA A 53 2.62 -6.30 -8.91
N ASP A 54 2.56 -6.44 -10.25
CA ASP A 54 2.84 -5.33 -11.19
C ASP A 54 1.75 -4.24 -11.10
N ARG A 55 0.51 -4.65 -10.79
CA ARG A 55 -0.61 -3.72 -10.60
C ARG A 55 -0.56 -3.10 -9.20
N LEU A 56 -0.32 -3.96 -8.20
CA LEU A 56 -0.34 -3.56 -6.78
C LEU A 56 0.81 -2.59 -6.43
N LYS A 57 1.96 -2.71 -7.10
CA LYS A 57 3.10 -1.78 -6.88
C LYS A 57 2.74 -0.35 -7.30
N ALA A 58 2.03 -0.26 -8.44
CA ALA A 58 1.54 1.02 -8.98
C ALA A 58 0.36 1.54 -8.14
N ALA A 59 -0.41 0.60 -7.55
CA ALA A 59 -1.57 0.91 -6.68
C ALA A 59 -1.10 1.43 -5.30
N GLY A 60 0.21 1.27 -5.01
CA GLY A 60 0.84 1.86 -3.82
C GLY A 60 0.89 0.91 -2.62
N PHE A 61 1.00 -0.39 -2.90
CA PHE A 61 1.27 -1.43 -1.87
C PHE A 61 2.77 -1.42 -1.55
N THR A 62 3.13 -1.88 -0.35
CA THR A 62 4.46 -1.61 0.26
C THR A 62 5.57 -2.44 -0.44
N VAL A 63 5.43 -3.77 -0.40
CA VAL A 63 6.37 -4.71 -1.03
C VAL A 63 5.64 -5.45 -2.16
N THR A 64 6.34 -5.69 -3.28
CA THR A 64 5.85 -6.50 -4.41
C THR A 64 7.03 -7.26 -5.03
N ASP A 65 7.05 -8.59 -4.85
CA ASP A 65 8.04 -9.49 -5.47
C ASP A 65 7.37 -10.23 -6.64
N VAL A 66 8.14 -10.47 -7.73
CA VAL A 66 7.69 -11.30 -8.87
C VAL A 66 8.84 -12.27 -9.23
N GLY A 67 8.60 -13.59 -9.06
CA GLY A 67 9.61 -14.60 -9.41
C GLY A 67 9.01 -15.87 -9.97
N ASN A 68 9.84 -16.63 -10.69
CA ASN A 68 9.53 -17.99 -11.15
C ASN A 68 10.46 -18.97 -10.41
N LEU A 69 9.89 -19.82 -9.55
CA LEU A 69 10.66 -20.62 -8.58
C LEU A 69 9.85 -21.88 -8.22
N SER A 70 10.55 -23.01 -8.01
CA SER A 70 9.94 -24.27 -7.55
C SER A 70 9.80 -24.24 -6.03
N LEU A 71 8.55 -24.11 -5.53
CA LEU A 71 8.25 -24.06 -4.08
C LEU A 71 7.81 -25.47 -3.58
N PRO A 72 8.10 -25.81 -2.27
CA PRO A 72 7.81 -27.16 -1.71
C PRO A 72 6.30 -27.40 -1.44
N ASP A 73 5.53 -26.30 -1.32
CA ASP A 73 4.10 -26.32 -0.94
C ASP A 73 3.20 -26.65 -2.14
N VAL A 74 3.74 -26.46 -3.35
CA VAL A 74 2.98 -26.46 -4.61
C VAL A 74 2.18 -27.76 -4.80
N ALA A 75 0.91 -27.56 -5.17
CA ALA A 75 -0.08 -28.62 -5.38
C ALA A 75 -1.15 -28.09 -6.35
N ALA A 76 -1.60 -26.86 -6.08
CA ALA A 76 -2.55 -26.11 -6.93
C ALA A 76 -2.26 -24.60 -6.82
N THR A 77 -2.69 -23.83 -7.84
CA THR A 77 -2.56 -22.35 -7.82
C THR A 77 -3.38 -21.75 -6.65
N THR A 78 -2.66 -21.20 -5.66
CA THR A 78 -3.23 -20.73 -4.40
C THR A 78 -2.43 -19.53 -3.85
N VAL A 79 -3.14 -18.53 -3.34
CA VAL A 79 -2.58 -17.36 -2.65
C VAL A 79 -2.58 -17.64 -1.14
N TYR A 80 -1.40 -17.75 -0.54
CA TYR A 80 -1.26 -17.94 0.91
C TYR A 80 -1.03 -16.57 1.56
N TYR A 81 -1.38 -16.44 2.84
CA TYR A 81 -1.21 -15.17 3.58
C TYR A 81 -1.05 -15.39 5.08
N THR A 82 -0.89 -14.28 5.80
CA THR A 82 -1.10 -14.19 7.24
C THR A 82 -2.09 -13.02 7.45
N GLU A 83 -3.05 -13.15 8.38
CA GLU A 83 -4.16 -12.18 8.51
C GLU A 83 -3.72 -10.87 9.21
N VAL A 84 -2.49 -10.87 9.79
CA VAL A 84 -1.94 -9.78 10.63
C VAL A 84 -1.98 -8.40 9.93
N GLU A 85 -2.50 -7.38 10.66
CA GLU A 85 -2.60 -5.97 10.19
C GLU A 85 -3.48 -5.81 8.92
N GLY A 86 -4.36 -6.80 8.69
CA GLY A 86 -5.20 -6.83 7.50
C GLY A 86 -4.42 -7.16 6.22
N GLU A 87 -3.36 -7.98 6.37
CA GLU A 87 -2.54 -8.49 5.25
C GLU A 87 -3.37 -9.50 4.41
N ARG A 88 -4.40 -10.06 5.05
CA ARG A 88 -5.44 -10.89 4.41
C ARG A 88 -6.19 -10.14 3.27
N ALA A 89 -6.29 -8.81 3.38
CA ALA A 89 -7.06 -7.97 2.44
C ALA A 89 -6.47 -7.97 1.03
N THR A 90 -5.13 -7.83 0.94
CA THR A 90 -4.42 -7.81 -0.35
C THR A 90 -4.34 -9.22 -0.96
N ALA A 91 -4.29 -10.25 -0.10
CA ALA A 91 -4.32 -11.66 -0.54
C ALA A 91 -5.69 -12.05 -1.09
N ASP A 92 -6.74 -11.46 -0.49
CA ASP A 92 -8.15 -11.63 -0.89
C ASP A 92 -8.38 -10.99 -2.27
N ALA A 93 -7.75 -9.82 -2.45
CA ALA A 93 -7.77 -9.07 -3.72
C ALA A 93 -7.09 -9.89 -4.83
N VAL A 94 -5.85 -10.35 -4.56
CA VAL A 94 -5.03 -11.13 -5.52
C VAL A 94 -5.65 -12.52 -5.80
N GLY A 95 -6.31 -13.08 -4.79
CA GLY A 95 -7.02 -14.35 -4.95
C GLY A 95 -8.19 -14.23 -5.92
N ARG A 96 -8.88 -13.08 -5.86
CA ARG A 96 -9.95 -12.75 -6.81
C ARG A 96 -9.40 -12.23 -8.15
N THR A 97 -8.18 -11.65 -8.14
CA THR A 97 -7.54 -11.10 -9.35
C THR A 97 -7.10 -12.25 -10.29
N LEU A 98 -6.52 -13.30 -9.69
CA LEU A 98 -6.03 -14.49 -10.41
C LEU A 98 -7.17 -15.52 -10.59
N GLY A 99 -8.11 -15.53 -9.62
CA GLY A 99 -9.18 -16.52 -9.58
C GLY A 99 -8.76 -17.81 -8.88
N ALA A 100 -7.83 -17.67 -7.92
CA ALA A 100 -7.27 -18.80 -7.14
C ALA A 100 -7.80 -18.81 -5.70
N ALA A 101 -7.56 -19.94 -5.00
CA ALA A 101 -7.92 -20.12 -3.59
C ALA A 101 -7.05 -19.26 -2.66
N VAL A 102 -7.57 -18.90 -1.47
CA VAL A 102 -6.78 -18.14 -0.46
C VAL A 102 -6.65 -18.96 0.85
N GLU A 103 -5.40 -19.28 1.24
CA GLU A 103 -5.11 -20.08 2.44
C GLU A 103 -4.40 -19.24 3.50
N LEU A 104 -4.67 -19.58 4.76
CA LEU A 104 -4.08 -18.94 5.96
C LEU A 104 -2.54 -19.20 6.05
N ARG A 105 -1.98 -18.89 7.23
CA ARG A 105 -0.54 -19.04 7.53
C ARG A 105 -0.10 -20.52 7.80
N LEU A 106 -0.81 -21.50 7.19
CA LEU A 106 -0.63 -22.97 7.39
C LEU A 106 0.87 -23.42 7.32
N PRO A 107 1.26 -24.60 7.93
CA PRO A 107 2.69 -25.03 8.12
C PRO A 107 3.67 -24.86 6.92
N GLU A 108 3.15 -24.83 5.68
CA GLU A 108 3.97 -24.70 4.45
C GLU A 108 4.63 -23.31 4.33
N LEU A 109 4.06 -22.29 5.01
CA LEU A 109 4.62 -20.91 5.05
C LEU A 109 6.01 -20.87 5.76
N SER A 110 6.39 -22.00 6.37
CA SER A 110 7.69 -22.17 7.05
C SER A 110 8.88 -22.07 6.07
N ASP A 111 8.73 -22.67 4.88
CA ASP A 111 9.82 -22.77 3.88
C ASP A 111 9.95 -21.47 3.07
N GLN A 112 8.82 -20.81 2.81
CA GLN A 112 8.76 -19.53 2.07
C GLN A 112 8.87 -18.36 3.07
N PRO A 113 9.31 -17.14 2.62
CA PRO A 113 9.23 -15.91 3.47
C PRO A 113 7.76 -15.61 3.86
N PRO A 114 7.45 -15.48 5.20
CA PRO A 114 6.05 -15.35 5.69
C PRO A 114 5.36 -14.04 5.22
N GLY A 115 4.26 -14.20 4.47
CA GLY A 115 3.46 -13.08 3.96
C GLY A 115 2.50 -13.53 2.89
N VAL A 116 2.04 -12.59 2.05
CA VAL A 116 1.17 -12.91 0.90
C VAL A 116 2.03 -13.46 -0.23
N ILE A 117 1.97 -14.78 -0.45
CA ILE A 117 2.64 -15.45 -1.56
C ILE A 117 1.59 -16.09 -2.48
N VAL A 118 1.39 -15.50 -3.67
CA VAL A 118 0.53 -16.07 -4.70
C VAL A 118 1.35 -17.06 -5.54
N VAL A 119 1.11 -18.35 -5.29
CA VAL A 119 1.75 -19.44 -5.99
C VAL A 119 0.86 -19.80 -7.18
N VAL A 120 1.40 -19.65 -8.39
CA VAL A 120 0.65 -19.88 -9.63
C VAL A 120 1.18 -21.16 -10.30
N THR A 121 0.25 -22.07 -10.61
CA THR A 121 0.51 -23.26 -11.40
C THR A 121 -0.08 -23.00 -12.79
N GLY A 122 0.79 -22.68 -13.75
CA GLY A 122 0.37 -22.40 -15.12
C GLY A 122 0.05 -23.67 -15.92
N GLY A 1 33.13 93.26 25.55
CA GLY A 1 31.69 92.95 25.67
C GLY A 1 31.44 91.72 26.53
N SER A 2 30.17 91.53 26.94
CA SER A 2 29.73 90.38 27.74
C SER A 2 28.27 90.04 27.39
N SER A 3 28.05 88.81 26.89
CA SER A 3 26.72 88.32 26.50
C SER A 3 26.75 86.77 26.41
N PRO A 4 26.66 86.04 27.58
CA PRO A 4 26.65 84.56 27.61
C PRO A 4 25.25 84.01 27.24
N ASN A 5 25.03 83.86 25.93
CA ASN A 5 23.74 83.43 25.37
C ASN A 5 23.65 81.90 25.38
N SER A 6 23.02 81.35 26.43
CA SER A 6 22.81 79.91 26.61
C SER A 6 21.40 79.70 27.22
N GLU A 7 20.39 79.96 26.39
CA GLU A 7 18.96 79.92 26.79
C GLU A 7 18.33 78.53 26.53
N ASP A 8 19.05 77.65 25.82
CA ASP A 8 18.57 76.31 25.47
C ASP A 8 19.62 75.25 25.81
N ASP A 9 20.85 75.44 25.26
CA ASP A 9 22.00 74.52 25.40
C ASP A 9 21.72 73.17 24.70
N SER A 10 20.99 72.28 25.40
CA SER A 10 20.74 70.91 24.96
C SER A 10 19.69 70.24 25.87
N SER A 11 18.92 69.32 25.27
CA SER A 11 17.89 68.54 25.98
C SER A 11 17.39 67.43 25.03
N ALA A 12 17.80 66.18 25.29
CA ALA A 12 17.47 65.02 24.44
C ALA A 12 17.67 63.72 25.22
N ILE A 13 16.65 62.84 25.16
CA ILE A 13 16.68 61.48 25.75
C ILE A 13 15.47 60.68 25.25
N SER A 14 15.73 59.44 24.78
CA SER A 14 14.71 58.50 24.32
C SER A 14 15.38 57.15 24.02
N THR A 15 14.84 56.06 24.60
CA THR A 15 15.38 54.71 24.42
C THR A 15 14.23 53.68 24.48
N MET A 16 13.90 53.07 23.33
CA MET A 16 12.76 52.16 23.18
C MET A 16 13.18 50.92 22.37
N THR A 17 13.36 49.78 23.06
CA THR A 17 13.76 48.50 22.46
C THR A 17 12.90 47.36 23.04
N THR A 18 12.08 46.72 22.17
CA THR A 18 11.31 45.49 22.49
C THR A 18 11.18 44.64 21.20
N THR A 19 11.25 43.31 21.36
CA THR A 19 11.11 42.32 20.28
C THR A 19 10.56 41.00 20.87
N THR A 20 9.62 40.36 20.14
CA THR A 20 8.94 39.11 20.58
C THR A 20 8.67 38.19 19.36
N ALA A 21 9.45 37.11 19.24
CA ALA A 21 9.30 36.08 18.19
C ALA A 21 9.94 34.76 18.64
N ALA A 22 9.31 33.62 18.25
CA ALA A 22 9.83 32.27 18.51
C ALA A 22 9.46 31.33 17.32
N PRO A 23 10.44 30.96 16.43
CA PRO A 23 10.20 30.06 15.29
C PRO A 23 10.25 28.55 15.69
N THR A 24 9.10 27.87 15.61
CA THR A 24 8.99 26.44 15.93
C THR A 24 7.84 25.79 15.12
N SER A 25 8.20 24.80 14.29
CA SER A 25 7.27 24.01 13.46
C SER A 25 7.88 22.63 13.17
N THR A 26 7.04 21.58 13.20
CA THR A 26 7.49 20.19 12.97
C THR A 26 6.35 19.37 12.31
N SER A 27 6.68 18.69 11.19
CA SER A 27 5.75 17.82 10.44
C SER A 27 6.57 16.71 9.75
N VAL A 28 6.76 15.59 10.47
CA VAL A 28 7.53 14.41 9.99
C VAL A 28 6.61 13.48 9.17
N LYS A 29 7.16 12.93 8.08
CA LYS A 29 6.46 11.95 7.22
C LYS A 29 6.74 10.53 7.74
N PRO A 30 5.71 9.76 8.24
CA PRO A 30 5.87 8.35 8.64
C PRO A 30 6.02 7.42 7.39
N ALA A 31 7.00 6.51 7.47
CA ALA A 31 7.28 5.52 6.41
C ALA A 31 7.86 4.27 7.07
N ALA A 32 7.23 3.11 6.85
CA ALA A 32 7.61 1.83 7.47
C ALA A 32 6.90 0.65 6.75
N PRO A 33 7.56 -0.56 6.67
CA PRO A 33 6.99 -1.76 5.99
C PRO A 33 5.73 -2.32 6.72
N ARG A 34 4.77 -2.85 5.93
CA ARG A 34 3.49 -3.37 6.43
C ARG A 34 3.18 -4.74 5.77
N ALA A 35 2.74 -4.71 4.49
CA ALA A 35 2.27 -5.92 3.77
C ALA A 35 3.24 -6.27 2.62
N GLU A 36 4.10 -7.28 2.85
CA GLU A 36 5.03 -7.81 1.84
C GLU A 36 4.30 -8.81 0.95
N VAL A 37 3.92 -8.35 -0.26
CA VAL A 37 3.25 -9.19 -1.27
C VAL A 37 4.31 -9.74 -2.24
N ARG A 38 4.14 -11.00 -2.63
CA ARG A 38 5.07 -11.71 -3.53
C ARG A 38 4.31 -12.79 -4.31
N VAL A 39 4.47 -12.80 -5.63
CA VAL A 39 3.86 -13.79 -6.52
C VAL A 39 4.97 -14.61 -7.15
N TYR A 40 4.91 -15.96 -7.05
CA TYR A 40 5.84 -16.81 -7.79
C TYR A 40 5.07 -17.87 -8.58
N ASN A 41 5.53 -18.11 -9.81
CA ASN A 41 5.13 -19.24 -10.62
C ASN A 41 5.98 -20.46 -10.22
N ILE A 42 5.41 -21.65 -10.29
CA ILE A 42 6.16 -22.89 -9.99
C ILE A 42 7.09 -23.26 -11.19
N SER A 43 6.72 -22.77 -12.39
CA SER A 43 7.48 -23.00 -13.63
C SER A 43 7.97 -21.66 -14.20
N GLY A 44 7.01 -20.74 -14.47
CA GLY A 44 7.32 -19.42 -15.05
C GLY A 44 6.91 -19.34 -16.50
N THR A 45 5.60 -19.18 -16.72
CA THR A 45 5.01 -19.03 -18.06
C THR A 45 3.81 -18.07 -18.01
N GLU A 46 3.02 -18.13 -16.92
CA GLU A 46 1.87 -17.27 -16.71
C GLU A 46 2.32 -15.83 -16.35
N GLY A 47 2.10 -14.91 -17.30
CA GLY A 47 2.48 -13.50 -17.13
C GLY A 47 1.45 -12.72 -16.32
N ALA A 48 0.18 -13.21 -16.29
CA ALA A 48 -0.90 -12.61 -15.47
C ALA A 48 -0.59 -12.73 -13.97
N ALA A 49 0.25 -13.72 -13.62
CA ALA A 49 0.80 -13.91 -12.27
C ALA A 49 1.62 -12.67 -11.86
N ALA A 50 2.59 -12.30 -12.72
CA ALA A 50 3.47 -11.14 -12.49
C ALA A 50 2.68 -9.81 -12.58
N ARG A 51 1.60 -9.83 -13.38
CA ARG A 51 0.76 -8.65 -13.67
C ARG A 51 0.00 -8.19 -12.41
N THR A 52 -0.43 -9.16 -11.56
CA THR A 52 -1.20 -8.84 -10.33
C THR A 52 -0.37 -7.98 -9.35
N ALA A 53 0.86 -8.45 -9.01
CA ALA A 53 1.76 -7.72 -8.09
C ALA A 53 2.28 -6.40 -8.73
N ASP A 54 2.41 -6.42 -10.08
CA ASP A 54 2.80 -5.22 -10.87
C ASP A 54 1.73 -4.12 -10.71
N ARG A 55 0.45 -4.54 -10.70
CA ARG A 55 -0.69 -3.63 -10.55
C ARG A 55 -0.81 -3.15 -9.08
N LEU A 56 -0.44 -4.03 -8.14
CA LEU A 56 -0.39 -3.71 -6.69
C LEU A 56 0.75 -2.71 -6.38
N LYS A 57 1.80 -2.72 -7.24
CA LYS A 57 2.89 -1.73 -7.18
C LYS A 57 2.28 -0.33 -7.46
N ALA A 58 1.43 -0.27 -8.51
CA ALA A 58 0.72 0.96 -8.90
C ALA A 58 -0.32 1.38 -7.84
N ALA A 59 -0.86 0.36 -7.12
CA ALA A 59 -1.83 0.57 -6.02
C ALA A 59 -1.13 1.05 -4.72
N GLY A 60 0.20 0.87 -4.66
CA GLY A 60 1.03 1.44 -3.58
C GLY A 60 1.14 0.54 -2.34
N PHE A 61 1.22 -0.77 -2.57
CA PHE A 61 1.50 -1.76 -1.50
C PHE A 61 3.00 -1.78 -1.18
N THR A 62 3.35 -2.28 0.02
CA THR A 62 4.70 -2.13 0.59
C THR A 62 5.77 -2.80 -0.30
N VAL A 63 5.73 -4.13 -0.37
CA VAL A 63 6.58 -4.91 -1.28
C VAL A 63 5.67 -5.64 -2.26
N THR A 64 6.07 -5.66 -3.54
CA THR A 64 5.41 -6.42 -4.60
C THR A 64 6.49 -7.11 -5.43
N ASP A 65 6.74 -8.37 -5.11
CA ASP A 65 7.80 -9.16 -5.74
C ASP A 65 7.17 -10.11 -6.75
N VAL A 66 7.90 -10.36 -7.85
CA VAL A 66 7.47 -11.25 -8.94
C VAL A 66 8.64 -12.18 -9.31
N GLY A 67 8.36 -13.49 -9.49
CA GLY A 67 9.37 -14.43 -9.95
C GLY A 67 8.79 -15.79 -10.25
N ASN A 68 9.69 -16.79 -10.35
CA ASN A 68 9.32 -18.20 -10.56
C ASN A 68 10.36 -19.06 -9.83
N LEU A 69 9.90 -19.85 -8.83
CA LEU A 69 10.79 -20.64 -7.96
C LEU A 69 10.21 -22.05 -7.83
N SER A 70 11.11 -23.04 -7.78
CA SER A 70 10.70 -24.44 -7.62
C SER A 70 10.58 -24.76 -6.11
N LEU A 71 9.33 -24.71 -5.61
CA LEU A 71 8.97 -25.08 -4.24
C LEU A 71 8.18 -26.41 -4.29
N PRO A 72 8.75 -27.55 -3.78
CA PRO A 72 8.04 -28.85 -3.75
C PRO A 72 6.88 -28.90 -2.71
N ASP A 73 6.83 -27.89 -1.81
CA ASP A 73 5.79 -27.81 -0.75
C ASP A 73 4.44 -27.33 -1.32
N VAL A 74 4.45 -26.64 -2.48
CA VAL A 74 3.22 -26.23 -3.19
C VAL A 74 3.29 -26.68 -4.66
N ALA A 75 2.13 -27.12 -5.21
CA ALA A 75 2.02 -27.65 -6.58
C ALA A 75 0.67 -27.25 -7.19
N ALA A 76 0.07 -26.17 -6.65
CA ALA A 76 -1.28 -25.72 -7.01
C ALA A 76 -1.35 -24.19 -6.96
N THR A 77 -2.20 -23.59 -7.81
CA THR A 77 -2.40 -22.14 -7.83
C THR A 77 -3.30 -21.71 -6.64
N THR A 78 -2.66 -21.14 -5.61
CA THR A 78 -3.32 -20.75 -4.36
C THR A 78 -2.57 -19.57 -3.73
N VAL A 79 -3.34 -18.62 -3.17
CA VAL A 79 -2.81 -17.45 -2.46
C VAL A 79 -2.80 -17.74 -0.96
N TYR A 80 -1.60 -17.81 -0.37
CA TYR A 80 -1.39 -18.06 1.06
C TYR A 80 -1.11 -16.73 1.75
N TYR A 81 -1.78 -16.46 2.87
CA TYR A 81 -1.66 -15.20 3.60
C TYR A 81 -1.57 -15.41 5.11
N THR A 82 -1.17 -14.36 5.82
CA THR A 82 -1.38 -14.21 7.26
C THR A 82 -2.49 -13.14 7.46
N GLU A 83 -3.28 -13.27 8.52
CA GLU A 83 -4.39 -12.33 8.84
C GLU A 83 -3.95 -11.27 9.86
N VAL A 84 -2.65 -11.23 10.15
CA VAL A 84 -2.06 -10.20 11.02
C VAL A 84 -2.11 -8.84 10.28
N GLU A 85 -2.35 -7.78 11.06
CA GLU A 85 -2.29 -6.37 10.59
C GLU A 85 -3.33 -6.10 9.48
N GLY A 86 -2.98 -6.42 8.22
CA GLY A 86 -3.87 -6.23 7.08
C GLY A 86 -3.36 -6.94 5.84
N GLU A 87 -2.78 -8.15 6.02
CA GLU A 87 -2.14 -8.91 4.92
C GLU A 87 -3.18 -9.71 4.12
N ARG A 88 -4.21 -10.26 4.80
CA ARG A 88 -5.27 -11.04 4.10
C ARG A 88 -6.02 -10.17 3.08
N ALA A 89 -6.06 -8.84 3.31
CA ALA A 89 -6.75 -7.87 2.44
C ALA A 89 -6.15 -7.81 1.03
N THR A 90 -4.80 -7.83 0.94
CA THR A 90 -4.08 -7.73 -0.35
C THR A 90 -4.03 -9.11 -1.04
N ALA A 91 -4.15 -10.17 -0.22
CA ALA A 91 -4.23 -11.57 -0.70
C ALA A 91 -5.62 -11.89 -1.26
N ASP A 92 -6.62 -11.21 -0.68
CA ASP A 92 -8.04 -11.29 -1.09
C ASP A 92 -8.21 -10.67 -2.49
N ALA A 93 -7.59 -9.50 -2.64
CA ALA A 93 -7.60 -8.74 -3.91
C ALA A 93 -7.08 -9.60 -5.08
N VAL A 94 -5.86 -10.12 -4.93
CA VAL A 94 -5.18 -10.92 -5.96
C VAL A 94 -5.81 -12.30 -6.11
N GLY A 95 -6.24 -12.89 -4.98
CA GLY A 95 -6.93 -14.19 -4.98
C GLY A 95 -8.13 -14.22 -5.91
N ARG A 96 -8.81 -13.06 -5.96
CA ARG A 96 -10.01 -12.88 -6.80
C ARG A 96 -9.61 -12.47 -8.23
N THR A 97 -8.49 -11.71 -8.37
CA THR A 97 -7.99 -11.22 -9.68
C THR A 97 -7.54 -12.41 -10.55
N LEU A 98 -6.86 -13.36 -9.89
CA LEU A 98 -6.34 -14.58 -10.52
C LEU A 98 -7.46 -15.65 -10.60
N GLY A 99 -8.40 -15.57 -9.63
CA GLY A 99 -9.54 -16.51 -9.56
C GLY A 99 -9.14 -17.87 -9.01
N ALA A 100 -8.01 -17.91 -8.28
CA ALA A 100 -7.44 -19.13 -7.69
C ALA A 100 -8.03 -19.37 -6.30
N ALA A 101 -7.49 -20.37 -5.57
CA ALA A 101 -7.88 -20.67 -4.19
C ALA A 101 -7.19 -19.68 -3.22
N VAL A 102 -7.72 -19.56 -2.00
CA VAL A 102 -7.14 -18.73 -0.92
C VAL A 102 -7.03 -19.57 0.37
N GLU A 103 -5.81 -19.66 0.93
CA GLU A 103 -5.51 -20.42 2.15
C GLU A 103 -4.75 -19.55 3.17
N LEU A 104 -4.83 -19.99 4.43
CA LEU A 104 -4.37 -19.23 5.60
C LEU A 104 -2.83 -19.42 5.79
N ARG A 105 -2.34 -19.08 7.00
CA ARG A 105 -0.88 -19.02 7.35
C ARG A 105 -0.24 -20.44 7.54
N LEU A 106 -0.77 -21.43 6.82
CA LEU A 106 -0.38 -22.87 6.91
C LEU A 106 1.17 -23.10 6.91
N PRO A 107 1.67 -24.21 7.54
CA PRO A 107 3.12 -24.52 7.71
C PRO A 107 4.00 -24.45 6.43
N GLU A 108 3.38 -24.36 5.23
CA GLU A 108 4.11 -24.14 3.96
C GLU A 108 4.87 -22.79 4.00
N LEU A 109 4.26 -21.81 4.71
CA LEU A 109 4.81 -20.44 4.89
C LEU A 109 5.96 -20.39 5.93
N SER A 110 6.40 -21.55 6.46
CA SER A 110 7.63 -21.62 7.28
C SER A 110 8.85 -21.67 6.36
N ASP A 111 8.70 -22.47 5.27
CA ASP A 111 9.75 -22.68 4.26
C ASP A 111 9.75 -21.52 3.25
N GLN A 112 8.55 -21.01 2.97
CA GLN A 112 8.35 -19.85 2.09
C GLN A 112 8.49 -18.55 2.91
N PRO A 113 9.02 -17.42 2.32
CA PRO A 113 9.23 -16.16 3.06
C PRO A 113 7.87 -15.55 3.53
N PRO A 114 7.70 -15.30 4.88
CA PRO A 114 6.39 -14.89 5.47
C PRO A 114 5.83 -13.57 4.90
N GLY A 115 4.53 -13.58 4.57
CA GLY A 115 3.82 -12.42 4.05
C GLY A 115 2.56 -12.86 3.32
N VAL A 116 2.39 -12.37 2.08
CA VAL A 116 1.33 -12.83 1.17
C VAL A 116 1.98 -13.42 -0.08
N ILE A 117 1.96 -14.75 -0.17
CA ILE A 117 2.61 -15.51 -1.24
C ILE A 117 1.49 -16.02 -2.17
N VAL A 118 1.40 -15.42 -3.35
CA VAL A 118 0.49 -15.84 -4.40
C VAL A 118 1.22 -16.88 -5.25
N VAL A 119 0.82 -18.15 -5.10
CA VAL A 119 1.39 -19.26 -5.84
C VAL A 119 0.55 -19.49 -7.09
N VAL A 120 1.23 -19.59 -8.24
CA VAL A 120 0.59 -19.86 -9.53
C VAL A 120 1.22 -21.10 -10.15
N THR A 121 0.37 -22.06 -10.58
CA THR A 121 0.81 -23.22 -11.35
C THR A 121 1.05 -22.77 -12.80
N GLY A 122 2.06 -23.33 -13.45
CA GLY A 122 2.54 -22.80 -14.72
C GLY A 122 3.46 -21.60 -14.48
N GLY A 1 -7.33 96.09 31.50
CA GLY A 1 -7.71 96.18 30.08
C GLY A 1 -7.35 94.92 29.30
N SER A 2 -6.76 95.10 28.11
CA SER A 2 -6.39 94.01 27.21
C SER A 2 -5.02 93.43 27.59
N SER A 3 -5.03 92.28 28.25
CA SER A 3 -3.83 91.47 28.50
C SER A 3 -3.42 90.75 27.19
N PRO A 4 -2.17 90.97 26.65
CA PRO A 4 -1.70 90.32 25.39
C PRO A 4 -1.42 88.81 25.57
N ASN A 5 -0.88 88.15 24.52
CA ASN A 5 -0.66 86.69 24.50
C ASN A 5 0.38 86.33 23.42
N SER A 6 0.76 85.03 23.35
CA SER A 6 1.63 84.49 22.28
C SER A 6 0.99 84.67 20.90
N GLU A 7 1.81 84.58 19.85
CA GLU A 7 1.44 84.87 18.45
C GLU A 7 0.34 83.89 17.96
N ASP A 8 0.72 82.61 17.71
CA ASP A 8 -0.25 81.56 17.30
C ASP A 8 -0.04 80.29 18.14
N ASP A 9 1.03 79.54 17.79
CA ASP A 9 1.35 78.20 18.35
C ASP A 9 2.57 77.63 17.61
N SER A 10 3.43 76.90 18.34
CA SER A 10 4.57 76.19 17.75
C SER A 10 4.12 74.78 17.32
N SER A 11 4.00 74.57 16.00
CA SER A 11 3.58 73.28 15.41
C SER A 11 4.74 72.25 15.43
N ALA A 12 4.44 71.00 15.03
CA ALA A 12 5.41 69.90 14.99
C ALA A 12 5.12 68.97 13.80
N ILE A 13 6.15 68.22 13.36
CA ILE A 13 6.04 67.27 12.23
C ILE A 13 5.95 65.81 12.73
N SER A 14 5.92 64.84 11.81
CA SER A 14 5.80 63.40 12.12
C SER A 14 6.53 62.55 11.06
N THR A 15 6.62 61.22 11.30
CA THR A 15 7.37 60.30 10.41
C THR A 15 6.66 58.93 10.30
N MET A 16 6.77 58.31 9.10
CA MET A 16 6.19 56.98 8.81
C MET A 16 7.31 56.01 8.38
N THR A 17 7.27 54.78 8.94
CA THR A 17 8.24 53.71 8.64
C THR A 17 7.51 52.35 8.68
N THR A 18 7.66 51.53 7.62
CA THR A 18 6.99 50.22 7.49
C THR A 18 7.99 49.05 7.61
N THR A 19 7.46 47.84 7.88
CA THR A 19 8.26 46.61 8.02
C THR A 19 7.84 45.60 6.93
N THR A 20 8.83 44.93 6.30
CA THR A 20 8.60 43.91 5.26
C THR A 20 8.19 42.55 5.91
N ALA A 21 7.52 41.69 5.14
CA ALA A 21 7.15 40.32 5.54
C ALA A 21 7.52 39.33 4.42
N ALA A 22 7.43 38.03 4.72
CA ALA A 22 7.84 36.94 3.79
C ALA A 22 6.66 36.01 3.48
N PRO A 23 6.58 35.44 2.23
CA PRO A 23 5.55 34.42 1.90
C PRO A 23 5.94 33.03 2.43
N THR A 24 5.04 32.04 2.23
CA THR A 24 5.28 30.65 2.61
C THR A 24 5.39 29.75 1.36
N SER A 25 5.52 28.44 1.57
CA SER A 25 5.61 27.45 0.48
C SER A 25 5.01 26.12 0.98
N THR A 26 4.20 25.47 0.14
CA THR A 26 3.59 24.17 0.47
C THR A 26 4.15 23.09 -0.46
N SER A 27 4.44 21.89 0.09
CA SER A 27 5.00 20.77 -0.67
C SER A 27 4.51 19.44 -0.07
N VAL A 28 3.83 18.61 -0.89
CA VAL A 28 3.33 17.27 -0.47
C VAL A 28 4.22 16.16 -1.05
N LYS A 29 4.40 15.09 -0.28
CA LYS A 29 5.29 13.94 -0.62
C LYS A 29 4.43 12.72 -1.03
N PRO A 30 4.99 11.73 -1.82
CA PRO A 30 4.32 10.43 -2.12
C PRO A 30 3.89 9.66 -0.85
N ALA A 31 2.81 8.88 -0.96
CA ALA A 31 2.21 8.15 0.18
C ALA A 31 3.11 7.00 0.67
N ALA A 32 2.86 6.58 1.92
CA ALA A 32 3.68 5.57 2.63
C ALA A 32 3.48 4.15 2.05
N PRO A 33 4.49 3.23 2.18
CA PRO A 33 4.35 1.79 1.78
C PRO A 33 3.25 1.08 2.62
N ARG A 34 2.71 -0.06 2.11
CA ARG A 34 1.56 -0.72 2.76
C ARG A 34 1.89 -2.17 3.22
N ALA A 35 1.83 -3.16 2.29
CA ALA A 35 1.98 -4.60 2.65
C ALA A 35 3.02 -5.31 1.77
N GLU A 36 3.61 -6.40 2.33
CA GLU A 36 4.53 -7.30 1.61
C GLU A 36 3.73 -8.23 0.68
N VAL A 37 3.92 -8.09 -0.64
CA VAL A 37 3.25 -8.96 -1.64
C VAL A 37 4.31 -9.61 -2.58
N ARG A 38 4.14 -10.92 -2.88
CA ARG A 38 4.93 -11.64 -3.89
C ARG A 38 4.11 -12.80 -4.51
N VAL A 39 4.41 -13.10 -5.79
CA VAL A 39 3.69 -14.09 -6.60
C VAL A 39 4.68 -15.17 -7.09
N TYR A 40 4.53 -16.41 -6.61
CA TYR A 40 5.40 -17.53 -7.03
C TYR A 40 4.66 -18.43 -8.02
N ASN A 41 5.07 -18.36 -9.29
CA ASN A 41 4.49 -19.15 -10.38
C ASN A 41 5.33 -20.43 -10.56
N ILE A 42 4.71 -21.60 -10.40
CA ILE A 42 5.42 -22.90 -10.55
C ILE A 42 5.08 -23.54 -11.91
N SER A 43 3.79 -23.49 -12.29
CA SER A 43 3.31 -23.99 -13.59
C SER A 43 2.32 -22.98 -14.17
N GLY A 44 2.12 -23.03 -15.49
CA GLY A 44 1.35 -22.01 -16.20
C GLY A 44 2.15 -20.72 -16.32
N THR A 45 3.32 -20.84 -16.96
CA THR A 45 4.29 -19.74 -17.08
C THR A 45 3.73 -18.59 -17.96
N GLU A 46 3.25 -17.52 -17.30
CA GLU A 46 2.72 -16.33 -17.99
C GLU A 46 3.00 -15.07 -17.14
N GLY A 47 3.06 -13.90 -17.83
CA GLY A 47 3.22 -12.60 -17.19
C GLY A 47 2.00 -12.15 -16.38
N ALA A 48 0.91 -12.96 -16.39
CA ALA A 48 -0.27 -12.78 -15.53
C ALA A 48 0.12 -12.77 -14.04
N ALA A 49 1.12 -13.61 -13.69
CA ALA A 49 1.70 -13.66 -12.35
C ALA A 49 2.31 -12.30 -11.94
N ALA A 50 3.03 -11.68 -12.90
CA ALA A 50 3.62 -10.35 -12.72
C ALA A 50 2.53 -9.26 -12.71
N ARG A 51 1.48 -9.47 -13.52
CA ARG A 51 0.37 -8.52 -13.73
C ARG A 51 -0.47 -8.34 -12.45
N THR A 52 -0.56 -9.40 -11.64
CA THR A 52 -1.27 -9.36 -10.35
C THR A 52 -0.44 -8.64 -9.27
N ALA A 53 0.88 -8.58 -9.46
CA ALA A 53 1.82 -7.88 -8.56
C ALA A 53 1.85 -6.38 -8.85
N ASP A 54 2.15 -6.02 -10.13
CA ASP A 54 2.36 -4.62 -10.58
C ASP A 54 1.19 -3.69 -10.24
N ARG A 55 -0.04 -4.26 -10.21
CA ARG A 55 -1.26 -3.51 -9.89
C ARG A 55 -1.20 -2.89 -8.48
N LEU A 56 -0.64 -3.64 -7.52
CA LEU A 56 -0.61 -3.26 -6.11
C LEU A 56 0.49 -2.22 -5.82
N LYS A 57 1.68 -2.34 -6.45
CA LYS A 57 2.74 -1.30 -6.31
C LYS A 57 2.27 0.04 -6.90
N ALA A 58 1.43 -0.04 -7.95
CA ALA A 58 0.78 1.11 -8.58
C ALA A 58 -0.25 1.75 -7.61
N ALA A 59 -0.81 0.91 -6.73
CA ALA A 59 -1.77 1.35 -5.69
C ALA A 59 -1.06 1.94 -4.45
N GLY A 60 0.23 1.59 -4.26
CA GLY A 60 1.05 2.14 -3.15
C GLY A 60 1.40 1.11 -2.08
N PHE A 61 1.44 -0.18 -2.45
CA PHE A 61 1.91 -1.28 -1.58
C PHE A 61 3.43 -1.33 -1.54
N THR A 62 4.00 -1.95 -0.48
CA THR A 62 5.42 -1.82 -0.13
C THR A 62 6.31 -2.44 -1.21
N VAL A 63 6.27 -3.78 -1.31
CA VAL A 63 6.93 -4.54 -2.37
C VAL A 63 5.92 -5.48 -3.01
N THR A 64 6.06 -5.67 -4.32
CA THR A 64 5.24 -6.61 -5.10
C THR A 64 6.17 -7.35 -6.06
N ASP A 65 6.53 -8.58 -5.68
CA ASP A 65 7.55 -9.39 -6.38
C ASP A 65 6.87 -10.50 -7.20
N VAL A 66 7.62 -11.07 -8.15
CA VAL A 66 7.19 -12.25 -8.93
C VAL A 66 8.42 -13.15 -9.19
N GLY A 67 8.23 -14.48 -9.13
CA GLY A 67 9.31 -15.44 -9.34
C GLY A 67 8.79 -16.79 -9.80
N ASN A 68 9.36 -17.31 -10.90
CA ASN A 68 8.98 -18.62 -11.46
C ASN A 68 9.85 -19.74 -10.80
N LEU A 69 9.29 -20.41 -9.79
CA LEU A 69 10.06 -21.33 -8.93
C LEU A 69 9.13 -22.38 -8.30
N SER A 70 9.57 -23.65 -8.32
CA SER A 70 8.87 -24.74 -7.66
C SER A 70 9.20 -24.75 -6.17
N LEU A 71 8.29 -24.19 -5.35
CA LEU A 71 8.44 -24.17 -3.89
C LEU A 71 8.17 -25.58 -3.33
N PRO A 72 8.78 -25.97 -2.16
CA PRO A 72 8.64 -27.35 -1.61
C PRO A 72 7.27 -27.58 -0.95
N ASP A 73 6.47 -26.51 -0.82
CA ASP A 73 5.21 -26.52 -0.07
C ASP A 73 3.98 -26.42 -0.98
N VAL A 74 4.15 -25.88 -2.22
CA VAL A 74 3.02 -25.71 -3.17
C VAL A 74 2.58 -27.07 -3.75
N ALA A 75 1.26 -27.31 -3.70
CA ALA A 75 0.61 -28.53 -4.23
C ALA A 75 -0.59 -28.18 -5.13
N ALA A 76 -0.96 -26.89 -5.16
CA ALA A 76 -2.14 -26.37 -5.90
C ALA A 76 -2.10 -24.83 -5.90
N THR A 77 -2.82 -24.20 -6.86
CA THR A 77 -2.91 -22.72 -6.93
C THR A 77 -3.71 -22.19 -5.70
N THR A 78 -2.98 -21.56 -4.78
CA THR A 78 -3.53 -21.08 -3.50
C THR A 78 -2.84 -19.77 -3.09
N VAL A 79 -3.54 -18.94 -2.32
CA VAL A 79 -3.05 -17.62 -1.90
C VAL A 79 -2.82 -17.66 -0.40
N TYR A 80 -1.57 -17.54 0.06
CA TYR A 80 -1.23 -17.69 1.49
C TYR A 80 -0.94 -16.34 2.12
N TYR A 81 -1.75 -15.98 3.14
CA TYR A 81 -1.57 -14.74 3.92
C TYR A 81 -1.15 -15.08 5.37
N THR A 82 -0.23 -14.26 5.91
CA THR A 82 0.38 -14.48 7.24
C THR A 82 -0.04 -13.37 8.23
N GLU A 83 -0.09 -12.09 7.77
CA GLU A 83 -0.41 -10.91 8.63
C GLU A 83 -1.95 -10.63 8.67
N VAL A 84 -2.72 -11.72 8.68
CA VAL A 84 -4.22 -11.75 8.60
C VAL A 84 -4.93 -10.73 9.54
N GLU A 85 -6.23 -10.50 9.23
CA GLU A 85 -7.06 -9.35 9.70
C GLU A 85 -6.86 -8.18 8.73
N GLY A 86 -5.59 -7.77 8.53
CA GLY A 86 -5.23 -6.72 7.58
C GLY A 86 -4.82 -7.28 6.23
N GLU A 87 -3.89 -8.25 6.24
CA GLU A 87 -3.22 -8.71 5.00
C GLU A 87 -4.11 -9.66 4.21
N ARG A 88 -5.10 -10.25 4.91
CA ARG A 88 -6.09 -11.15 4.31
C ARG A 88 -6.84 -10.45 3.15
N ALA A 89 -6.94 -9.10 3.25
CA ALA A 89 -7.60 -8.26 2.23
C ALA A 89 -6.78 -8.16 0.93
N THR A 90 -5.46 -7.90 1.07
CA THR A 90 -4.59 -7.59 -0.07
C THR A 90 -4.18 -8.88 -0.80
N ALA A 91 -4.02 -9.96 -0.03
CA ALA A 91 -3.76 -11.29 -0.57
C ALA A 91 -4.95 -11.78 -1.41
N ASP A 92 -6.16 -11.63 -0.82
CA ASP A 92 -7.43 -12.02 -1.48
C ASP A 92 -7.60 -11.28 -2.80
N ALA A 93 -7.23 -9.98 -2.81
CA ALA A 93 -7.32 -9.13 -4.01
C ALA A 93 -6.48 -9.70 -5.18
N VAL A 94 -5.23 -10.12 -4.88
CA VAL A 94 -4.30 -10.67 -5.89
C VAL A 94 -4.83 -11.99 -6.45
N GLY A 95 -5.15 -12.92 -5.54
CA GLY A 95 -5.62 -14.24 -5.89
C GLY A 95 -6.96 -14.22 -6.61
N ARG A 96 -7.75 -13.18 -6.33
CA ARG A 96 -9.07 -12.96 -6.96
C ARG A 96 -8.88 -12.70 -8.47
N THR A 97 -7.82 -11.94 -8.79
CA THR A 97 -7.49 -11.53 -10.15
C THR A 97 -7.08 -12.74 -11.02
N LEU A 98 -6.12 -13.53 -10.51
CA LEU A 98 -5.56 -14.69 -11.24
C LEU A 98 -6.45 -15.95 -11.09
N GLY A 99 -7.39 -15.92 -10.13
CA GLY A 99 -8.33 -17.02 -9.91
C GLY A 99 -7.73 -18.17 -9.09
N ALA A 100 -7.55 -17.95 -7.79
CA ALA A 100 -7.13 -18.99 -6.83
C ALA A 100 -7.84 -18.77 -5.48
N ALA A 101 -7.98 -19.86 -4.72
CA ALA A 101 -8.60 -19.85 -3.39
C ALA A 101 -7.59 -19.39 -2.34
N VAL A 102 -8.07 -18.61 -1.35
CA VAL A 102 -7.21 -18.02 -0.29
C VAL A 102 -7.20 -18.91 0.96
N GLU A 103 -6.06 -18.91 1.68
CA GLU A 103 -5.83 -19.74 2.86
C GLU A 103 -4.73 -19.13 3.76
N LEU A 104 -4.78 -19.50 5.05
CA LEU A 104 -3.78 -19.13 6.06
C LEU A 104 -2.41 -19.79 5.75
N ARG A 105 -1.37 -19.23 6.36
CA ARG A 105 0.07 -19.54 6.15
C ARG A 105 0.56 -20.94 6.66
N LEU A 106 -0.31 -21.99 6.69
CA LEU A 106 0.08 -23.34 7.18
C LEU A 106 1.35 -23.91 6.43
N PRO A 107 1.38 -23.98 5.05
CA PRO A 107 2.57 -24.49 4.30
C PRO A 107 3.68 -23.42 4.16
N GLU A 108 3.34 -22.14 4.44
CA GLU A 108 4.30 -21.01 4.43
C GLU A 108 5.42 -21.28 5.42
N LEU A 109 5.06 -21.81 6.62
CA LEU A 109 5.99 -21.97 7.75
C LEU A 109 7.15 -22.97 7.44
N SER A 110 7.01 -23.73 6.35
CA SER A 110 8.05 -24.65 5.85
C SER A 110 9.33 -23.87 5.43
N ASP A 111 9.13 -22.79 4.65
CA ASP A 111 10.23 -21.98 4.04
C ASP A 111 10.36 -20.61 4.75
N GLN A 112 9.21 -20.11 5.20
CA GLN A 112 9.01 -18.78 5.81
C GLN A 112 9.45 -17.62 4.86
N PRO A 113 8.68 -17.33 3.76
CA PRO A 113 8.77 -16.06 3.02
C PRO A 113 7.79 -15.00 3.61
N PRO A 114 8.21 -13.68 3.70
CA PRO A 114 7.39 -12.62 4.34
C PRO A 114 6.16 -12.16 3.51
N GLY A 115 4.98 -12.16 4.15
CA GLY A 115 3.78 -11.53 3.61
C GLY A 115 3.00 -12.41 2.66
N VAL A 116 2.22 -11.76 1.78
CA VAL A 116 1.43 -12.42 0.73
C VAL A 116 2.33 -13.25 -0.18
N ILE A 117 2.21 -14.57 -0.11
CA ILE A 117 2.83 -15.46 -1.08
C ILE A 117 1.71 -16.21 -1.81
N VAL A 118 1.43 -15.82 -3.05
CA VAL A 118 0.40 -16.46 -3.86
C VAL A 118 1.06 -17.40 -4.88
N VAL A 119 0.86 -18.69 -4.66
CA VAL A 119 1.45 -19.74 -5.49
C VAL A 119 0.46 -20.13 -6.61
N VAL A 120 0.91 -20.02 -7.88
CA VAL A 120 0.07 -20.18 -9.07
C VAL A 120 0.45 -21.48 -9.81
N THR A 121 -0.57 -22.31 -10.08
CA THR A 121 -0.45 -23.54 -10.87
C THR A 121 -1.45 -23.44 -12.03
N GLY A 122 -0.95 -23.47 -13.27
CA GLY A 122 -1.79 -23.27 -14.47
C GLY A 122 -2.38 -21.85 -14.54
N GLY A 1 -14.68 24.03 -83.17
CA GLY A 1 -13.65 24.87 -82.52
C GLY A 1 -12.92 24.13 -81.40
N SER A 2 -12.57 24.86 -80.32
CA SER A 2 -11.86 24.31 -79.16
C SER A 2 -12.44 24.92 -77.87
N SER A 3 -12.38 26.28 -77.79
CA SER A 3 -12.79 27.06 -76.59
C SER A 3 -12.07 26.56 -75.31
N PRO A 4 -10.75 26.92 -75.12
CA PRO A 4 -9.95 26.42 -73.98
C PRO A 4 -10.44 26.97 -72.61
N ASN A 5 -11.03 26.06 -71.80
CA ASN A 5 -11.52 26.39 -70.45
C ASN A 5 -10.34 26.76 -69.54
N SER A 6 -10.33 28.02 -69.05
CA SER A 6 -9.34 28.49 -68.08
C SER A 6 -9.59 27.83 -66.70
N GLU A 7 -8.89 26.69 -66.49
CA GLU A 7 -8.99 25.89 -65.25
C GLU A 7 -7.92 26.32 -64.22
N ASP A 8 -7.21 27.44 -64.50
CA ASP A 8 -6.08 27.90 -63.66
C ASP A 8 -6.56 28.26 -62.24
N ASP A 9 -7.36 29.35 -62.13
CA ASP A 9 -7.99 29.82 -60.87
C ASP A 9 -6.95 30.29 -59.82
N SER A 10 -6.98 31.59 -59.52
CA SER A 10 -6.14 32.20 -58.49
C SER A 10 -6.85 32.10 -57.12
N SER A 11 -6.13 31.55 -56.13
CA SER A 11 -6.59 31.41 -54.75
C SER A 11 -5.37 31.38 -53.81
N ALA A 12 -5.35 32.29 -52.83
CA ALA A 12 -4.25 32.40 -51.84
C ALA A 12 -4.81 32.98 -50.53
N ILE A 13 -4.61 32.26 -49.41
CA ILE A 13 -5.00 32.69 -48.06
C ILE A 13 -4.17 31.94 -47.01
N SER A 14 -3.69 32.67 -46.00
CA SER A 14 -2.84 32.15 -44.94
C SER A 14 -3.08 32.97 -43.65
N THR A 15 -4.06 32.52 -42.84
CA THR A 15 -4.40 33.15 -41.56
C THR A 15 -3.74 32.36 -40.41
N MET A 16 -3.06 33.07 -39.50
CA MET A 16 -2.29 32.44 -38.41
C MET A 16 -2.61 33.08 -37.05
N THR A 17 -2.38 32.28 -35.99
CA THR A 17 -2.54 32.69 -34.59
C THR A 17 -1.61 31.81 -33.72
N THR A 18 -1.28 32.28 -32.52
CA THR A 18 -0.31 31.62 -31.62
C THR A 18 -0.82 31.69 -30.16
N THR A 19 -2.13 31.43 -30.00
CA THR A 19 -2.78 31.29 -28.68
C THR A 19 -2.46 29.88 -28.12
N THR A 20 -1.48 29.81 -27.22
CA THR A 20 -0.98 28.54 -26.67
C THR A 20 -0.87 28.63 -25.12
N ALA A 21 -1.79 29.43 -24.53
CA ALA A 21 -1.86 29.64 -23.08
C ALA A 21 -2.54 28.46 -22.38
N ALA A 22 -1.94 27.99 -21.27
CA ALA A 22 -2.46 26.89 -20.47
C ALA A 22 -2.13 27.13 -18.97
N PRO A 23 -3.14 27.40 -18.09
CA PRO A 23 -2.92 27.48 -16.63
C PRO A 23 -2.68 26.08 -16.02
N THR A 24 -2.04 26.04 -14.84
CA THR A 24 -1.68 24.78 -14.16
C THR A 24 -1.44 25.04 -12.66
N SER A 25 -1.37 23.94 -11.88
CA SER A 25 -1.22 23.98 -10.42
C SER A 25 -0.33 22.83 -9.95
N THR A 26 0.25 22.97 -8.74
CA THR A 26 1.04 21.91 -8.08
C THR A 26 0.51 21.66 -6.66
N SER A 27 0.47 20.38 -6.25
CA SER A 27 -0.04 19.95 -4.92
C SER A 27 0.30 18.46 -4.70
N VAL A 28 0.76 18.13 -3.47
CA VAL A 28 1.12 16.74 -3.09
C VAL A 28 0.00 16.09 -2.23
N LYS A 29 -0.47 14.92 -2.68
CA LYS A 29 -1.45 14.10 -1.94
C LYS A 29 -0.74 12.83 -1.43
N PRO A 30 -0.53 12.68 -0.07
CA PRO A 30 0.23 11.55 0.53
C PRO A 30 -0.39 10.17 0.23
N ALA A 31 0.46 9.22 -0.19
CA ALA A 31 0.09 7.81 -0.38
C ALA A 31 0.24 7.05 0.96
N ALA A 32 -0.09 5.74 0.94
CA ALA A 32 0.00 4.87 2.12
C ALA A 32 0.31 3.41 1.68
N PRO A 33 1.62 3.01 1.67
CA PRO A 33 2.04 1.59 1.40
C PRO A 33 1.44 0.59 2.43
N ARG A 34 1.04 -0.60 1.94
CA ARG A 34 0.33 -1.62 2.76
C ARG A 34 1.29 -2.72 3.27
N ALA A 35 1.70 -3.64 2.37
CA ALA A 35 2.48 -4.84 2.75
C ALA A 35 3.36 -5.31 1.57
N GLU A 36 4.28 -6.23 1.88
CA GLU A 36 5.22 -6.81 0.91
C GLU A 36 4.62 -8.11 0.35
N VAL A 37 4.28 -8.09 -0.96
CA VAL A 37 3.70 -9.24 -1.66
C VAL A 37 4.65 -9.71 -2.77
N ARG A 38 4.81 -11.02 -2.94
CA ARG A 38 5.66 -11.59 -3.98
C ARG A 38 4.90 -12.69 -4.73
N VAL A 39 4.70 -12.50 -6.03
CA VAL A 39 4.01 -13.48 -6.88
C VAL A 39 5.04 -14.31 -7.65
N TYR A 40 5.24 -15.58 -7.26
CA TYR A 40 6.12 -16.48 -7.98
C TYR A 40 5.31 -17.66 -8.53
N ASN A 41 5.79 -18.23 -9.62
CA ASN A 41 5.19 -19.42 -10.22
C ASN A 41 5.91 -20.66 -9.68
N ILE A 42 5.14 -21.70 -9.29
CA ILE A 42 5.71 -23.01 -8.91
C ILE A 42 6.09 -23.80 -10.18
N SER A 43 5.27 -23.72 -11.24
CA SER A 43 5.48 -24.51 -12.47
C SER A 43 5.11 -23.70 -13.72
N GLY A 44 3.84 -23.26 -13.82
CA GLY A 44 3.37 -22.48 -14.96
C GLY A 44 3.76 -21.03 -14.86
N THR A 45 4.83 -20.64 -15.59
CA THR A 45 5.52 -19.35 -15.45
C THR A 45 4.89 -18.22 -16.31
N GLU A 46 3.54 -18.17 -16.35
CA GLU A 46 2.79 -17.11 -17.07
C GLU A 46 2.99 -15.76 -16.37
N GLY A 47 3.19 -14.69 -17.18
CA GLY A 47 3.30 -13.31 -16.70
C GLY A 47 1.99 -12.75 -16.16
N ALA A 48 0.89 -13.51 -16.36
CA ALA A 48 -0.42 -13.26 -15.75
C ALA A 48 -0.30 -13.20 -14.21
N ALA A 49 0.63 -14.00 -13.68
CA ALA A 49 1.04 -13.98 -12.28
C ALA A 49 1.53 -12.57 -11.88
N ALA A 50 2.54 -12.08 -12.61
CA ALA A 50 3.13 -10.75 -12.39
C ALA A 50 2.11 -9.60 -12.60
N ARG A 51 1.07 -9.87 -13.42
CA ARG A 51 0.03 -8.90 -13.78
C ARG A 51 -0.88 -8.58 -12.56
N THR A 52 -1.05 -9.56 -11.64
CA THR A 52 -1.82 -9.33 -10.40
C THR A 52 -1.05 -8.39 -9.45
N ALA A 53 0.29 -8.54 -9.44
CA ALA A 53 1.21 -7.65 -8.71
C ALA A 53 1.23 -6.23 -9.32
N ASP A 54 0.95 -6.15 -10.65
CA ASP A 54 0.84 -4.87 -11.40
C ASP A 54 -0.44 -4.11 -10.99
N ARG A 55 -1.44 -4.84 -10.49
CA ARG A 55 -2.63 -4.23 -9.86
C ARG A 55 -2.24 -3.61 -8.50
N LEU A 56 -1.40 -4.33 -7.72
CA LEU A 56 -1.00 -3.93 -6.35
C LEU A 56 -0.10 -2.69 -6.32
N LYS A 57 0.71 -2.48 -7.39
CA LYS A 57 1.53 -1.26 -7.50
C LYS A 57 0.66 -0.01 -7.69
N ALA A 58 -0.54 -0.22 -8.28
CA ALA A 58 -1.58 0.82 -8.42
C ALA A 58 -2.49 0.90 -7.16
N ALA A 59 -2.52 -0.19 -6.37
CA ALA A 59 -3.43 -0.32 -5.20
C ALA A 59 -2.80 0.24 -3.90
N GLY A 60 -1.46 0.31 -3.82
CA GLY A 60 -0.77 0.84 -2.64
C GLY A 60 0.15 -0.16 -1.97
N PHE A 61 0.97 -0.85 -2.78
CA PHE A 61 2.00 -1.82 -2.31
C PHE A 61 3.07 -1.14 -1.41
N THR A 62 3.76 -1.93 -0.58
CA THR A 62 5.04 -1.53 0.03
C THR A 62 6.18 -2.02 -0.87
N VAL A 63 6.23 -3.35 -1.05
CA VAL A 63 7.18 -4.02 -1.96
C VAL A 63 6.40 -5.07 -2.75
N THR A 64 6.72 -5.20 -4.04
CA THR A 64 6.17 -6.26 -4.89
C THR A 64 7.35 -6.93 -5.63
N ASP A 65 7.41 -8.26 -5.52
CA ASP A 65 8.45 -9.08 -6.17
C ASP A 65 7.75 -10.11 -7.06
N VAL A 66 8.35 -10.44 -8.21
CA VAL A 66 7.76 -11.39 -9.18
C VAL A 66 8.83 -12.31 -9.77
N GLY A 67 8.47 -13.57 -9.99
CA GLY A 67 9.39 -14.54 -10.60
C GLY A 67 8.81 -15.95 -10.59
N ASN A 68 9.66 -16.95 -10.27
CA ASN A 68 9.28 -18.37 -10.23
C ASN A 68 10.25 -19.18 -9.33
N LEU A 69 9.68 -19.85 -8.31
CA LEU A 69 10.47 -20.61 -7.29
C LEU A 69 9.89 -22.03 -7.17
N SER A 70 10.72 -22.96 -6.70
CA SER A 70 10.33 -24.35 -6.44
C SER A 70 10.21 -24.60 -4.92
N LEU A 71 8.96 -24.60 -4.42
CA LEU A 71 8.62 -25.07 -3.05
C LEU A 71 7.63 -26.27 -3.16
N PRO A 72 8.01 -27.48 -2.64
CA PRO A 72 7.13 -28.69 -2.70
C PRO A 72 5.96 -28.63 -1.69
N ASP A 73 5.90 -27.53 -0.92
CA ASP A 73 4.86 -27.28 0.09
C ASP A 73 3.54 -26.84 -0.57
N VAL A 74 3.66 -26.23 -1.76
CA VAL A 74 2.51 -25.69 -2.51
C VAL A 74 2.51 -26.29 -3.93
N ALA A 75 1.34 -26.77 -4.38
CA ALA A 75 1.17 -27.43 -5.68
C ALA A 75 0.19 -26.64 -6.56
N ALA A 76 -1.01 -26.38 -6.03
CA ALA A 76 -2.10 -25.66 -6.71
C ALA A 76 -1.87 -24.14 -6.65
N THR A 77 -2.53 -23.39 -7.57
CA THR A 77 -2.46 -21.92 -7.57
C THR A 77 -3.09 -21.38 -6.26
N THR A 78 -2.22 -20.94 -5.34
CA THR A 78 -2.61 -20.55 -3.99
C THR A 78 -1.93 -19.25 -3.57
N VAL A 79 -2.73 -18.30 -3.07
CA VAL A 79 -2.26 -17.03 -2.53
C VAL A 79 -2.12 -17.18 -1.01
N TYR A 80 -0.87 -17.12 -0.53
CA TYR A 80 -0.54 -17.32 0.89
C TYR A 80 -0.43 -15.98 1.58
N TYR A 81 -1.02 -15.89 2.77
CA TYR A 81 -0.91 -14.76 3.69
C TYR A 81 -1.06 -15.25 5.13
N THR A 82 -0.99 -14.33 6.07
CA THR A 82 -1.43 -14.52 7.45
C THR A 82 -2.31 -13.31 7.81
N GLU A 83 -3.03 -13.33 8.93
CA GLU A 83 -3.88 -12.18 9.35
C GLU A 83 -3.07 -11.13 10.15
N VAL A 84 -1.72 -11.14 9.99
CA VAL A 84 -0.79 -10.16 10.59
C VAL A 84 -1.15 -8.73 10.10
N GLU A 85 -1.88 -8.01 10.98
CA GLU A 85 -2.38 -6.64 10.76
C GLU A 85 -3.40 -6.58 9.58
N GLY A 86 -2.91 -6.64 8.32
CA GLY A 86 -3.79 -6.55 7.15
C GLY A 86 -3.19 -7.15 5.88
N GLU A 87 -2.47 -8.29 6.01
CA GLU A 87 -1.89 -9.01 4.84
C GLU A 87 -2.99 -9.64 3.99
N ARG A 88 -4.03 -10.13 4.68
CA ARG A 88 -5.15 -10.88 4.08
C ARG A 88 -5.95 -10.03 3.07
N ALA A 89 -6.12 -8.74 3.37
CA ALA A 89 -6.87 -7.80 2.52
C ALA A 89 -6.03 -7.35 1.30
N THR A 90 -4.68 -7.39 1.44
CA THR A 90 -3.74 -7.03 0.38
C THR A 90 -3.60 -8.21 -0.62
N ALA A 91 -3.65 -9.43 -0.06
CA ALA A 91 -3.54 -10.69 -0.81
C ALA A 91 -4.87 -11.07 -1.49
N ASP A 92 -5.99 -10.57 -0.92
CA ASP A 92 -7.35 -10.72 -1.49
C ASP A 92 -7.41 -10.06 -2.88
N ALA A 93 -6.74 -8.90 -3.00
CA ALA A 93 -6.65 -8.12 -4.25
C ALA A 93 -5.95 -8.92 -5.37
N VAL A 94 -5.11 -9.89 -4.97
CA VAL A 94 -4.39 -10.76 -5.92
C VAL A 94 -5.28 -11.95 -6.35
N GLY A 95 -5.65 -12.80 -5.36
CA GLY A 95 -6.26 -14.11 -5.64
C GLY A 95 -7.63 -14.03 -6.27
N ARG A 96 -8.33 -12.93 -5.99
CA ARG A 96 -9.66 -12.66 -6.54
C ARG A 96 -9.54 -12.19 -8.02
N THR A 97 -8.35 -11.65 -8.39
CA THR A 97 -8.01 -11.29 -9.79
C THR A 97 -7.47 -12.51 -10.57
N LEU A 98 -6.66 -13.33 -9.87
CA LEU A 98 -5.92 -14.46 -10.47
C LEU A 98 -6.83 -15.70 -10.63
N GLY A 99 -7.79 -15.86 -9.70
CA GLY A 99 -8.60 -17.08 -9.60
C GLY A 99 -7.83 -18.18 -8.88
N ALA A 100 -7.29 -17.83 -7.71
CA ALA A 100 -6.41 -18.71 -6.93
C ALA A 100 -6.92 -18.86 -5.49
N ALA A 101 -6.77 -20.08 -4.93
CA ALA A 101 -7.21 -20.41 -3.57
C ALA A 101 -6.45 -19.55 -2.55
N VAL A 102 -7.16 -18.67 -1.84
CA VAL A 102 -6.55 -17.73 -0.89
C VAL A 102 -6.45 -18.38 0.52
N GLU A 103 -5.23 -18.84 0.87
CA GLU A 103 -4.97 -19.58 2.13
C GLU A 103 -4.12 -18.76 3.11
N LEU A 104 -4.26 -19.15 4.37
CA LEU A 104 -3.58 -18.56 5.52
C LEU A 104 -2.28 -19.37 5.79
N ARG A 105 -1.65 -19.16 6.97
CA ARG A 105 -0.36 -19.80 7.32
C ARG A 105 -0.53 -21.26 7.84
N LEU A 106 -1.62 -21.96 7.41
CA LEU A 106 -1.84 -23.37 7.79
C LEU A 106 -0.81 -24.31 7.09
N PRO A 107 -0.81 -24.49 5.71
CA PRO A 107 0.07 -25.49 5.06
C PRO A 107 1.49 -24.95 4.78
N GLU A 108 1.63 -23.62 4.70
CA GLU A 108 2.91 -22.98 4.35
C GLU A 108 3.82 -22.84 5.58
N LEU A 109 3.30 -23.12 6.80
CA LEU A 109 4.08 -23.01 8.06
C LEU A 109 5.25 -24.04 8.07
N SER A 110 5.12 -25.10 7.24
CA SER A 110 6.20 -26.07 6.99
C SER A 110 7.48 -25.34 6.48
N ASP A 111 7.30 -24.41 5.53
CA ASP A 111 8.40 -23.57 4.99
C ASP A 111 8.61 -22.31 5.85
N GLN A 112 7.50 -21.82 6.43
CA GLN A 112 7.38 -20.51 7.13
C GLN A 112 7.92 -19.35 6.23
N PRO A 113 7.12 -18.87 5.23
CA PRO A 113 7.46 -17.68 4.42
C PRO A 113 7.03 -16.36 5.13
N PRO A 114 7.96 -15.38 5.33
CA PRO A 114 7.61 -14.04 5.86
C PRO A 114 7.00 -13.15 4.75
N GLY A 115 5.74 -12.73 4.93
CA GLY A 115 5.03 -11.92 3.92
C GLY A 115 4.23 -12.77 2.96
N VAL A 116 3.33 -12.12 2.20
CA VAL A 116 2.42 -12.78 1.25
C VAL A 116 3.19 -13.40 0.07
N ILE A 117 2.98 -14.71 -0.21
CA ILE A 117 3.59 -15.40 -1.37
C ILE A 117 2.46 -15.98 -2.25
N VAL A 118 2.30 -15.41 -3.45
CA VAL A 118 1.29 -15.87 -4.40
C VAL A 118 1.93 -16.87 -5.35
N VAL A 119 1.55 -18.12 -5.19
CA VAL A 119 2.11 -19.25 -5.95
C VAL A 119 1.18 -19.63 -7.11
N VAL A 120 1.69 -19.57 -8.36
CA VAL A 120 0.88 -19.89 -9.56
C VAL A 120 1.35 -21.20 -10.21
N THR A 121 0.42 -22.11 -10.47
CA THR A 121 0.71 -23.42 -11.08
C THR A 121 0.41 -23.40 -12.59
N GLY A 122 0.93 -24.40 -13.28
CA GLY A 122 0.60 -24.68 -14.68
C GLY A 122 -0.49 -25.75 -14.77
#